data_4C56
#
_entry.id   4C56
#
_cell.length_a   66.350
_cell.length_b   217.650
_cell.length_c   101.410
_cell.angle_alpha   90.00
_cell.angle_beta   99.82
_cell.angle_gamma   90.00
#
_symmetry.space_group_name_H-M   'P 1 21 1'
#
loop_
_entity.id
_entity.type
_entity.pdbx_description
1 polymer 'T CELL RECEPTOR ALPHA CHAIN'
2 polymer 'T CELL RECEPTOR BETA CHAIN'
3 polymer 'ENTEROTOXIN B'
4 polymer 'HLA CLASS II HISTOCOMPATIBILITY ANTIGEN, DR ALPHA CHAIN'
5 polymer 'MHC CLASS II ANTIGEN'
6 polymer HEMAGGLUTININ
7 non-polymer GLYCEROL
8 water water
#
loop_
_entity_poly.entity_id
_entity_poly.type
_entity_poly.pdbx_seq_one_letter_code
_entity_poly.pdbx_strand_id
1 'polypeptide(L)'
;MGIQVEQSPPDLILQEGANSTLRCNFSDSVNNLQWFHQNPWGQLINLFYIPSGTKQNGRLSATTVATERYSLLYISSSQT
TDSGVYFCAVDSATSGTYKYIFGTGTRLKVLANIQNPDPAVYQLRDSKSSDKSVCLFTDFDSQTNVSQSKDSDVYITDKC
VLDMRSMDFKSNSAVAWSNKSDFACANAFNNSIIPEDTFFPSPESS
;
A,G
2 'polypeptide(L)'
;MVDGGITQSPKYLFRKEGQNVTLSCEQNLNHDAMYWYRQDPGQGLRLIYYSQIVNDFQKGDIAEGYSVSREKKESFPLTV
TSAQKNPTAFYLCASSSRSSYEQYFGPGTRLTVTEDLKNVFPPEVAVFEPSEAEISHTQKATLVCLATGFYPDHVELSWW
VNGKEVHSGVCTDPQPLKEQPALNDSRYALSSRLRVSATFWQDPRNHFRCQVQFYGLSENDEWTQDRAKPVTQIVSAEAW
GRAD
;
B,H
3 'polypeptide(L)'
;SQPDPKPDELHKSSKFTGLMENMKVLYDDNHVSAINVKSIDQFLYFDLIYSIKDTKLGNYDNVRVEFKNKDLADKYKDKY
VDVFGANYYYQCYFSKKTNDINSHQTDKRKTCMYGGVTEHNGNQLDKYRSITVRVFEDGKNLLSFDVQTNKKKVTAQELD
YLTRHYLVKNKKLYEFNNSPYETGYIKFIENENSFWYDMMPAPGDKFDQSKYLMMYNDNKMVDSKDVKIEVYLTTKKK
;
C,I
4 'polypeptide(L)'
;IKEEHVIIQAEFYLNPDQSGEFMFDFDGDEIFHVDMAKKETVWRLEEFGRFASFEAQGALANIAVDKANLEIMTKRSNYT
PITNVPPEVTVLTNSPVELREPNVLICFIDKFTPPVVNVTWLRNGKPVTTGVSETVFLPREDHLFRKFHYLPFLPSTEDV
YDCRVEHWGLDEPLLKHWEFDA
;
D,J
5 'polypeptide(L)'
;GDTRPRFLWQLKFECHFFNGTERVRLLERCIYNQEESVRFDSDVGEYRAVTELGRPDAEYWNSQKDLLEQRRAAVDTYCR
HNYGVGESFTVQRRVEPKVTVYPSKTQPLQHHNLLVCSVSGFYPGSIEVRWFRNGQEEKAGVVSTGLIQNGDWTFQTLVM
LETVPRSGEVYTCQVEHPSVTSPLTVEWRA
;
E,K
6 'polypeptide(L)' PKYVKQNTLKLAT F,L
#
loop_
_chem_comp.id
_chem_comp.type
_chem_comp.name
_chem_comp.formula
GOL non-polymer GLYCEROL 'C3 H8 O3'
#
# COMPACT_ATOMS: atom_id res chain seq x y z
N ILE A 3 18.34 -9.54 -6.05
CA ILE A 3 17.26 -9.66 -5.08
C ILE A 3 17.68 -10.45 -3.82
N GLN A 4 17.51 -9.81 -2.63
CA GLN A 4 17.86 -10.40 -1.34
C GLN A 4 16.64 -10.56 -0.43
N VAL A 5 16.54 -11.72 0.25
CA VAL A 5 15.45 -12.05 1.17
C VAL A 5 16.02 -12.16 2.59
N GLU A 6 15.49 -11.34 3.52
CA GLU A 6 15.93 -11.32 4.92
C GLU A 6 14.77 -11.72 5.85
N GLN A 7 14.97 -12.77 6.65
CA GLN A 7 13.97 -13.27 7.60
C GLN A 7 14.33 -12.95 9.04
N SER A 8 13.33 -12.49 9.81
CA SER A 8 13.50 -12.11 11.22
C SER A 8 12.40 -12.74 12.11
N PRO A 9 12.75 -13.42 13.22
CA PRO A 9 14.10 -13.68 13.77
C PRO A 9 14.80 -14.90 13.14
N PRO A 10 16.15 -15.02 13.21
CA PRO A 10 16.80 -16.21 12.61
C PRO A 10 16.50 -17.51 13.36
N ASP A 11 16.31 -17.41 14.69
CA ASP A 11 16.00 -18.53 15.58
C ASP A 11 14.96 -18.08 16.61
N LEU A 12 13.92 -18.91 16.85
CA LEU A 12 12.84 -18.59 17.79
C LEU A 12 12.37 -19.81 18.59
N ILE A 13 12.19 -19.63 19.92
CA ILE A 13 11.74 -20.67 20.85
C ILE A 13 10.44 -20.19 21.52
N LEU A 14 9.38 -21.03 21.48
CA LEU A 14 8.07 -20.71 22.05
C LEU A 14 7.52 -21.83 22.96
N GLN A 15 6.36 -21.56 23.59
CA GLN A 15 5.65 -22.49 24.47
C GLN A 15 4.32 -22.89 23.81
N GLU A 16 3.74 -24.04 24.24
CA GLU A 16 2.47 -24.55 23.68
C GLU A 16 1.29 -23.63 24.05
N GLY A 17 0.79 -22.92 23.04
CA GLY A 17 -0.32 -21.99 23.18
C GLY A 17 0.06 -20.51 23.08
N ALA A 18 1.35 -20.23 22.79
CA ALA A 18 1.88 -18.88 22.68
C ALA A 18 1.73 -18.29 21.26
N ASN A 19 1.43 -16.99 21.19
CA ASN A 19 1.26 -16.25 19.93
C ASN A 19 2.54 -15.51 19.54
N SER A 20 2.94 -15.60 18.26
CA SER A 20 4.14 -14.95 17.74
C SER A 20 4.01 -14.46 16.30
N THR A 21 4.78 -13.41 15.94
CA THR A 21 4.80 -12.81 14.60
C THR A 21 6.18 -13.02 13.95
N LEU A 22 6.18 -13.55 12.71
CA LEU A 22 7.39 -13.82 11.93
C LEU A 22 7.49 -12.80 10.79
N ARG A 23 8.67 -12.16 10.65
CA ARG A 23 8.90 -11.13 9.62
C ARG A 23 9.80 -11.60 8.47
N CYS A 24 9.53 -11.10 7.26
CA CYS A 24 10.27 -11.37 6.03
C CYS A 24 10.35 -10.08 5.20
N ASN A 25 11.59 -9.58 4.99
CA ASN A 25 11.84 -8.35 4.24
C ASN A 25 12.57 -8.66 2.92
N PHE A 26 12.11 -8.03 1.83
CA PHE A 26 12.67 -8.21 0.48
C PHE A 26 13.11 -6.89 -0.17
N SER A 27 14.21 -6.95 -0.95
CA SER A 27 14.85 -5.80 -1.60
C SER A 27 14.06 -5.10 -2.71
N ASP A 28 13.48 -5.86 -3.66
CA ASP A 28 12.74 -5.29 -4.79
C ASP A 28 11.27 -5.75 -4.85
N SER A 29 10.47 -5.14 -5.76
CA SER A 29 9.04 -5.45 -5.99
C SER A 29 8.84 -6.92 -6.34
N VAL A 30 7.76 -7.53 -5.82
CA VAL A 30 7.47 -8.95 -6.01
C VAL A 30 6.10 -9.24 -6.63
N ASN A 31 6.08 -10.12 -7.65
CA ASN A 31 4.87 -10.54 -8.36
C ASN A 31 4.14 -11.66 -7.61
N ASN A 32 4.89 -12.61 -7.01
CA ASN A 32 4.34 -13.74 -6.26
C ASN A 32 5.18 -14.10 -5.04
N LEU A 33 4.54 -14.12 -3.86
CA LEU A 33 5.17 -14.44 -2.57
C LEU A 33 4.51 -15.69 -1.98
N GLN A 34 5.32 -16.56 -1.34
CA GLN A 34 4.84 -17.78 -0.72
C GLN A 34 5.52 -18.09 0.61
N TRP A 35 4.73 -18.57 1.59
CA TRP A 35 5.19 -18.97 2.91
C TRP A 35 5.18 -20.49 3.00
N PHE A 36 6.28 -21.07 3.51
CA PHE A 36 6.42 -22.52 3.65
C PHE A 36 6.82 -22.96 5.05
N HIS A 37 6.36 -24.15 5.45
CA HIS A 37 6.71 -24.78 6.73
C HIS A 37 7.33 -26.14 6.45
N GLN A 38 8.66 -26.23 6.57
CA GLN A 38 9.37 -27.48 6.34
C GLN A 38 9.40 -28.27 7.65
N ASN A 39 8.75 -29.45 7.64
CA ASN A 39 8.70 -30.36 8.79
C ASN A 39 10.09 -30.98 9.05
N PRO A 40 10.40 -31.47 10.29
CA PRO A 40 11.74 -32.05 10.54
C PRO A 40 12.19 -33.18 9.60
N TRP A 41 11.24 -33.79 8.86
CA TRP A 41 11.50 -34.87 7.90
C TRP A 41 12.10 -34.35 6.59
N GLY A 42 11.65 -33.17 6.14
CA GLY A 42 12.14 -32.53 4.92
C GLY A 42 11.08 -31.97 3.99
N GLN A 43 9.82 -32.43 4.12
CA GLN A 43 8.70 -32.01 3.29
C GLN A 43 8.27 -30.56 3.58
N LEU A 44 8.17 -29.73 2.51
CA LEU A 44 7.75 -28.33 2.59
C LEU A 44 6.23 -28.25 2.45
N ILE A 45 5.57 -27.75 3.51
CA ILE A 45 4.10 -27.61 3.54
C ILE A 45 3.73 -26.18 3.11
N ASN A 46 2.83 -26.07 2.12
CA ASN A 46 2.34 -24.81 1.58
C ASN A 46 1.44 -24.12 2.61
N LEU A 47 1.90 -22.98 3.15
CA LEU A 47 1.14 -22.23 4.15
C LEU A 47 0.21 -21.22 3.48
N PHE A 48 0.79 -20.24 2.76
CA PHE A 48 0.04 -19.17 2.09
C PHE A 48 0.69 -18.69 0.81
N TYR A 49 -0.15 -18.31 -0.17
CA TYR A 49 0.27 -17.67 -1.41
C TYR A 49 -0.17 -16.23 -1.18
N ILE A 50 0.73 -15.41 -0.62
CA ILE A 50 0.41 -14.04 -0.25
C ILE A 50 1.28 -12.95 -0.90
N PRO A 51 1.02 -12.58 -2.18
CA PRO A 51 1.82 -11.49 -2.79
C PRO A 51 1.38 -10.11 -2.30
N SER A 52 0.12 -10.02 -1.81
CA SER A 52 -0.53 -8.82 -1.26
C SER A 52 -1.79 -9.23 -0.47
N GLY A 53 -2.29 -8.31 0.37
CA GLY A 53 -3.48 -8.51 1.16
C GLY A 53 -3.29 -9.36 2.41
N THR A 54 -4.39 -9.98 2.89
CA THR A 54 -4.42 -10.83 4.08
C THR A 54 -5.17 -12.14 3.84
N LYS A 55 -4.60 -13.25 4.34
CA LYS A 55 -5.17 -14.60 4.24
C LYS A 55 -5.13 -15.30 5.60
N GLN A 56 -6.09 -16.23 5.83
CA GLN A 56 -6.22 -17.01 7.06
C GLN A 56 -6.29 -18.50 6.75
N ASN A 57 -5.68 -19.33 7.62
CA ASN A 57 -5.68 -20.79 7.49
C ASN A 57 -5.61 -21.43 8.88
N GLY A 58 -6.76 -21.49 9.55
CA GLY A 58 -6.90 -22.04 10.89
C GLY A 58 -6.25 -21.17 11.95
N ARG A 59 -5.14 -21.66 12.52
CA ARG A 59 -4.36 -20.97 13.55
C ARG A 59 -3.42 -19.94 12.92
N LEU A 60 -2.93 -20.23 11.71
CA LEU A 60 -2.00 -19.38 10.96
C LEU A 60 -2.71 -18.23 10.21
N SER A 61 -2.00 -17.09 10.08
CA SER A 61 -2.46 -15.88 9.39
C SER A 61 -1.27 -15.18 8.74
N ALA A 62 -1.47 -14.63 7.52
CA ALA A 62 -0.40 -13.93 6.79
C ALA A 62 -0.86 -12.62 6.15
N THR A 63 0.05 -11.62 6.15
CA THR A 63 -0.18 -10.29 5.56
C THR A 63 1.07 -9.84 4.80
N THR A 64 0.89 -9.27 3.60
CA THR A 64 1.99 -8.78 2.76
C THR A 64 1.67 -7.38 2.23
N VAL A 65 2.64 -6.45 2.35
CA VAL A 65 2.53 -5.09 1.87
C VAL A 65 3.52 -4.92 0.71
N ALA A 66 3.00 -4.84 -0.52
CA ALA A 66 3.79 -4.71 -1.76
C ALA A 66 4.63 -3.43 -1.82
N THR A 67 4.05 -2.29 -1.39
CA THR A 67 4.72 -0.99 -1.38
C THR A 67 5.81 -0.90 -0.30
N GLU A 68 5.52 -1.45 0.89
CA GLU A 68 6.43 -1.46 2.05
C GLU A 68 7.51 -2.55 1.96
N ARG A 69 7.35 -3.49 1.00
CA ARG A 69 8.26 -4.61 0.69
C ARG A 69 8.55 -5.59 1.85
N TYR A 70 7.50 -5.96 2.61
CA TYR A 70 7.62 -6.92 3.70
C TYR A 70 6.38 -7.79 3.90
N SER A 71 6.56 -8.99 4.50
CA SER A 71 5.49 -9.94 4.78
C SER A 71 5.55 -10.44 6.22
N LEU A 72 4.39 -10.58 6.87
CA LEU A 72 4.25 -11.05 8.26
C LEU A 72 3.49 -12.37 8.33
N LEU A 73 3.92 -13.26 9.25
CA LEU A 73 3.29 -14.56 9.49
C LEU A 73 2.94 -14.70 10.98
N TYR A 74 1.63 -14.77 11.29
CA TYR A 74 1.11 -14.88 12.66
C TYR A 74 0.82 -16.34 13.00
N ILE A 75 1.40 -16.81 14.12
CA ILE A 75 1.19 -18.19 14.61
C ILE A 75 0.53 -18.10 15.99
N SER A 76 -0.81 -18.26 16.03
CA SER A 76 -1.61 -18.19 17.25
C SER A 76 -1.86 -19.58 17.83
N SER A 77 -1.82 -19.70 19.18
CA SER A 77 -2.02 -20.94 19.96
C SER A 77 -1.21 -22.12 19.41
N SER A 78 0.11 -21.88 19.22
CA SER A 78 1.08 -22.83 18.65
C SER A 78 1.12 -24.21 19.29
N GLN A 79 1.00 -25.25 18.45
CA GLN A 79 1.04 -26.67 18.85
C GLN A 79 2.48 -27.18 18.71
N THR A 80 2.78 -28.34 19.34
CA THR A 80 4.11 -28.97 19.31
C THR A 80 4.54 -29.40 17.89
N THR A 81 3.57 -29.76 17.03
CA THR A 81 3.79 -30.18 15.63
C THR A 81 4.29 -29.05 14.72
N ASP A 82 4.24 -27.78 15.18
CA ASP A 82 4.69 -26.61 14.43
C ASP A 82 6.22 -26.44 14.37
N SER A 83 6.98 -27.35 15.03
CA SER A 83 8.44 -27.36 15.06
C SER A 83 9.02 -27.61 13.67
N GLY A 84 10.03 -26.80 13.32
CA GLY A 84 10.71 -26.88 12.03
C GLY A 84 11.27 -25.55 11.55
N VAL A 85 11.53 -25.45 10.24
CA VAL A 85 12.09 -24.24 9.61
C VAL A 85 11.02 -23.60 8.72
N TYR A 86 10.76 -22.30 8.95
CA TYR A 86 9.78 -21.52 8.18
C TYR A 86 10.49 -20.73 7.09
N PHE A 87 10.14 -21.00 5.82
CA PHE A 87 10.74 -20.35 4.65
C PHE A 87 9.83 -19.32 4.00
N CYS A 88 10.44 -18.21 3.54
CA CYS A 88 9.77 -17.11 2.86
C CYS A 88 10.31 -17.03 1.43
N ALA A 89 9.57 -17.64 0.48
CA ALA A 89 9.93 -17.69 -0.93
C ALA A 89 9.45 -16.43 -1.65
N VAL A 90 10.31 -15.86 -2.51
CA VAL A 90 10.02 -14.62 -3.24
C VAL A 90 10.36 -14.70 -4.75
N ASP A 91 9.50 -14.09 -5.60
CA ASP A 91 9.68 -14.04 -7.04
C ASP A 91 9.81 -12.58 -7.48
N SER A 92 11.02 -12.19 -7.92
CA SER A 92 11.34 -10.81 -8.35
C SER A 92 10.59 -10.37 -9.60
N ALA A 93 10.22 -9.08 -9.64
CA ALA A 93 9.51 -8.45 -10.76
C ALA A 93 10.51 -7.86 -11.75
N THR A 94 11.68 -7.39 -11.25
CA THR A 94 12.77 -6.82 -12.05
C THR A 94 13.46 -7.92 -12.86
N SER A 95 13.63 -9.12 -12.26
CA SER A 95 14.23 -10.28 -12.90
C SER A 95 13.11 -11.10 -13.57
N GLY A 96 13.22 -11.28 -14.88
CA GLY A 96 12.25 -12.01 -15.70
C GLY A 96 11.99 -13.44 -15.29
N THR A 97 10.78 -13.95 -15.65
CA THR A 97 10.29 -15.31 -15.36
C THR A 97 10.05 -15.59 -13.86
N TYR A 98 9.64 -16.85 -13.52
CA TYR A 98 9.35 -17.27 -12.15
C TYR A 98 10.59 -17.82 -11.40
N LYS A 99 11.71 -17.06 -11.45
CA LYS A 99 12.96 -17.41 -10.77
C LYS A 99 12.82 -17.12 -9.26
N TYR A 100 12.32 -18.12 -8.52
CA TYR A 100 12.08 -18.04 -7.08
C TYR A 100 13.35 -18.02 -6.24
N ILE A 101 13.36 -17.17 -5.19
CA ILE A 101 14.46 -16.99 -4.25
C ILE A 101 13.97 -17.30 -2.83
N PHE A 102 14.63 -18.24 -2.14
CA PHE A 102 14.30 -18.65 -0.78
C PHE A 102 15.18 -17.96 0.27
N GLY A 103 14.57 -17.65 1.41
CA GLY A 103 15.26 -17.00 2.52
C GLY A 103 16.09 -17.95 3.35
N THR A 104 16.78 -17.42 4.39
CA THR A 104 17.63 -18.18 5.30
C THR A 104 16.83 -19.17 6.15
N GLY A 105 15.65 -18.75 6.58
CA GLY A 105 14.74 -19.56 7.39
C GLY A 105 14.67 -19.18 8.85
N THR A 106 13.56 -19.56 9.50
CA THR A 106 13.30 -19.31 10.91
C THR A 106 13.08 -20.65 11.63
N ARG A 107 14.07 -21.07 12.45
CA ARG A 107 13.99 -22.32 13.19
C ARG A 107 13.09 -22.15 14.42
N LEU A 108 11.89 -22.76 14.37
CA LEU A 108 10.90 -22.69 15.45
C LEU A 108 11.01 -23.89 16.38
N LYS A 109 11.10 -23.62 17.68
CA LYS A 109 11.20 -24.64 18.73
C LYS A 109 10.08 -24.47 19.75
N VAL A 110 8.92 -25.09 19.47
CA VAL A 110 7.74 -25.05 20.34
C VAL A 110 7.78 -26.16 21.39
N LEU A 111 7.82 -25.75 22.68
CA LEU A 111 7.88 -26.66 23.83
C LEU A 111 6.48 -27.06 24.28
N ALA A 112 6.27 -28.35 24.59
CA ALA A 112 4.99 -28.92 25.02
C ALA A 112 4.58 -28.49 26.42
N ASN A 113 3.25 -28.33 26.64
CA ASN A 113 2.67 -27.96 27.93
C ASN A 113 2.61 -29.18 28.83
N ILE A 114 3.51 -29.21 29.83
CA ILE A 114 3.66 -30.31 30.79
C ILE A 114 2.56 -30.38 31.85
N GLN A 115 2.06 -31.61 32.10
CA GLN A 115 1.03 -31.91 33.09
C GLN A 115 1.58 -32.95 34.07
N ASN A 116 1.85 -32.51 35.33
CA ASN A 116 2.43 -33.30 36.42
C ASN A 116 3.80 -33.90 36.01
N PRO A 117 4.89 -33.10 35.99
CA PRO A 117 6.18 -33.66 35.56
C PRO A 117 6.95 -34.41 36.65
N ASP A 118 7.24 -35.70 36.38
CA ASP A 118 7.99 -36.58 37.28
C ASP A 118 9.28 -37.01 36.55
N PRO A 119 10.36 -36.20 36.58
CA PRO A 119 11.58 -36.56 35.84
C PRO A 119 12.59 -37.40 36.61
N ALA A 120 13.36 -38.23 35.87
CA ALA A 120 14.41 -39.12 36.39
C ALA A 120 15.36 -39.60 35.29
N VAL A 121 16.65 -39.82 35.65
CA VAL A 121 17.70 -40.31 34.76
C VAL A 121 17.96 -41.78 35.15
N TYR A 122 18.02 -42.69 34.16
CA TYR A 122 18.21 -44.13 34.42
C TYR A 122 19.45 -44.74 33.75
N GLN A 123 20.07 -45.71 34.43
CA GLN A 123 21.23 -46.48 33.96
C GLN A 123 20.67 -47.74 33.27
N LEU A 124 21.20 -48.10 32.08
CA LEU A 124 20.66 -49.23 31.32
C LEU A 124 21.67 -50.09 30.54
N ARG A 125 21.25 -51.33 30.19
CA ARG A 125 22.01 -52.34 29.43
C ARG A 125 21.06 -53.18 28.56
N ASP A 126 21.54 -53.64 27.38
CA ASP A 126 20.74 -54.44 26.44
C ASP A 126 20.62 -55.92 26.79
N SER A 127 19.63 -56.60 26.18
CA SER A 127 19.33 -58.02 26.37
C SER A 127 20.28 -58.97 25.64
N LYS A 128 20.79 -58.56 24.46
CA LYS A 128 21.69 -59.37 23.63
C LYS A 128 23.08 -59.55 24.24
N SER A 129 23.71 -58.46 24.74
CA SER A 129 25.04 -58.48 25.34
C SER A 129 25.18 -57.46 26.49
N SER A 130 26.10 -57.74 27.42
CA SER A 130 26.38 -56.87 28.57
C SER A 130 27.47 -55.83 28.27
N ASP A 131 27.59 -54.80 29.14
CA ASP A 131 28.56 -53.69 29.10
C ASP A 131 28.26 -52.53 28.11
N LYS A 132 26.98 -52.37 27.72
CA LYS A 132 26.54 -51.30 26.83
C LYS A 132 25.70 -50.28 27.60
N SER A 133 26.27 -49.08 27.82
CA SER A 133 25.65 -47.99 28.58
C SER A 133 24.75 -47.09 27.77
N VAL A 134 23.67 -46.59 28.40
CA VAL A 134 22.67 -45.68 27.85
C VAL A 134 21.93 -44.92 28.97
N CYS A 135 22.13 -43.58 29.02
CA CYS A 135 21.50 -42.70 30.01
C CYS A 135 20.21 -42.14 29.44
N LEU A 136 19.08 -42.39 30.12
CA LEU A 136 17.76 -41.93 29.68
C LEU A 136 17.16 -40.87 30.61
N PHE A 137 17.30 -39.59 30.21
CA PHE A 137 16.73 -38.45 30.94
C PHE A 137 15.34 -38.27 30.33
N THR A 138 14.30 -38.69 31.05
CA THR A 138 12.92 -38.66 30.56
C THR A 138 11.91 -37.99 31.51
N ASP A 139 10.72 -37.63 30.95
CA ASP A 139 9.58 -37.03 31.62
C ASP A 139 9.83 -35.70 32.35
N PHE A 140 10.70 -34.83 31.78
CA PHE A 140 10.96 -33.53 32.38
C PHE A 140 9.99 -32.41 31.97
N ASP A 141 10.42 -31.14 32.00
CA ASP A 141 9.56 -30.00 31.66
C ASP A 141 10.24 -29.00 30.71
N SER A 142 9.57 -27.86 30.44
CA SER A 142 10.07 -26.77 29.61
C SER A 142 11.21 -26.01 30.31
N GLN A 143 11.74 -24.93 29.69
CA GLN A 143 12.85 -24.09 30.19
C GLN A 143 14.07 -24.87 30.74
N THR A 144 14.35 -26.04 30.14
CA THR A 144 15.45 -26.94 30.49
C THR A 144 16.18 -27.35 29.21
N ASN A 145 17.52 -27.21 29.21
CA ASN A 145 18.36 -27.55 28.06
C ASN A 145 19.39 -28.61 28.43
N VAL A 146 19.52 -29.64 27.57
CA VAL A 146 20.46 -30.75 27.74
C VAL A 146 21.87 -30.41 27.23
N SER A 147 21.96 -29.76 26.03
CA SER A 147 23.20 -29.39 25.33
C SER A 147 23.99 -30.65 24.90
N GLN A 148 25.31 -30.53 24.72
CA GLN A 148 26.19 -31.64 24.32
C GLN A 148 27.02 -32.12 25.53
N SER A 149 28.08 -32.90 25.27
CA SER A 149 29.01 -33.44 26.26
C SER A 149 30.41 -32.85 26.07
N LYS A 150 31.37 -33.25 26.93
CA LYS A 150 32.77 -32.79 26.88
C LYS A 150 33.71 -33.94 26.49
N ASP A 153 34.61 -37.85 23.18
CA ASP A 153 33.36 -37.25 22.75
C ASP A 153 32.19 -38.24 22.89
N VAL A 154 31.22 -37.91 23.76
CA VAL A 154 30.04 -38.73 24.03
C VAL A 154 28.87 -38.27 23.13
N TYR A 155 28.17 -39.23 22.50
CA TYR A 155 27.04 -38.95 21.61
C TYR A 155 25.80 -38.55 22.40
N ILE A 156 25.05 -37.55 21.91
CA ILE A 156 23.83 -37.04 22.55
C ILE A 156 22.70 -36.77 21.54
N THR A 157 21.46 -37.14 21.92
CA THR A 157 20.25 -36.95 21.11
C THR A 157 19.19 -36.21 21.93
N ASP A 158 18.60 -35.15 21.35
CA ASP A 158 17.59 -34.33 22.02
C ASP A 158 16.34 -34.10 21.17
N LYS A 159 16.51 -33.83 19.86
CA LYS A 159 15.42 -33.56 18.93
C LYS A 159 14.65 -34.84 18.58
N CYS A 160 13.72 -35.22 19.47
CA CYS A 160 12.86 -36.42 19.33
C CYS A 160 11.52 -36.02 18.74
N VAL A 161 11.14 -36.65 17.61
CA VAL A 161 9.89 -36.36 16.90
C VAL A 161 8.87 -37.50 17.09
N LEU A 162 7.66 -37.12 17.52
CA LEU A 162 6.53 -38.03 17.77
C LEU A 162 5.98 -38.59 16.45
N ASP A 163 5.47 -39.84 16.49
CA ASP A 163 4.91 -40.53 15.32
C ASP A 163 3.49 -40.03 15.01
N MET A 164 3.10 -40.09 13.72
CA MET A 164 1.79 -39.67 13.24
C MET A 164 0.89 -40.88 13.01
N PHE A 169 -0.52 -38.80 24.20
CA PHE A 169 0.42 -38.33 25.22
C PHE A 169 1.86 -38.32 24.71
N LYS A 170 2.60 -37.23 25.01
CA LYS A 170 3.99 -37.05 24.59
C LYS A 170 4.86 -36.56 25.76
N SER A 171 6.09 -37.08 25.85
CA SER A 171 7.06 -36.71 26.90
C SER A 171 8.46 -36.51 26.34
N ASN A 172 9.19 -35.53 26.90
CA ASN A 172 10.56 -35.18 26.51
C ASN A 172 11.56 -36.26 26.95
N SER A 173 12.48 -36.64 26.04
CA SER A 173 13.48 -37.68 26.31
C SER A 173 14.84 -37.38 25.70
N ALA A 174 15.92 -37.80 26.38
CA ALA A 174 17.32 -37.63 25.97
C ALA A 174 18.10 -38.94 26.14
N VAL A 175 18.92 -39.28 25.12
CA VAL A 175 19.73 -40.50 25.10
C VAL A 175 21.23 -40.18 24.94
N ALA A 176 22.07 -40.74 25.82
CA ALA A 176 23.53 -40.58 25.82
C ALA A 176 24.20 -41.95 25.95
N TRP A 177 25.04 -42.32 24.96
CA TRP A 177 25.73 -43.61 24.96
C TRP A 177 27.23 -43.52 24.66
N SER A 178 28.02 -44.47 25.21
CA SER A 178 29.47 -44.54 25.03
C SER A 178 29.93 -46.01 25.01
N ASP A 182 33.54 -47.28 30.04
CA ASP A 182 34.15 -46.51 31.13
C ASP A 182 33.25 -45.37 31.63
N PHE A 183 32.39 -44.82 30.74
CA PHE A 183 31.47 -43.73 31.07
C PHE A 183 30.30 -44.25 31.91
N ALA A 184 30.18 -43.73 33.15
CA ALA A 184 29.15 -44.12 34.11
C ALA A 184 27.94 -43.16 34.10
N CYS A 185 26.82 -43.60 34.70
CA CYS A 185 25.56 -42.84 34.81
C CYS A 185 25.67 -41.64 35.78
N ALA A 186 26.70 -41.65 36.66
CA ALA A 186 26.95 -40.59 37.64
C ALA A 186 27.44 -39.29 36.98
N ASN A 187 28.34 -39.41 35.98
CA ASN A 187 28.90 -38.27 35.24
C ASN A 187 28.07 -37.90 33.99
N ALA A 188 26.97 -38.64 33.73
CA ALA A 188 26.06 -38.43 32.60
C ALA A 188 25.42 -37.05 32.61
N PHE A 189 25.18 -36.50 31.39
CA PHE A 189 24.60 -35.18 31.14
C PHE A 189 25.48 -34.03 31.66
N ASN A 190 26.60 -33.78 30.94
CA ASN A 190 27.56 -32.72 31.24
C ASN A 190 27.13 -31.41 30.58
N ASN A 191 27.57 -30.26 31.14
CA ASN A 191 27.27 -28.89 30.70
C ASN A 191 25.76 -28.63 30.40
N SER A 192 24.90 -29.15 31.32
CA SER A 192 23.44 -29.05 31.25
C SER A 192 22.84 -28.38 32.49
N ILE A 193 21.60 -27.89 32.35
CA ILE A 193 20.87 -27.25 33.45
C ILE A 193 19.88 -28.28 34.04
N ILE A 194 20.42 -29.18 34.90
CA ILE A 194 19.65 -30.25 35.58
C ILE A 194 18.49 -29.69 36.43
N PRO A 195 17.28 -30.31 36.40
CA PRO A 195 16.15 -29.76 37.17
C PRO A 195 16.23 -29.79 38.68
N GLU A 196 17.06 -30.70 39.26
CA GLU A 196 17.25 -30.91 40.71
C GLU A 196 16.00 -31.46 41.43
N ASP A 197 14.88 -31.57 40.68
CA ASP A 197 13.58 -32.12 41.12
C ASP A 197 13.61 -33.64 40.86
N THR A 198 14.63 -34.10 40.10
CA THR A 198 14.90 -35.48 39.70
C THR A 198 15.56 -36.28 40.83
N PHE A 199 15.74 -37.60 40.59
CA PHE A 199 16.42 -38.54 41.50
C PHE A 199 16.94 -39.75 40.73
N PHE A 200 18.28 -39.93 40.77
CA PHE A 200 19.01 -41.03 40.11
C PHE A 200 18.73 -42.38 40.82
N PRO A 201 18.90 -43.56 40.16
CA PRO A 201 18.60 -44.82 40.86
C PRO A 201 19.56 -45.13 42.01
N SER A 202 19.02 -45.59 43.15
CA SER A 202 19.79 -45.92 44.35
C SER A 202 19.40 -47.27 45.00
N PRO A 203 19.34 -48.42 44.26
CA PRO A 203 18.97 -49.69 44.90
C PRO A 203 20.07 -50.26 45.78
N GLY B 4 -4.64 -36.42 -7.27
CA GLY B 4 -3.80 -35.39 -7.87
C GLY B 4 -2.73 -34.87 -6.93
N GLY B 5 -1.49 -34.88 -7.40
CA GLY B 5 -0.32 -34.42 -6.64
C GLY B 5 1.00 -34.60 -7.33
N ILE B 6 2.07 -34.08 -6.71
CA ILE B 6 3.45 -34.16 -7.21
C ILE B 6 4.23 -35.26 -6.47
N THR B 7 4.84 -36.20 -7.22
CA THR B 7 5.60 -37.32 -6.67
C THR B 7 7.05 -37.34 -7.12
N GLN B 8 7.95 -37.79 -6.21
CA GLN B 8 9.39 -37.92 -6.45
C GLN B 8 9.84 -39.33 -6.08
N SER B 9 10.35 -40.08 -7.06
CA SER B 9 10.82 -41.45 -6.86
C SER B 9 12.28 -41.64 -7.28
N PRO B 10 13.14 -42.28 -6.45
CA PRO B 10 12.86 -42.88 -5.14
C PRO B 10 13.01 -41.89 -3.98
N LYS B 11 12.82 -42.36 -2.74
CA LYS B 11 12.95 -41.55 -1.52
C LYS B 11 14.44 -41.34 -1.21
N TYR B 12 15.26 -42.39 -1.39
CA TYR B 12 16.71 -42.36 -1.15
C TYR B 12 17.46 -42.89 -2.37
N LEU B 13 18.66 -42.33 -2.64
CA LEU B 13 19.49 -42.73 -3.78
C LEU B 13 20.99 -42.67 -3.44
N PHE B 14 21.74 -43.71 -3.85
CA PHE B 14 23.19 -43.81 -3.64
C PHE B 14 23.92 -44.18 -4.92
N ARG B 15 24.97 -43.40 -5.27
CA ARG B 15 25.80 -43.60 -6.46
C ARG B 15 27.28 -43.31 -6.16
N LYS B 16 28.19 -43.96 -6.91
CA LYS B 16 29.63 -43.76 -6.77
C LYS B 16 30.07 -42.55 -7.62
N GLU B 17 31.23 -41.94 -7.28
CA GLU B 17 31.77 -40.78 -7.99
C GLU B 17 32.15 -41.12 -9.43
N GLY B 18 31.67 -40.30 -10.37
CA GLY B 18 31.90 -40.48 -11.79
C GLY B 18 30.76 -41.16 -12.52
N GLN B 19 29.59 -41.27 -11.85
CA GLN B 19 28.39 -41.89 -12.40
C GLN B 19 27.26 -40.88 -12.59
N ASN B 20 26.55 -40.99 -13.72
CA ASN B 20 25.41 -40.14 -14.07
C ASN B 20 24.12 -40.78 -13.58
N VAL B 21 23.27 -40.00 -12.87
CA VAL B 21 22.01 -40.49 -12.33
C VAL B 21 20.84 -39.53 -12.62
N THR B 22 19.69 -40.10 -13.03
CA THR B 22 18.46 -39.37 -13.35
C THR B 22 17.46 -39.47 -12.19
N LEU B 23 16.98 -38.31 -11.72
CA LEU B 23 16.02 -38.17 -10.62
C LEU B 23 14.64 -37.82 -11.22
N SER B 24 13.72 -38.80 -11.20
CA SER B 24 12.37 -38.65 -11.76
C SER B 24 11.44 -37.75 -10.94
N CYS B 25 10.63 -36.94 -11.63
CA CYS B 25 9.64 -36.04 -11.04
C CYS B 25 8.36 -36.11 -11.88
N GLU B 26 7.26 -36.60 -11.29
CA GLU B 26 5.96 -36.75 -11.96
C GLU B 26 4.86 -35.98 -11.24
N GLN B 27 3.90 -35.43 -12.02
CA GLN B 27 2.75 -34.69 -11.50
C GLN B 27 1.52 -34.80 -12.42
N ASN B 28 0.33 -35.02 -11.82
CA ASN B 28 -0.93 -35.14 -12.54
C ASN B 28 -1.89 -33.98 -12.23
N LEU B 29 -1.33 -32.87 -11.73
CA LEU B 29 -2.06 -31.64 -11.38
C LEU B 29 -2.33 -30.74 -12.60
N ASN B 30 -1.78 -31.12 -13.78
CA ASN B 30 -1.88 -30.43 -15.07
C ASN B 30 -1.24 -29.02 -15.04
N HIS B 31 -0.14 -28.89 -14.29
CA HIS B 31 0.62 -27.63 -14.16
C HIS B 31 1.60 -27.46 -15.31
N ASP B 32 1.68 -26.23 -15.86
CA ASP B 32 2.58 -25.90 -16.97
C ASP B 32 4.02 -25.76 -16.50
N ALA B 33 4.25 -25.02 -15.39
CA ALA B 33 5.58 -24.78 -14.85
C ALA B 33 6.06 -25.83 -13.84
N MET B 34 7.36 -26.19 -13.92
CA MET B 34 8.03 -27.14 -13.03
C MET B 34 9.44 -26.65 -12.66
N TYR B 35 9.83 -26.85 -11.39
CA TYR B 35 11.10 -26.38 -10.83
C TYR B 35 11.90 -27.49 -10.12
N TRP B 36 13.23 -27.30 -10.02
CA TRP B 36 14.16 -28.20 -9.33
C TRP B 36 15.06 -27.42 -8.37
N TYR B 37 15.12 -27.86 -7.09
CA TYR B 37 15.90 -27.23 -6.04
C TYR B 37 16.78 -28.24 -5.29
N ARG B 38 17.92 -27.76 -4.75
CA ARG B 38 18.82 -28.58 -3.93
C ARG B 38 19.04 -27.91 -2.57
N GLN B 39 18.68 -28.63 -1.50
CA GLN B 39 18.80 -28.12 -0.13
C GLN B 39 19.96 -28.80 0.60
N ASP B 40 20.88 -27.97 1.12
CA ASP B 40 22.04 -28.42 1.89
C ASP B 40 21.65 -28.52 3.38
N PRO B 41 22.33 -29.37 4.21
CA PRO B 41 21.94 -29.50 5.63
C PRO B 41 21.90 -28.20 6.42
N GLY B 42 20.69 -27.82 6.83
CA GLY B 42 20.41 -26.61 7.61
C GLY B 42 20.53 -25.31 6.85
N GLN B 43 20.52 -25.39 5.50
CA GLN B 43 20.64 -24.22 4.61
C GLN B 43 19.36 -24.02 3.79
N GLY B 44 19.21 -22.84 3.18
CA GLY B 44 18.06 -22.48 2.37
C GLY B 44 18.03 -23.17 1.02
N LEU B 45 16.86 -23.17 0.36
CA LEU B 45 16.66 -23.79 -0.95
C LEU B 45 17.28 -22.95 -2.07
N ARG B 46 17.97 -23.61 -3.01
CA ARG B 46 18.63 -22.96 -4.15
C ARG B 46 18.19 -23.57 -5.48
N LEU B 47 17.71 -22.70 -6.41
CA LEU B 47 17.21 -23.05 -7.74
C LEU B 47 18.32 -23.57 -8.68
N ILE B 48 18.03 -24.66 -9.42
CA ILE B 48 18.96 -25.29 -10.37
C ILE B 48 18.49 -25.02 -11.81
N TYR B 49 17.27 -25.49 -12.15
CA TYR B 49 16.64 -25.34 -13.46
C TYR B 49 15.14 -25.22 -13.32
N TYR B 50 14.49 -24.51 -14.27
CA TYR B 50 13.04 -24.34 -14.27
C TYR B 50 12.44 -24.29 -15.67
N SER B 51 11.40 -25.10 -15.88
CA SER B 51 10.68 -25.20 -17.15
C SER B 51 9.31 -24.55 -16.97
N GLN B 52 9.07 -23.43 -17.67
CA GLN B 52 7.81 -22.69 -17.61
C GLN B 52 6.65 -23.44 -18.29
N ILE B 53 6.99 -24.27 -19.30
CA ILE B 53 6.09 -25.11 -20.09
C ILE B 53 6.94 -26.19 -20.81
N VAL B 54 6.29 -27.15 -21.50
CA VAL B 54 6.98 -28.20 -22.28
C VAL B 54 7.83 -27.56 -23.40
N ASN B 55 9.09 -28.03 -23.56
CA ASN B 55 10.11 -27.56 -24.51
C ASN B 55 10.87 -26.29 -24.08
N ASP B 56 10.48 -25.68 -22.94
CA ASP B 56 11.13 -24.49 -22.40
C ASP B 56 12.14 -24.90 -21.31
N PHE B 57 13.34 -24.31 -21.34
CA PHE B 57 14.42 -24.61 -20.37
C PHE B 57 15.13 -23.33 -19.95
N GLN B 58 15.21 -23.09 -18.63
CA GLN B 58 15.84 -21.89 -18.05
C GLN B 58 16.83 -22.25 -16.95
N LYS B 59 17.98 -21.53 -16.91
CA LYS B 59 19.05 -21.71 -15.92
C LYS B 59 18.72 -21.06 -14.57
N GLY B 60 19.30 -21.62 -13.51
CA GLY B 60 19.12 -21.12 -12.14
C GLY B 60 20.41 -20.66 -11.51
N ASP B 61 20.51 -20.80 -10.17
CA ASP B 61 21.68 -20.39 -9.38
C ASP B 61 22.88 -21.32 -9.58
N ILE B 62 22.68 -22.64 -9.44
CA ILE B 62 23.73 -23.66 -9.58
C ILE B 62 23.44 -24.65 -10.73
N ALA B 63 23.27 -24.09 -11.95
CA ALA B 63 22.97 -24.84 -13.18
C ALA B 63 24.13 -25.75 -13.64
N GLU B 64 25.38 -25.41 -13.24
CA GLU B 64 26.61 -26.14 -13.58
C GLU B 64 26.61 -27.56 -12.99
N GLY B 65 26.90 -28.55 -13.84
CA GLY B 65 26.97 -29.96 -13.47
C GLY B 65 25.64 -30.68 -13.44
N TYR B 66 24.56 -30.04 -13.92
CA TYR B 66 23.21 -30.60 -13.97
C TYR B 66 22.58 -30.52 -15.36
N SER B 67 21.61 -31.41 -15.63
CA SER B 67 20.88 -31.48 -16.90
C SER B 67 19.38 -31.76 -16.66
N VAL B 68 18.52 -31.21 -17.53
CA VAL B 68 17.06 -31.38 -17.45
C VAL B 68 16.43 -31.75 -18.80
N SER B 69 15.26 -32.42 -18.76
CA SER B 69 14.51 -32.84 -19.94
C SER B 69 13.01 -32.57 -19.76
N ARG B 70 12.33 -32.12 -20.83
CA ARG B 70 10.90 -31.83 -20.81
C ARG B 70 10.25 -32.15 -22.17
N GLU B 71 9.89 -33.43 -22.34
CA GLU B 71 9.22 -33.96 -23.54
C GLU B 71 7.71 -33.99 -23.29
N LYS B 72 7.32 -34.25 -22.04
CA LYS B 72 5.93 -34.33 -21.58
C LYS B 72 5.59 -33.19 -20.60
N LYS B 73 4.29 -32.90 -20.43
CA LYS B 73 3.79 -31.87 -19.51
C LYS B 73 3.78 -32.38 -18.06
N GLU B 74 3.88 -33.71 -17.87
CA GLU B 74 3.85 -34.38 -16.57
C GLU B 74 5.24 -34.67 -15.99
N SER B 75 6.21 -35.03 -16.86
CA SER B 75 7.57 -35.39 -16.45
C SER B 75 8.61 -34.30 -16.69
N PHE B 76 9.53 -34.13 -15.72
CA PHE B 76 10.64 -33.17 -15.75
C PHE B 76 11.80 -33.73 -14.90
N PRO B 77 12.58 -34.72 -15.40
CA PRO B 77 13.66 -35.28 -14.59
C PRO B 77 14.98 -34.52 -14.62
N LEU B 78 15.72 -34.58 -13.51
CA LEU B 78 17.02 -33.94 -13.32
C LEU B 78 18.14 -34.98 -13.39
N THR B 79 19.18 -34.72 -14.20
CA THR B 79 20.32 -35.60 -14.36
C THR B 79 21.55 -34.98 -13.71
N VAL B 80 22.16 -35.70 -12.76
CA VAL B 80 23.37 -35.25 -12.04
C VAL B 80 24.61 -35.78 -12.79
N THR B 81 25.30 -34.87 -13.49
CA THR B 81 26.51 -35.17 -14.27
C THR B 81 27.72 -35.42 -13.36
N SER B 82 28.76 -36.08 -13.91
CA SER B 82 30.02 -36.39 -13.21
C SER B 82 30.83 -35.13 -12.91
N ALA B 83 30.59 -34.04 -13.68
CA ALA B 83 31.25 -32.73 -13.56
C ALA B 83 30.89 -31.96 -12.28
N GLN B 84 29.84 -32.42 -11.55
CA GLN B 84 29.37 -31.80 -10.31
C GLN B 84 30.37 -32.01 -9.16
N LYS B 85 30.74 -30.90 -8.49
CA LYS B 85 31.70 -30.90 -7.37
C LYS B 85 31.12 -31.53 -6.10
N ASN B 86 29.94 -31.05 -5.65
CA ASN B 86 29.27 -31.56 -4.45
C ASN B 86 27.85 -32.05 -4.76
N PRO B 87 27.69 -33.31 -5.26
CA PRO B 87 26.34 -33.80 -5.59
C PRO B 87 25.51 -34.25 -4.38
N THR B 88 26.17 -34.49 -3.22
CA THR B 88 25.53 -34.93 -1.98
C THR B 88 24.67 -33.81 -1.37
N ALA B 89 23.35 -33.85 -1.66
CA ALA B 89 22.34 -32.88 -1.20
C ALA B 89 20.91 -33.44 -1.29
N PHE B 90 19.94 -32.76 -0.65
CA PHE B 90 18.52 -33.14 -0.65
C PHE B 90 17.84 -32.42 -1.82
N TYR B 91 17.42 -33.18 -2.85
CA TYR B 91 16.79 -32.65 -4.06
C TYR B 91 15.27 -32.60 -3.98
N LEU B 92 14.70 -31.41 -4.21
CA LEU B 92 13.25 -31.17 -4.17
C LEU B 92 12.73 -30.66 -5.51
N CYS B 93 11.65 -31.28 -6.00
CA CYS B 93 11.00 -30.93 -7.25
C CYS B 93 9.68 -30.21 -6.96
N ALA B 94 9.45 -29.08 -7.62
CA ALA B 94 8.24 -28.27 -7.43
C ALA B 94 7.48 -28.01 -8.74
N SER B 95 6.20 -27.58 -8.63
CA SER B 95 5.33 -27.27 -9.77
C SER B 95 4.30 -26.19 -9.39
N SER B 96 4.11 -25.21 -10.28
CA SER B 96 3.16 -24.12 -10.08
C SER B 96 2.10 -24.06 -11.17
N SER B 97 0.87 -23.65 -10.81
CA SER B 97 -0.25 -23.51 -11.74
C SER B 97 0.02 -22.37 -12.73
N ARG B 98 0.28 -22.75 -14.01
CA ARG B 98 0.63 -21.89 -15.15
C ARG B 98 2.03 -21.29 -15.04
N SER B 99 2.19 -20.16 -14.31
CA SER B 99 3.47 -19.44 -14.10
C SER B 99 3.34 -18.43 -12.97
N SER B 100 4.32 -18.43 -12.03
CA SER B 100 4.41 -17.54 -10.86
C SER B 100 3.15 -17.58 -9.96
N TYR B 101 2.78 -18.79 -9.51
CA TYR B 101 1.63 -19.02 -8.64
C TYR B 101 2.01 -19.97 -7.49
N GLU B 102 1.02 -20.69 -6.92
CA GLU B 102 1.14 -21.67 -5.83
C GLU B 102 2.10 -22.77 -6.23
N GLN B 103 3.29 -22.77 -5.61
CA GLN B 103 4.36 -23.72 -5.87
C GLN B 103 4.26 -24.90 -4.90
N TYR B 104 3.77 -26.04 -5.40
CA TYR B 104 3.60 -27.26 -4.61
C TYR B 104 4.85 -28.14 -4.71
N PHE B 105 5.42 -28.52 -3.55
CA PHE B 105 6.62 -29.34 -3.45
C PHE B 105 6.34 -30.82 -3.24
N GLY B 106 7.21 -31.66 -3.80
CA GLY B 106 7.12 -33.11 -3.71
C GLY B 106 7.76 -33.66 -2.44
N PRO B 107 7.85 -35.00 -2.28
CA PRO B 107 8.44 -35.58 -1.06
C PRO B 107 9.94 -35.32 -0.91
N GLY B 108 10.69 -35.41 -2.01
CA GLY B 108 12.13 -35.20 -2.04
C GLY B 108 12.95 -36.46 -2.16
N THR B 109 14.19 -36.32 -2.66
CA THR B 109 15.13 -37.43 -2.84
C THR B 109 16.48 -37.08 -2.20
N ARG B 110 17.01 -38.01 -1.37
CA ARG B 110 18.30 -37.85 -0.69
C ARG B 110 19.39 -38.56 -1.48
N LEU B 111 20.39 -37.80 -1.97
CA LEU B 111 21.50 -38.32 -2.76
C LEU B 111 22.82 -38.26 -1.99
N THR B 112 23.61 -39.35 -2.07
CA THR B 112 24.93 -39.46 -1.42
C THR B 112 25.94 -39.99 -2.45
N VAL B 113 27.00 -39.21 -2.70
CA VAL B 113 28.06 -39.53 -3.66
C VAL B 113 29.43 -39.61 -2.94
N THR B 114 30.13 -40.74 -3.10
CA THR B 114 31.45 -40.98 -2.51
C THR B 114 32.43 -41.58 -3.53
N GLU B 115 33.74 -41.27 -3.39
CA GLU B 115 34.80 -41.73 -4.27
C GLU B 115 35.04 -43.24 -4.17
N ASP B 116 35.20 -43.77 -2.94
CA ASP B 116 35.42 -45.19 -2.68
C ASP B 116 34.27 -45.83 -1.91
N LEU B 117 34.00 -47.11 -2.19
CA LEU B 117 32.94 -47.91 -1.56
C LEU B 117 33.26 -48.25 -0.10
N LYS B 118 34.56 -48.31 0.26
CA LYS B 118 35.11 -48.64 1.59
C LYS B 118 34.39 -47.99 2.81
N ASN B 119 33.67 -46.87 2.61
CA ASN B 119 32.96 -46.16 3.67
C ASN B 119 31.52 -46.66 3.92
N VAL B 120 30.93 -47.45 2.98
CA VAL B 120 29.57 -47.99 3.13
C VAL B 120 29.50 -49.07 4.24
N PHE B 121 28.62 -48.85 5.24
CA PHE B 121 28.48 -49.77 6.38
C PHE B 121 27.02 -50.06 6.76
N PRO B 122 26.68 -51.34 7.07
CA PRO B 122 25.30 -51.64 7.52
C PRO B 122 25.07 -51.19 8.97
N PRO B 123 23.82 -50.86 9.39
CA PRO B 123 23.63 -50.41 10.79
C PRO B 123 23.55 -51.53 11.81
N GLU B 124 24.17 -51.29 12.99
CA GLU B 124 24.16 -52.22 14.12
C GLU B 124 22.99 -51.83 15.04
N VAL B 125 21.95 -52.67 15.09
CA VAL B 125 20.73 -52.43 15.88
C VAL B 125 20.81 -53.13 17.25
N ALA B 126 20.54 -52.37 18.33
CA ALA B 126 20.55 -52.86 19.71
C ALA B 126 19.36 -52.30 20.49
N VAL B 127 18.55 -53.18 21.09
CA VAL B 127 17.37 -52.82 21.88
C VAL B 127 17.68 -52.94 23.38
N PHE B 128 17.52 -51.83 24.11
CA PHE B 128 17.77 -51.77 25.55
C PHE B 128 16.47 -51.96 26.34
N GLU B 129 16.46 -52.98 27.23
CA GLU B 129 15.33 -53.35 28.08
C GLU B 129 15.08 -52.28 29.16
N PRO B 130 13.81 -51.85 29.41
CA PRO B 130 13.58 -50.80 30.43
C PRO B 130 13.95 -51.18 31.87
N SER B 131 14.27 -50.15 32.70
CA SER B 131 14.68 -50.30 34.09
C SER B 131 13.56 -50.59 35.08
N GLU B 132 13.93 -51.18 36.23
CA GLU B 132 13.05 -51.53 37.35
C GLU B 132 12.55 -50.29 38.09
N ALA B 133 13.35 -49.21 38.10
CA ALA B 133 13.01 -47.94 38.75
C ALA B 133 11.97 -47.15 37.97
N GLU B 134 11.94 -47.29 36.63
CA GLU B 134 11.02 -46.60 35.73
C GLU B 134 9.57 -47.07 35.92
N ILE B 135 9.35 -48.38 36.14
CA ILE B 135 8.02 -48.98 36.34
C ILE B 135 7.43 -48.70 37.75
N SER B 136 8.23 -48.14 38.66
CA SER B 136 7.82 -47.82 40.03
C SER B 136 7.67 -46.32 40.27
N HIS B 137 8.66 -45.52 39.80
CA HIS B 137 8.68 -44.06 39.96
C HIS B 137 7.66 -43.35 39.05
N THR B 138 7.55 -43.78 37.78
CA THR B 138 6.64 -43.19 36.78
C THR B 138 5.49 -44.11 36.35
N GLN B 139 5.55 -45.42 36.73
CA GLN B 139 4.57 -46.47 36.42
C GLN B 139 4.41 -46.74 34.90
N LYS B 140 5.51 -46.56 34.14
CA LYS B 140 5.56 -46.76 32.68
C LYS B 140 6.93 -47.29 32.26
N ALA B 141 6.97 -48.05 31.16
CA ALA B 141 8.21 -48.64 30.61
C ALA B 141 8.58 -48.04 29.24
N THR B 142 9.87 -47.72 29.05
CA THR B 142 10.38 -47.15 27.81
C THR B 142 11.54 -47.96 27.23
N LEU B 143 11.36 -48.48 26.01
CA LEU B 143 12.36 -49.27 25.29
C LEU B 143 13.18 -48.35 24.38
N VAL B 144 14.52 -48.51 24.41
CA VAL B 144 15.45 -47.68 23.62
C VAL B 144 16.11 -48.49 22.50
N CYS B 145 16.00 -48.02 21.25
CA CYS B 145 16.61 -48.62 20.06
C CYS B 145 17.79 -47.77 19.64
N LEU B 146 18.92 -48.41 19.29
CA LEU B 146 20.14 -47.70 18.88
C LEU B 146 20.74 -48.27 17.60
N ALA B 147 20.87 -47.42 16.57
CA ALA B 147 21.47 -47.76 15.28
C ALA B 147 22.86 -47.12 15.27
N THR B 148 23.91 -47.95 15.33
CA THR B 148 25.30 -47.48 15.38
C THR B 148 26.17 -47.88 14.20
N GLY B 149 26.97 -46.92 13.72
CA GLY B 149 27.92 -47.07 12.63
C GLY B 149 27.33 -47.45 11.29
N PHE B 150 26.82 -46.46 10.56
CA PHE B 150 26.25 -46.65 9.22
C PHE B 150 26.46 -45.48 8.27
N TYR B 151 26.64 -45.79 6.98
CA TYR B 151 26.82 -44.83 5.90
C TYR B 151 26.29 -45.49 4.60
N PRO B 152 25.42 -44.81 3.80
CA PRO B 152 24.89 -43.44 3.96
C PRO B 152 23.82 -43.30 5.03
N ASP B 153 23.37 -42.06 5.29
CA ASP B 153 22.35 -41.71 6.28
C ASP B 153 20.91 -42.14 5.90
N HIS B 154 20.76 -42.94 4.83
CA HIS B 154 19.47 -43.42 4.34
C HIS B 154 18.95 -44.59 5.18
N VAL B 155 18.13 -44.29 6.20
CA VAL B 155 17.52 -45.27 7.11
C VAL B 155 16.03 -44.99 7.39
N GLU B 156 15.26 -46.07 7.58
CA GLU B 156 13.82 -46.02 7.90
C GLU B 156 13.53 -46.90 9.11
N LEU B 157 13.33 -46.28 10.28
CA LEU B 157 13.05 -46.98 11.53
C LEU B 157 11.56 -47.22 11.74
N SER B 158 11.21 -48.43 12.23
CA SER B 158 9.84 -48.85 12.52
C SER B 158 9.80 -49.83 13.69
N TRP B 159 8.92 -49.57 14.67
CA TRP B 159 8.75 -50.41 15.85
C TRP B 159 7.72 -51.50 15.58
N TRP B 160 8.11 -52.78 15.78
CA TRP B 160 7.25 -53.94 15.57
C TRP B 160 7.00 -54.69 16.88
N VAL B 161 5.73 -54.72 17.31
CA VAL B 161 5.29 -55.40 18.54
C VAL B 161 4.37 -56.57 18.17
N ASN B 162 4.76 -57.80 18.57
CA ASN B 162 4.04 -59.07 18.31
C ASN B 162 3.82 -59.36 16.82
N GLY B 163 4.83 -59.02 16.00
CA GLY B 163 4.80 -59.22 14.56
C GLY B 163 3.91 -58.24 13.81
N LYS B 164 3.69 -57.05 14.39
CA LYS B 164 2.86 -55.98 13.82
C LYS B 164 3.43 -54.61 14.15
N GLU B 165 3.46 -53.70 13.16
CA GLU B 165 3.99 -52.34 13.30
C GLU B 165 3.08 -51.47 14.17
N VAL B 166 3.71 -50.68 15.08
CA VAL B 166 3.00 -49.78 16.00
C VAL B 166 3.32 -48.31 15.74
N HIS B 167 2.37 -47.41 16.07
CA HIS B 167 2.52 -45.97 15.89
C HIS B 167 2.26 -45.16 17.17
N SER B 168 1.44 -45.70 18.09
CA SER B 168 1.10 -45.07 19.36
C SER B 168 2.26 -45.16 20.36
N GLY B 169 2.65 -44.00 20.90
CA GLY B 169 3.75 -43.87 21.85
C GLY B 169 5.13 -44.14 21.27
N VAL B 170 5.36 -43.67 20.03
CA VAL B 170 6.62 -43.83 19.31
C VAL B 170 7.30 -42.47 19.11
N CYS B 171 8.57 -42.37 19.53
CA CYS B 171 9.38 -41.16 19.40
C CYS B 171 10.71 -41.52 18.74
N THR B 172 10.98 -40.95 17.55
CA THR B 172 12.20 -41.21 16.78
C THR B 172 12.84 -39.95 16.21
N ASP B 173 14.17 -39.99 15.97
CA ASP B 173 14.95 -38.87 15.42
C ASP B 173 14.61 -38.66 13.93
N PRO B 174 14.42 -37.40 13.47
CA PRO B 174 14.07 -37.18 12.05
C PRO B 174 15.24 -37.37 11.08
N GLN B 175 16.47 -37.05 11.53
CA GLN B 175 17.71 -37.16 10.75
C GLN B 175 18.81 -37.82 11.57
N PRO B 176 19.64 -38.73 10.98
CA PRO B 176 20.70 -39.38 11.76
C PRO B 176 21.84 -38.44 12.13
N LEU B 177 22.22 -38.44 13.42
CA LEU B 177 23.28 -37.59 13.97
C LEU B 177 24.67 -38.20 13.69
N LYS B 178 25.62 -37.34 13.29
CA LYS B 178 27.00 -37.74 12.97
C LYS B 178 27.77 -38.20 14.21
N GLU B 179 28.53 -39.31 14.06
CA GLU B 179 29.36 -39.87 15.13
C GLU B 179 30.60 -39.01 15.34
N GLN B 180 31.27 -38.63 14.23
CA GLN B 180 32.47 -37.79 14.24
C GLN B 180 32.19 -36.54 13.38
N PRO B 181 31.93 -35.37 14.00
CA PRO B 181 31.63 -34.15 13.20
C PRO B 181 32.84 -33.56 12.48
N ALA B 182 34.07 -33.85 12.96
CA ALA B 182 35.33 -33.37 12.38
C ALA B 182 35.62 -34.02 11.01
N LEU B 183 35.33 -35.32 10.88
CA LEU B 183 35.53 -36.10 9.64
C LEU B 183 34.44 -35.77 8.62
N ASN B 184 34.85 -35.56 7.35
CA ASN B 184 33.95 -35.24 6.23
C ASN B 184 33.04 -36.41 5.85
N ASP B 185 33.62 -37.62 5.68
CA ASP B 185 32.89 -38.84 5.35
C ASP B 185 32.90 -39.78 6.57
N SER B 186 32.05 -39.47 7.57
CA SER B 186 31.94 -40.23 8.82
C SER B 186 30.61 -40.98 8.96
N ARG B 187 30.58 -41.95 9.89
CA ARG B 187 29.41 -42.80 10.19
C ARG B 187 28.29 -42.01 10.87
N TYR B 188 27.03 -42.40 10.62
CA TYR B 188 25.82 -41.79 11.18
C TYR B 188 25.22 -42.66 12.29
N ALA B 189 24.35 -42.06 13.13
CA ALA B 189 23.68 -42.75 14.24
C ALA B 189 22.26 -42.21 14.50
N LEU B 190 21.31 -43.13 14.75
CA LEU B 190 19.90 -42.78 15.03
C LEU B 190 19.38 -43.53 16.26
N SER B 191 18.58 -42.84 17.09
CA SER B 191 17.99 -43.40 18.31
C SER B 191 16.46 -43.26 18.31
N SER B 192 15.76 -44.22 18.96
CA SER B 192 14.31 -44.24 19.06
C SER B 192 13.83 -44.72 20.43
N ARG B 193 12.68 -44.19 20.89
CA ARG B 193 12.07 -44.53 22.17
C ARG B 193 10.60 -44.94 22.03
N LEU B 194 10.23 -46.06 22.66
CA LEU B 194 8.87 -46.60 22.64
C LEU B 194 8.33 -46.64 24.08
N ARG B 195 7.36 -45.75 24.37
CA ARG B 195 6.74 -45.67 25.70
C ARG B 195 5.47 -46.51 25.79
N VAL B 196 5.48 -47.49 26.72
CA VAL B 196 4.36 -48.40 26.99
C VAL B 196 4.07 -48.49 28.50
N SER B 197 2.94 -49.12 28.87
CA SER B 197 2.53 -49.31 30.26
C SER B 197 3.46 -50.28 31.00
N ALA B 198 3.50 -50.19 32.35
CA ALA B 198 4.32 -51.04 33.21
C ALA B 198 3.95 -52.52 33.08
N THR B 199 2.64 -52.82 32.93
CA THR B 199 2.10 -54.17 32.78
C THR B 199 2.45 -54.81 31.42
N PHE B 200 2.62 -53.98 30.38
CA PHE B 200 2.94 -54.40 29.01
C PHE B 200 4.33 -55.05 28.88
N TRP B 201 5.34 -54.48 29.58
CA TRP B 201 6.72 -54.99 29.56
C TRP B 201 6.92 -56.29 30.36
N GLN B 202 6.40 -56.33 31.61
CA GLN B 202 6.50 -57.47 32.54
C GLN B 202 5.73 -58.70 32.03
N ASP B 203 5.22 -58.62 30.79
CA ASP B 203 4.48 -59.67 30.11
C ASP B 203 5.44 -60.56 29.31
N PRO B 204 5.42 -61.90 29.57
CA PRO B 204 6.30 -62.80 28.81
C PRO B 204 5.85 -63.01 27.37
N ARG B 205 4.52 -63.07 27.11
CA ARG B 205 3.93 -63.28 25.78
C ARG B 205 4.16 -62.14 24.77
N ASN B 206 4.14 -60.87 25.22
CA ASN B 206 4.34 -59.70 24.36
C ASN B 206 5.82 -59.31 24.21
N HIS B 207 6.37 -59.43 22.98
CA HIS B 207 7.76 -59.09 22.67
C HIS B 207 7.87 -57.77 21.89
N PHE B 208 9.03 -57.10 21.99
CA PHE B 208 9.29 -55.82 21.33
C PHE B 208 10.50 -55.92 20.39
N ARG B 209 10.30 -55.51 19.11
CA ARG B 209 11.33 -55.55 18.07
C ARG B 209 11.46 -54.20 17.36
N CYS B 210 12.70 -53.77 17.11
CA CYS B 210 13.02 -52.51 16.42
C CYS B 210 13.61 -52.83 15.04
N GLN B 211 12.88 -52.45 13.98
CA GLN B 211 13.27 -52.69 12.59
C GLN B 211 13.86 -51.43 11.95
N VAL B 212 15.01 -51.60 11.25
CA VAL B 212 15.72 -50.52 10.56
C VAL B 212 15.92 -50.91 9.09
N GLN B 213 15.31 -50.14 8.16
CA GLN B 213 15.42 -50.36 6.72
C GLN B 213 16.55 -49.51 6.14
N PHE B 214 17.68 -50.16 5.82
CA PHE B 214 18.88 -49.51 5.27
C PHE B 214 18.86 -49.51 3.74
N TYR B 215 19.41 -48.43 3.13
CA TYR B 215 19.52 -48.26 1.69
C TYR B 215 20.99 -48.03 1.32
N GLY B 216 21.52 -48.91 0.47
CA GLY B 216 22.91 -48.85 0.03
C GLY B 216 23.15 -49.23 -1.42
N LEU B 217 23.93 -50.31 -1.63
CA LEU B 217 24.29 -50.82 -2.94
C LEU B 217 23.25 -51.80 -3.53
N SER B 218 23.42 -52.16 -4.83
CA SER B 218 22.54 -53.07 -5.57
C SER B 218 23.38 -54.04 -6.42
N GLU B 219 22.72 -54.77 -7.36
CA GLU B 219 23.37 -55.73 -8.26
C GLU B 219 24.29 -55.05 -9.28
N ASN B 220 24.03 -53.78 -9.62
CA ASN B 220 24.82 -52.97 -10.56
C ASN B 220 26.21 -52.66 -10.00
N ASP B 221 26.30 -52.45 -8.67
CA ASP B 221 27.55 -52.16 -7.96
C ASP B 221 28.42 -53.42 -7.85
N GLU B 222 29.73 -53.29 -8.11
CA GLU B 222 30.68 -54.40 -8.06
C GLU B 222 31.51 -54.39 -6.78
N TRP B 223 31.49 -55.52 -6.04
CA TRP B 223 32.18 -55.72 -4.78
C TRP B 223 33.02 -57.01 -4.85
N THR B 224 34.28 -56.95 -4.39
CA THR B 224 35.22 -58.07 -4.40
C THR B 224 35.77 -58.48 -3.02
N GLN B 225 35.45 -57.70 -1.96
CA GLN B 225 35.91 -57.93 -0.59
C GLN B 225 35.13 -59.02 0.17
N ASP B 226 35.74 -59.55 1.24
CA ASP B 226 35.18 -60.60 2.11
C ASP B 226 34.00 -60.10 2.94
N ARG B 227 34.12 -58.88 3.51
CA ARG B 227 33.12 -58.21 4.36
C ARG B 227 31.77 -58.11 3.62
N ALA B 228 30.68 -58.53 4.30
CA ALA B 228 29.30 -58.54 3.77
C ALA B 228 28.94 -57.26 3.01
N LYS B 229 28.49 -57.43 1.75
CA LYS B 229 28.11 -56.34 0.84
C LYS B 229 26.94 -55.51 1.41
N PRO B 230 27.18 -54.22 1.79
CA PRO B 230 26.08 -53.42 2.36
C PRO B 230 25.05 -53.00 1.31
N VAL B 231 24.03 -53.85 1.14
CA VAL B 231 22.92 -53.65 0.19
C VAL B 231 21.66 -53.16 0.92
N THR B 232 20.51 -53.09 0.20
CA THR B 232 19.22 -52.69 0.76
C THR B 232 18.72 -53.84 1.65
N GLN B 233 19.23 -53.89 2.89
CA GLN B 233 18.93 -54.93 3.87
C GLN B 233 18.17 -54.44 5.10
N ILE B 234 17.60 -55.40 5.86
CA ILE B 234 16.84 -55.14 7.09
C ILE B 234 17.60 -55.72 8.29
N VAL B 235 17.95 -54.86 9.26
CA VAL B 235 18.66 -55.25 10.49
C VAL B 235 17.71 -55.01 11.67
N SER B 236 17.47 -56.05 12.49
CA SER B 236 16.57 -55.97 13.63
C SER B 236 17.09 -56.64 14.90
N ALA B 237 16.71 -56.07 16.05
CA ALA B 237 17.05 -56.56 17.39
C ALA B 237 15.76 -56.68 18.22
N GLU B 238 15.68 -57.65 19.14
CA GLU B 238 14.47 -57.86 19.94
C GLU B 238 14.70 -58.16 21.44
N ALA B 239 13.69 -57.82 22.27
CA ALA B 239 13.64 -58.05 23.71
C ALA B 239 12.28 -58.63 24.07
N TRP B 240 12.27 -59.80 24.73
CA TRP B 240 11.03 -60.51 25.08
C TRP B 240 10.24 -59.93 26.25
N GLY B 241 10.92 -59.52 27.31
CA GLY B 241 10.28 -58.93 28.48
C GLY B 241 10.21 -59.85 29.68
N ARG B 242 10.96 -59.50 30.75
CA ARG B 242 11.02 -60.25 31.99
C ARG B 242 10.37 -59.48 33.15
N ALA B 243 9.62 -60.19 34.00
CA ALA B 243 8.93 -59.61 35.16
C ALA B 243 9.81 -59.69 36.41
N SER C 1 20.30 -16.65 -55.99
CA SER C 1 19.71 -15.32 -55.81
C SER C 1 20.27 -14.61 -54.58
N GLN C 2 20.27 -15.29 -53.41
CA GLN C 2 20.79 -14.73 -52.16
C GLN C 2 22.29 -15.02 -52.02
N PRO C 3 23.14 -14.00 -51.74
CA PRO C 3 24.58 -14.27 -51.61
C PRO C 3 24.95 -15.00 -50.32
N ASP C 4 25.99 -15.84 -50.38
CA ASP C 4 26.51 -16.63 -49.25
C ASP C 4 27.07 -15.74 -48.13
N PRO C 5 26.90 -16.11 -46.84
CA PRO C 5 27.40 -15.23 -45.75
C PRO C 5 28.91 -15.23 -45.57
N LYS C 6 29.44 -14.10 -45.08
CA LYS C 6 30.85 -13.88 -44.77
C LYS C 6 31.13 -14.33 -43.32
N PRO C 7 32.41 -14.62 -42.91
CA PRO C 7 32.65 -15.06 -41.52
C PRO C 7 32.18 -14.12 -40.41
N ASP C 8 32.15 -12.79 -40.69
CA ASP C 8 31.71 -11.77 -39.74
C ASP C 8 30.21 -11.42 -39.91
N GLU C 9 29.42 -12.35 -40.49
CA GLU C 9 27.98 -12.17 -40.73
C GLU C 9 27.11 -13.32 -40.21
N LEU C 10 27.70 -14.29 -39.48
CA LEU C 10 26.98 -15.44 -38.92
C LEU C 10 26.98 -15.44 -37.39
N HIS C 11 25.92 -16.02 -36.79
CA HIS C 11 25.75 -16.13 -35.34
C HIS C 11 26.77 -17.09 -34.73
N LYS C 12 27.40 -16.67 -33.61
CA LYS C 12 28.41 -17.45 -32.90
C LYS C 12 27.85 -18.15 -31.66
N SER C 13 28.24 -19.42 -31.48
CA SER C 13 27.81 -20.26 -30.34
C SER C 13 28.49 -19.84 -29.03
N SER C 14 29.73 -19.31 -29.11
CA SER C 14 30.51 -18.85 -27.96
C SER C 14 29.90 -17.62 -27.30
N LYS C 15 29.26 -16.74 -28.10
CA LYS C 15 28.60 -15.52 -27.63
C LYS C 15 27.30 -15.82 -26.88
N PHE C 16 26.58 -16.90 -27.31
CA PHE C 16 25.32 -17.34 -26.71
C PHE C 16 25.59 -18.06 -25.38
N THR C 17 25.18 -17.44 -24.26
CA THR C 17 25.38 -17.96 -22.90
C THR C 17 24.20 -18.77 -22.33
N GLY C 18 23.10 -18.83 -23.08
CA GLY C 18 21.90 -19.56 -22.68
C GLY C 18 21.97 -21.06 -22.87
N LEU C 19 20.80 -21.73 -22.91
CA LEU C 19 20.70 -23.18 -23.08
C LEU C 19 20.41 -23.54 -24.54
N MET C 20 21.23 -24.44 -25.10
CA MET C 20 21.10 -24.94 -26.47
C MET C 20 19.94 -25.94 -26.61
N GLU C 21 19.45 -26.47 -25.47
CA GLU C 21 18.34 -27.42 -25.39
C GLU C 21 17.04 -26.83 -25.96
N ASN C 22 16.85 -25.50 -25.84
CA ASN C 22 15.69 -24.75 -26.34
C ASN C 22 15.65 -24.74 -27.87
N MET C 23 16.83 -24.85 -28.53
CA MET C 23 16.98 -24.91 -29.99
C MET C 23 16.86 -26.38 -30.44
N LYS C 24 17.45 -27.31 -29.66
CA LYS C 24 17.47 -28.76 -29.90
C LYS C 24 16.07 -29.37 -29.98
N VAL C 25 15.16 -29.00 -29.04
CA VAL C 25 13.78 -29.48 -28.96
C VAL C 25 12.93 -29.21 -30.19
N LEU C 26 13.20 -28.08 -30.88
CA LEU C 26 12.51 -27.67 -32.11
C LEU C 26 12.87 -28.62 -33.26
N TYR C 27 14.14 -29.06 -33.30
CA TYR C 27 14.66 -29.97 -34.31
C TYR C 27 14.86 -31.40 -33.77
N ASP C 28 14.10 -31.74 -32.71
CA ASP C 28 14.10 -33.07 -32.09
C ASP C 28 13.11 -33.99 -32.84
N ASP C 29 12.67 -35.09 -32.21
CA ASP C 29 11.72 -36.01 -32.85
C ASP C 29 10.30 -35.44 -32.95
N ASN C 30 9.82 -34.80 -31.86
CA ASN C 30 8.47 -34.21 -31.79
C ASN C 30 8.30 -33.01 -32.72
N HIS C 31 7.32 -33.11 -33.63
CA HIS C 31 6.96 -32.08 -34.62
C HIS C 31 5.51 -32.24 -35.07
N VAL C 32 4.92 -31.17 -35.65
CA VAL C 32 3.55 -31.17 -36.16
C VAL C 32 3.55 -31.81 -37.56
N SER C 33 2.74 -32.86 -37.75
CA SER C 33 2.61 -33.57 -39.02
C SER C 33 1.16 -33.99 -39.25
N ALA C 34 0.57 -33.52 -40.37
CA ALA C 34 -0.82 -33.81 -40.74
C ALA C 34 -0.98 -33.92 -42.26
N ILE C 35 -1.88 -34.82 -42.72
CA ILE C 35 -2.15 -35.08 -44.13
C ILE C 35 -3.65 -34.90 -44.41
N ASN C 36 -3.99 -34.05 -45.41
CA ASN C 36 -5.35 -33.71 -45.87
C ASN C 36 -6.25 -33.19 -44.74
N VAL C 37 -5.98 -31.94 -44.29
CA VAL C 37 -6.70 -31.26 -43.22
C VAL C 37 -7.11 -29.83 -43.60
N LYS C 38 -8.31 -29.42 -43.18
CA LYS C 38 -8.85 -28.08 -43.43
C LYS C 38 -8.92 -27.31 -42.11
N SER C 39 -8.72 -25.97 -42.16
CA SER C 39 -8.74 -25.11 -40.98
C SER C 39 -10.14 -25.02 -40.37
N ILE C 40 -10.23 -25.21 -39.05
CA ILE C 40 -11.47 -25.18 -38.28
C ILE C 40 -11.82 -23.77 -37.76
N ASP C 41 -10.78 -22.97 -37.44
CA ASP C 41 -10.93 -21.60 -36.93
C ASP C 41 -9.77 -20.69 -37.35
N GLN C 42 -9.82 -19.41 -36.91
CA GLN C 42 -8.83 -18.37 -37.22
C GLN C 42 -8.76 -17.42 -36.01
N PHE C 43 -7.60 -17.36 -35.33
CA PHE C 43 -7.42 -16.47 -34.17
C PHE C 43 -7.28 -15.01 -34.63
N LEU C 44 -6.36 -14.77 -35.58
CA LEU C 44 -6.14 -13.45 -36.18
C LEU C 44 -6.06 -13.60 -37.70
N TYR C 45 -6.44 -12.54 -38.44
CA TYR C 45 -6.48 -12.48 -39.92
C TYR C 45 -5.29 -13.08 -40.66
N PHE C 46 -4.09 -13.08 -40.04
CA PHE C 46 -2.84 -13.60 -40.60
C PHE C 46 -2.50 -15.06 -40.22
N ASP C 47 -3.35 -15.74 -39.42
CA ASP C 47 -3.11 -17.12 -39.01
C ASP C 47 -4.29 -18.08 -39.27
N LEU C 48 -4.10 -19.39 -38.97
CA LEU C 48 -5.11 -20.44 -39.15
C LEU C 48 -5.03 -21.48 -38.03
N ILE C 49 -6.19 -21.99 -37.57
CA ILE C 49 -6.27 -23.00 -36.51
C ILE C 49 -6.67 -24.35 -37.09
N TYR C 50 -5.88 -25.40 -36.82
CA TYR C 50 -6.10 -26.77 -37.28
C TYR C 50 -6.29 -27.73 -36.12
N SER C 51 -7.14 -28.76 -36.31
CA SER C 51 -7.42 -29.76 -35.29
C SER C 51 -6.50 -30.98 -35.46
N ILE C 52 -5.26 -30.86 -34.96
CA ILE C 52 -4.25 -31.93 -35.03
C ILE C 52 -3.94 -32.39 -33.60
N LYS C 53 -4.26 -33.66 -33.29
CA LYS C 53 -4.02 -34.25 -31.98
C LYS C 53 -2.67 -34.97 -31.95
N ASP C 54 -1.86 -34.71 -30.91
CA ASP C 54 -0.55 -35.33 -30.74
C ASP C 54 -0.72 -36.79 -30.31
N THR C 55 -0.45 -37.71 -31.23
CA THR C 55 -0.57 -39.16 -31.01
C THR C 55 0.67 -39.74 -30.33
N LYS C 56 1.80 -39.01 -30.39
CA LYS C 56 3.09 -39.43 -29.83
C LYS C 56 3.22 -39.16 -28.33
N LEU C 57 3.01 -37.89 -27.89
CA LEU C 57 3.14 -37.49 -26.47
C LEU C 57 1.86 -36.96 -25.84
N GLY C 58 0.99 -36.35 -26.65
CA GLY C 58 -0.28 -35.78 -26.20
C GLY C 58 -0.17 -34.40 -25.59
N ASN C 59 0.81 -33.60 -26.07
CA ASN C 59 1.07 -32.23 -25.60
C ASN C 59 0.15 -31.18 -26.23
N TYR C 60 -0.53 -31.53 -27.34
CA TYR C 60 -1.43 -30.62 -28.05
C TYR C 60 -2.65 -31.28 -28.69
N ASP C 61 -3.73 -30.49 -28.87
CA ASP C 61 -4.99 -30.90 -29.48
C ASP C 61 -5.31 -30.00 -30.68
N ASN C 62 -4.90 -28.72 -30.61
CA ASN C 62 -5.10 -27.71 -31.66
C ASN C 62 -3.79 -27.01 -32.00
N VAL C 63 -3.52 -26.82 -33.31
CA VAL C 63 -2.29 -26.18 -33.82
C VAL C 63 -2.60 -24.83 -34.49
N ARG C 64 -1.78 -23.80 -34.19
CA ARG C 64 -1.88 -22.47 -34.77
C ARG C 64 -0.79 -22.32 -35.82
N VAL C 65 -1.18 -22.03 -37.07
CA VAL C 65 -0.24 -21.84 -38.19
C VAL C 65 -0.25 -20.36 -38.57
N GLU C 66 0.84 -19.64 -38.23
CA GLU C 66 1.00 -18.20 -38.49
C GLU C 66 1.70 -17.89 -39.81
N PHE C 67 1.33 -16.77 -40.44
CA PHE C 67 1.91 -16.26 -41.69
C PHE C 67 2.23 -14.78 -41.53
N LYS C 68 3.08 -14.23 -42.42
CA LYS C 68 3.45 -12.81 -42.39
C LYS C 68 2.34 -11.86 -42.84
N ASN C 69 1.54 -12.28 -43.84
CA ASN C 69 0.44 -11.48 -44.39
C ASN C 69 -0.92 -12.20 -44.36
N LYS C 70 -2.01 -11.43 -44.54
CA LYS C 70 -3.40 -11.91 -44.57
C LYS C 70 -3.67 -12.79 -45.79
N ASP C 71 -3.04 -12.46 -46.94
CA ASP C 71 -3.17 -13.15 -48.23
C ASP C 71 -2.82 -14.64 -48.17
N LEU C 72 -1.78 -15.00 -47.37
CA LEU C 72 -1.35 -16.39 -47.19
C LEU C 72 -2.36 -17.20 -46.37
N ALA C 73 -2.98 -16.56 -45.36
CA ALA C 73 -3.99 -17.19 -44.50
C ALA C 73 -5.31 -17.42 -45.25
N ASP C 74 -5.69 -16.48 -46.14
CA ASP C 74 -6.90 -16.56 -46.96
C ASP C 74 -6.78 -17.64 -48.04
N LYS C 75 -5.54 -17.89 -48.53
CA LYS C 75 -5.21 -18.87 -49.56
C LYS C 75 -5.49 -20.31 -49.11
N TYR C 76 -5.08 -20.67 -47.87
CA TYR C 76 -5.25 -22.02 -47.31
C TYR C 76 -6.39 -22.10 -46.28
N LYS C 77 -7.30 -21.10 -46.27
CA LYS C 77 -8.45 -21.00 -45.35
C LYS C 77 -9.48 -22.12 -45.55
N ASP C 78 -9.91 -22.36 -46.81
CA ASP C 78 -10.91 -23.38 -47.13
C ASP C 78 -10.33 -24.54 -47.96
N LYS C 79 -8.98 -24.66 -48.00
CA LYS C 79 -8.28 -25.71 -48.74
C LYS C 79 -7.81 -26.84 -47.82
N TYR C 80 -7.86 -28.09 -48.34
CA TYR C 80 -7.37 -29.28 -47.65
C TYR C 80 -5.86 -29.32 -47.85
N VAL C 81 -5.10 -29.06 -46.78
CA VAL C 81 -3.64 -28.97 -46.84
C VAL C 81 -2.87 -29.99 -46.00
N ASP C 82 -1.54 -30.05 -46.19
CA ASP C 82 -0.60 -30.89 -45.47
C ASP C 82 0.21 -29.99 -44.55
N VAL C 83 0.10 -30.20 -43.23
CA VAL C 83 0.80 -29.39 -42.22
C VAL C 83 2.09 -30.08 -41.78
N PHE C 84 3.22 -29.36 -41.84
CA PHE C 84 4.55 -29.85 -41.44
C PHE C 84 5.45 -28.70 -40.98
N GLY C 85 6.16 -28.91 -39.88
CA GLY C 85 7.08 -27.93 -39.32
C GLY C 85 7.27 -28.01 -37.82
N ALA C 86 8.31 -27.33 -37.32
CA ALA C 86 8.65 -27.27 -35.90
C ALA C 86 7.68 -26.38 -35.13
N ASN C 87 7.35 -26.80 -33.89
CA ASN C 87 6.39 -26.08 -33.04
C ASN C 87 6.98 -25.63 -31.69
N TYR C 88 6.37 -24.59 -31.10
CA TYR C 88 6.74 -24.03 -29.81
C TYR C 88 5.54 -23.94 -28.86
N TYR C 89 5.78 -24.06 -27.55
CA TYR C 89 4.74 -23.99 -26.53
C TYR C 89 4.83 -22.72 -25.69
N TYR C 90 6.07 -22.23 -25.44
CA TYR C 90 6.31 -21.01 -24.66
C TYR C 90 5.93 -19.77 -25.46
N GLN C 91 5.08 -18.92 -24.87
CA GLN C 91 4.55 -17.68 -25.45
C GLN C 91 3.67 -17.94 -26.70
N CYS C 92 2.91 -19.05 -26.67
CA CYS C 92 1.97 -19.48 -27.71
C CYS C 92 0.56 -19.31 -27.15
N TYR C 93 -0.20 -18.35 -27.71
CA TYR C 93 -1.57 -18.06 -27.26
C TYR C 93 -2.53 -17.88 -28.43
N PHE C 94 -3.73 -18.47 -28.29
CA PHE C 94 -4.84 -18.40 -29.24
C PHE C 94 -6.13 -18.97 -28.64
N SER C 95 -7.29 -18.60 -29.23
CA SER C 95 -8.59 -19.09 -28.79
C SER C 95 -9.29 -19.83 -29.93
N LYS C 96 -9.97 -20.92 -29.58
CA LYS C 96 -10.71 -21.77 -30.52
C LYS C 96 -12.20 -21.69 -30.22
N LYS C 97 -13.02 -21.40 -31.25
CA LYS C 97 -14.47 -21.29 -31.13
C LYS C 97 -15.12 -22.65 -30.94
N THR C 98 -16.10 -22.72 -30.02
CA THR C 98 -16.83 -23.95 -29.70
C THR C 98 -18.35 -23.75 -29.85
N ASN C 99 -19.01 -24.67 -30.57
CA ASN C 99 -20.46 -24.63 -30.81
C ASN C 99 -21.21 -25.37 -29.70
N LYS C 108 -8.29 -29.42 -26.10
CA LYS C 108 -7.99 -28.80 -24.81
C LYS C 108 -6.61 -28.15 -24.79
N ARG C 109 -5.55 -28.94 -25.09
CA ARG C 109 -4.16 -28.46 -25.13
C ARG C 109 -3.85 -27.70 -26.43
N LYS C 110 -2.72 -26.96 -26.48
CA LYS C 110 -2.38 -26.14 -27.65
C LYS C 110 -0.88 -26.01 -28.00
N THR C 111 -0.58 -25.70 -29.29
CA THR C 111 0.75 -25.47 -29.85
C THR C 111 0.71 -24.46 -31.01
N CYS C 112 1.83 -23.75 -31.25
CA CYS C 112 1.96 -22.74 -32.31
C CYS C 112 3.13 -23.02 -33.25
N MET C 113 2.99 -22.64 -34.53
CA MET C 113 3.99 -22.80 -35.59
C MET C 113 3.84 -21.75 -36.72
N TYR C 114 4.87 -21.63 -37.59
CA TYR C 114 4.87 -20.69 -38.72
C TYR C 114 4.92 -21.41 -40.06
N GLY C 115 3.95 -21.12 -40.92
CA GLY C 115 3.80 -21.67 -42.26
C GLY C 115 3.87 -23.18 -42.36
N GLY C 116 4.57 -23.67 -43.38
CA GLY C 116 4.75 -25.08 -43.65
C GLY C 116 3.51 -25.81 -44.11
N VAL C 117 2.68 -25.15 -44.94
CA VAL C 117 1.45 -25.72 -45.48
C VAL C 117 1.44 -25.78 -47.01
N THR C 118 1.10 -26.95 -47.56
CA THR C 118 1.03 -27.23 -49.00
C THR C 118 -0.28 -27.95 -49.31
N GLU C 119 -0.90 -27.62 -50.46
CA GLU C 119 -2.16 -28.23 -50.92
C GLU C 119 -2.03 -29.74 -51.11
N HIS C 120 -3.09 -30.49 -50.79
CA HIS C 120 -3.10 -31.96 -50.88
C HIS C 120 -3.19 -32.50 -52.31
N ASN C 121 -4.28 -32.18 -53.03
CA ASN C 121 -4.51 -32.64 -54.41
C ASN C 121 -3.58 -31.99 -55.43
N GLY C 122 -3.04 -32.82 -56.33
CA GLY C 122 -2.14 -32.41 -57.39
C GLY C 122 -0.72 -32.07 -56.95
N ASN C 123 -0.33 -32.54 -55.74
CA ASN C 123 0.99 -32.29 -55.18
C ASN C 123 1.66 -33.57 -54.66
N GLN C 124 0.85 -34.59 -54.32
CA GLN C 124 1.31 -35.89 -53.82
C GLN C 124 2.04 -36.72 -54.87
N LEU C 125 3.08 -37.44 -54.44
CA LEU C 125 3.90 -38.31 -55.31
C LEU C 125 3.59 -39.79 -55.05
N ASP C 126 3.74 -40.63 -56.10
CA ASP C 126 3.51 -42.07 -56.02
C ASP C 126 4.64 -42.78 -55.24
N LYS C 127 5.87 -42.25 -55.33
CA LYS C 127 7.05 -42.78 -54.64
C LYS C 127 7.83 -41.67 -53.94
N TYR C 128 8.48 -42.01 -52.80
CA TYR C 128 9.28 -41.08 -51.99
C TYR C 128 10.54 -40.63 -52.71
N ARG C 129 10.73 -39.31 -52.83
CA ARG C 129 11.87 -38.69 -53.49
C ARG C 129 12.97 -38.37 -52.48
N SER C 130 14.21 -38.75 -52.80
CA SER C 130 15.38 -38.51 -51.96
C SER C 130 16.17 -37.31 -52.45
N ILE C 131 16.40 -36.32 -51.56
CA ILE C 131 17.14 -35.10 -51.86
C ILE C 131 18.51 -35.16 -51.18
N THR C 132 19.59 -35.17 -51.99
CA THR C 132 20.98 -35.25 -51.53
C THR C 132 21.41 -34.00 -50.76
N VAL C 133 22.11 -34.20 -49.64
CA VAL C 133 22.63 -33.12 -48.79
C VAL C 133 24.06 -33.37 -48.31
N ARG C 134 25.00 -32.54 -48.76
CA ARG C 134 26.42 -32.61 -48.42
C ARG C 134 26.73 -31.68 -47.25
N VAL C 135 27.32 -32.23 -46.18
CA VAL C 135 27.69 -31.48 -44.98
C VAL C 135 29.18 -31.14 -45.03
N PHE C 136 29.49 -29.83 -45.00
CA PHE C 136 30.87 -29.31 -45.05
C PHE C 136 31.31 -28.84 -43.68
N GLU C 137 32.37 -29.46 -43.13
CA GLU C 137 32.94 -29.10 -41.84
C GLU C 137 34.31 -28.45 -42.07
N ASP C 138 34.41 -27.13 -41.78
CA ASP C 138 35.60 -26.29 -41.97
C ASP C 138 36.09 -26.25 -43.43
N GLY C 139 35.14 -26.24 -44.35
CA GLY C 139 35.39 -26.22 -45.79
C GLY C 139 35.34 -27.58 -46.45
N LYS C 140 36.02 -28.57 -45.83
CA LYS C 140 36.11 -29.95 -46.31
C LYS C 140 34.80 -30.73 -46.14
N ASN C 141 34.44 -31.53 -47.16
CA ASN C 141 33.24 -32.35 -47.18
C ASN C 141 33.56 -33.75 -46.62
N LEU C 142 32.76 -34.22 -45.65
CA LEU C 142 32.93 -35.52 -45.01
C LEU C 142 31.63 -36.32 -44.88
N LEU C 143 30.52 -35.64 -44.55
CA LEU C 143 29.21 -36.28 -44.39
C LEU C 143 28.28 -35.96 -45.57
N SER C 144 27.54 -36.98 -46.04
CA SER C 144 26.58 -36.88 -47.14
C SER C 144 25.43 -37.86 -46.93
N PHE C 145 24.20 -37.34 -46.92
CA PHE C 145 22.97 -38.14 -46.72
C PHE C 145 21.79 -37.67 -47.58
N ASP C 146 20.63 -38.33 -47.45
CA ASP C 146 19.42 -38.01 -48.22
C ASP C 146 18.22 -37.67 -47.33
N VAL C 147 17.30 -36.83 -47.86
CA VAL C 147 16.07 -36.39 -47.21
C VAL C 147 14.87 -36.92 -48.01
N GLN C 148 13.98 -37.68 -47.35
CA GLN C 148 12.80 -38.27 -47.98
C GLN C 148 11.55 -37.40 -47.88
N THR C 149 10.79 -37.31 -48.99
CA THR C 149 9.53 -36.56 -49.12
C THR C 149 8.59 -37.14 -50.18
N ASN C 150 7.27 -37.01 -49.99
CA ASN C 150 6.26 -37.52 -50.90
C ASN C 150 5.43 -36.40 -51.60
N LYS C 151 5.99 -35.18 -51.65
CA LYS C 151 5.34 -34.03 -52.28
C LYS C 151 6.21 -33.35 -53.34
N LYS C 152 5.58 -32.90 -54.45
CA LYS C 152 6.24 -32.22 -55.57
C LYS C 152 6.83 -30.88 -55.14
N LYS C 153 6.01 -29.99 -54.56
CA LYS C 153 6.42 -28.69 -54.05
C LYS C 153 6.49 -28.78 -52.53
N VAL C 154 7.72 -28.69 -51.98
CA VAL C 154 7.96 -28.80 -50.54
C VAL C 154 8.44 -27.51 -49.89
N THR C 155 7.96 -27.24 -48.66
CA THR C 155 8.33 -26.05 -47.88
C THR C 155 9.76 -26.15 -47.37
N ALA C 156 10.42 -24.98 -47.19
CA ALA C 156 11.79 -24.88 -46.69
C ALA C 156 11.90 -25.39 -45.24
N GLN C 157 10.83 -25.20 -44.43
CA GLN C 157 10.72 -25.64 -43.04
C GLN C 157 10.78 -27.17 -42.94
N GLU C 158 10.08 -27.87 -43.86
CA GLU C 158 10.03 -29.33 -43.94
C GLU C 158 11.41 -29.92 -44.21
N LEU C 159 12.15 -29.33 -45.16
CA LEU C 159 13.51 -29.78 -45.53
C LEU C 159 14.55 -29.42 -44.49
N ASP C 160 14.42 -28.23 -43.84
CA ASP C 160 15.34 -27.76 -42.80
C ASP C 160 15.24 -28.63 -41.55
N TYR C 161 14.01 -29.02 -41.15
CA TYR C 161 13.76 -29.87 -39.99
C TYR C 161 14.41 -31.25 -40.14
N LEU C 162 14.11 -31.96 -41.25
CA LEU C 162 14.61 -33.30 -41.55
C LEU C 162 16.15 -33.37 -41.65
N THR C 163 16.78 -32.30 -42.17
CA THR C 163 18.24 -32.20 -42.31
C THR C 163 18.89 -32.01 -40.93
N ARG C 164 18.37 -31.05 -40.13
CA ARG C 164 18.88 -30.74 -38.79
C ARG C 164 18.66 -31.89 -37.81
N HIS C 165 17.49 -32.58 -37.88
CA HIS C 165 17.15 -33.72 -37.02
C HIS C 165 18.15 -34.87 -37.15
N TYR C 166 18.63 -35.12 -38.39
CA TYR C 166 19.62 -36.16 -38.70
C TYR C 166 20.98 -35.75 -38.11
N LEU C 167 21.29 -34.43 -38.12
CA LEU C 167 22.55 -33.88 -37.60
C LEU C 167 22.56 -33.73 -36.07
N VAL C 168 21.38 -33.81 -35.41
CA VAL C 168 21.24 -33.72 -33.96
C VAL C 168 21.52 -35.09 -33.31
N LYS C 169 20.98 -36.18 -33.90
CA LYS C 169 21.14 -37.54 -33.40
C LYS C 169 22.44 -38.24 -33.82
N ASN C 170 22.98 -37.93 -35.02
CA ASN C 170 24.21 -38.54 -35.54
C ASN C 170 25.45 -37.66 -35.39
N LYS C 171 25.38 -36.41 -35.88
CA LYS C 171 26.50 -35.45 -35.84
C LYS C 171 26.54 -34.59 -34.58
N LYS C 172 25.48 -34.65 -33.73
CA LYS C 172 25.31 -33.90 -32.49
C LYS C 172 25.43 -32.38 -32.71
N LEU C 173 24.45 -31.82 -33.46
CA LEU C 173 24.37 -30.39 -33.80
C LEU C 173 24.15 -29.54 -32.55
N TYR C 174 23.02 -29.76 -31.85
CA TYR C 174 22.68 -29.02 -30.63
C TYR C 174 22.65 -29.96 -29.44
N GLU C 175 23.28 -29.54 -28.33
CA GLU C 175 23.33 -30.30 -27.09
C GLU C 175 22.50 -29.59 -26.01
N PHE C 176 22.78 -29.84 -24.72
CA PHE C 176 22.04 -29.22 -23.62
C PHE C 176 22.49 -27.79 -23.34
N ASN C 177 23.79 -27.59 -23.04
CA ASN C 177 24.35 -26.28 -22.71
C ASN C 177 24.72 -25.46 -23.95
N ASN C 178 25.65 -25.99 -24.78
CA ASN C 178 26.12 -25.33 -26.00
C ASN C 178 26.27 -26.30 -27.18
N SER C 179 26.67 -25.79 -28.36
CA SER C 179 26.86 -26.55 -29.59
C SER C 179 28.36 -26.78 -29.88
N PRO C 180 28.77 -27.97 -30.39
CA PRO C 180 30.20 -28.18 -30.70
C PRO C 180 30.70 -27.35 -31.89
N TYR C 181 29.76 -26.86 -32.73
CA TYR C 181 30.03 -26.04 -33.91
C TYR C 181 29.81 -24.56 -33.57
N GLU C 182 30.76 -23.70 -33.98
CA GLU C 182 30.71 -22.25 -33.74
C GLU C 182 29.66 -21.57 -34.63
N THR C 183 29.78 -21.72 -35.96
CA THR C 183 28.86 -21.14 -36.95
C THR C 183 28.28 -22.23 -37.86
N GLY C 184 27.07 -21.99 -38.37
CA GLY C 184 26.38 -22.91 -39.24
C GLY C 184 25.23 -22.30 -40.02
N TYR C 185 25.12 -22.65 -41.31
CA TYR C 185 24.05 -22.18 -42.19
C TYR C 185 23.58 -23.24 -43.20
N ILE C 186 22.25 -23.36 -43.36
CA ILE C 186 21.61 -24.31 -44.27
C ILE C 186 21.20 -23.62 -45.59
N LYS C 187 21.81 -24.04 -46.71
CA LYS C 187 21.55 -23.47 -48.04
C LYS C 187 20.68 -24.38 -48.90
N PHE C 188 19.71 -23.79 -49.61
CA PHE C 188 18.79 -24.49 -50.50
C PHE C 188 19.02 -24.00 -51.93
N ILE C 189 19.60 -24.86 -52.79
CA ILE C 189 19.94 -24.52 -54.18
C ILE C 189 18.97 -25.18 -55.18
N GLU C 190 18.44 -24.38 -56.13
CA GLU C 190 17.54 -24.82 -57.18
C GLU C 190 17.87 -24.10 -58.49
N ASN C 191 18.45 -24.84 -59.46
CA ASN C 191 18.86 -24.38 -60.80
C ASN C 191 19.87 -23.21 -60.77
N GLU C 192 19.38 -21.98 -60.52
CA GLU C 192 20.19 -20.76 -60.46
C GLU C 192 19.95 -19.99 -59.16
N ASN C 193 18.72 -20.06 -58.64
CA ASN C 193 18.30 -19.40 -57.40
C ASN C 193 18.72 -20.20 -56.17
N SER C 194 19.23 -19.49 -55.14
CA SER C 194 19.67 -20.08 -53.87
C SER C 194 19.39 -19.15 -52.69
N PHE C 195 19.03 -19.73 -51.53
CA PHE C 195 18.73 -19.00 -50.29
C PHE C 195 19.22 -19.78 -49.06
N TRP C 196 19.66 -19.05 -48.02
CA TRP C 196 20.20 -19.66 -46.79
C TRP C 196 19.54 -19.16 -45.51
N TYR C 197 19.58 -20.01 -44.45
CA TYR C 197 19.07 -19.73 -43.12
C TYR C 197 20.14 -20.00 -42.06
N ASP C 198 20.30 -19.09 -41.09
CA ASP C 198 21.27 -19.24 -40.00
C ASP C 198 20.78 -20.32 -39.03
N MET C 199 21.65 -21.29 -38.73
CA MET C 199 21.34 -22.43 -37.84
C MET C 199 21.63 -22.12 -36.36
N MET C 200 22.59 -21.22 -36.09
CA MET C 200 23.00 -20.85 -34.73
C MET C 200 22.12 -19.75 -34.09
N PRO C 201 21.93 -19.77 -32.74
CA PRO C 201 21.08 -18.73 -32.12
C PRO C 201 21.77 -17.38 -31.97
N ALA C 202 20.96 -16.31 -31.83
CA ALA C 202 21.40 -14.92 -31.65
C ALA C 202 22.20 -14.74 -30.35
N PRO C 203 23.21 -13.83 -30.30
CA PRO C 203 24.00 -13.67 -29.05
C PRO C 203 23.18 -13.13 -27.88
N GLY C 204 23.40 -13.71 -26.71
CA GLY C 204 22.74 -13.34 -25.47
C GLY C 204 22.52 -14.51 -24.53
N ASP C 205 21.91 -14.23 -23.36
CA ASP C 205 21.62 -15.22 -22.31
C ASP C 205 20.25 -15.88 -22.48
N LYS C 206 19.39 -15.33 -23.37
CA LYS C 206 18.05 -15.84 -23.61
C LYS C 206 17.80 -16.16 -25.08
N PHE C 207 17.00 -17.21 -25.34
CA PHE C 207 16.62 -17.66 -26.68
C PHE C 207 15.10 -17.71 -26.79
N ASP C 208 14.55 -17.04 -27.81
CA ASP C 208 13.12 -17.01 -28.07
C ASP C 208 12.80 -17.92 -29.25
N GLN C 209 12.00 -18.97 -29.01
CA GLN C 209 11.60 -19.96 -30.02
C GLN C 209 10.70 -19.35 -31.10
N SER C 210 9.71 -18.55 -30.69
CA SER C 210 8.75 -17.86 -31.58
C SER C 210 9.43 -16.87 -32.52
N LYS C 211 10.45 -16.14 -32.02
CA LYS C 211 11.22 -15.16 -32.78
C LYS C 211 12.09 -15.85 -33.84
N TYR C 212 12.69 -17.00 -33.49
CA TYR C 212 13.54 -17.78 -34.39
C TYR C 212 12.71 -18.49 -35.47
N LEU C 213 11.61 -19.18 -35.08
CA LEU C 213 10.73 -19.90 -36.00
C LEU C 213 9.94 -18.98 -36.94
N MET C 214 9.93 -17.66 -36.66
CA MET C 214 9.24 -16.63 -37.44
C MET C 214 9.76 -16.51 -38.89
N MET C 215 11.00 -16.98 -39.16
CA MET C 215 11.61 -16.96 -40.50
C MET C 215 10.88 -17.87 -41.50
N TYR C 216 10.06 -18.82 -40.99
CA TYR C 216 9.29 -19.78 -41.77
C TYR C 216 7.88 -19.27 -42.14
N ASN C 217 7.48 -18.06 -41.65
CA ASN C 217 6.16 -17.48 -41.92
C ASN C 217 5.89 -17.12 -43.39
N ASP C 218 6.97 -16.97 -44.19
CA ASP C 218 6.91 -16.65 -45.63
C ASP C 218 6.35 -17.80 -46.48
N ASN C 219 6.37 -19.04 -45.92
CA ASN C 219 5.90 -20.29 -46.55
C ASN C 219 6.61 -20.56 -47.89
N LYS C 220 7.96 -20.41 -47.89
CA LYS C 220 8.82 -20.60 -49.05
C LYS C 220 8.85 -22.06 -49.52
N MET C 221 8.29 -22.30 -50.72
CA MET C 221 8.19 -23.61 -51.34
C MET C 221 9.24 -23.81 -52.45
N VAL C 222 9.78 -25.03 -52.54
CA VAL C 222 10.77 -25.44 -53.54
C VAL C 222 10.41 -26.80 -54.13
N ASP C 223 10.64 -26.97 -55.45
CA ASP C 223 10.35 -28.22 -56.17
C ASP C 223 11.37 -29.29 -55.82
N SER C 224 10.88 -30.46 -55.35
CA SER C 224 11.68 -31.61 -54.92
C SER C 224 12.56 -32.25 -56.01
N LYS C 225 12.18 -32.09 -57.29
CA LYS C 225 12.90 -32.64 -58.44
C LYS C 225 14.22 -31.90 -58.74
N ASP C 226 14.28 -30.58 -58.47
CA ASP C 226 15.45 -29.75 -58.76
C ASP C 226 16.23 -29.24 -57.54
N VAL C 227 15.63 -29.32 -56.33
CA VAL C 227 16.26 -28.85 -55.08
C VAL C 227 17.43 -29.73 -54.60
N LYS C 228 18.49 -29.07 -54.07
CA LYS C 228 19.69 -29.69 -53.50
C LYS C 228 20.17 -28.86 -52.31
N ILE C 229 20.29 -29.51 -51.13
CA ILE C 229 20.66 -28.88 -49.86
C ILE C 229 22.17 -28.95 -49.60
N GLU C 230 22.74 -27.87 -49.03
CA GLU C 230 24.15 -27.76 -48.65
C GLU C 230 24.28 -27.13 -47.26
N VAL C 231 24.98 -27.83 -46.34
CA VAL C 231 25.20 -27.39 -44.95
C VAL C 231 26.68 -27.08 -44.74
N TYR C 232 26.99 -25.87 -44.22
CA TYR C 232 28.35 -25.42 -43.94
C TYR C 232 28.51 -25.14 -42.45
N LEU C 233 29.43 -25.89 -41.80
CA LEU C 233 29.70 -25.78 -40.37
C LEU C 233 31.19 -25.50 -40.08
N THR C 234 31.46 -24.76 -38.99
CA THR C 234 32.81 -24.39 -38.55
C THR C 234 32.98 -24.65 -37.05
N THR C 235 34.11 -25.26 -36.65
CA THR C 235 34.43 -25.57 -35.26
C THR C 235 35.09 -24.36 -34.60
N GLU D 4 -6.41 14.40 -13.08
CA GLU D 4 -5.28 15.15 -13.62
C GLU D 4 -4.57 14.36 -14.73
N HIS D 5 -4.18 13.11 -14.44
CA HIS D 5 -3.48 12.23 -15.39
C HIS D 5 -4.16 10.86 -15.47
N VAL D 6 -4.46 10.41 -16.70
CA VAL D 6 -5.14 9.13 -16.94
C VAL D 6 -4.29 8.19 -17.80
N ILE D 7 -4.05 6.96 -17.32
CA ILE D 7 -3.32 5.92 -18.02
C ILE D 7 -4.30 4.79 -18.35
N ILE D 8 -4.60 4.59 -19.65
CA ILE D 8 -5.57 3.58 -20.10
C ILE D 8 -4.91 2.44 -20.85
N GLN D 9 -5.16 1.19 -20.39
CA GLN D 9 -4.70 -0.02 -21.05
C GLN D 9 -5.90 -0.48 -21.89
N ALA D 10 -6.00 0.05 -23.12
CA ALA D 10 -7.10 -0.25 -24.03
C ALA D 10 -6.76 -1.40 -24.95
N GLU D 11 -7.69 -2.36 -25.07
CA GLU D 11 -7.55 -3.54 -25.91
C GLU D 11 -8.89 -4.00 -26.47
N PHE D 12 -8.89 -4.43 -27.75
CA PHE D 12 -10.11 -4.90 -28.41
C PHE D 12 -9.90 -6.09 -29.35
N TYR D 13 -11.02 -6.71 -29.73
CA TYR D 13 -11.10 -7.80 -30.69
C TYR D 13 -12.41 -7.65 -31.47
N LEU D 14 -12.35 -7.84 -32.79
CA LEU D 14 -13.52 -7.69 -33.66
C LEU D 14 -13.73 -8.90 -34.59
N ASN D 15 -14.99 -9.36 -34.67
CA ASN D 15 -15.44 -10.47 -35.52
C ASN D 15 -16.42 -9.92 -36.57
N PRO D 16 -16.44 -10.40 -37.84
CA PRO D 16 -15.63 -11.49 -38.42
C PRO D 16 -14.30 -11.03 -39.02
N ASP D 17 -13.87 -9.79 -38.72
CA ASP D 17 -12.62 -9.19 -39.21
C ASP D 17 -11.37 -9.90 -38.67
N GLN D 18 -11.50 -10.57 -37.49
CA GLN D 18 -10.44 -11.31 -36.79
C GLN D 18 -9.23 -10.40 -36.49
N SER D 19 -9.51 -9.13 -36.13
CA SER D 19 -8.49 -8.13 -35.84
C SER D 19 -8.48 -7.75 -34.37
N GLY D 20 -7.27 -7.70 -33.81
CA GLY D 20 -7.04 -7.34 -32.41
C GLY D 20 -6.10 -6.18 -32.25
N GLU D 21 -6.10 -5.57 -31.06
CA GLU D 21 -5.25 -4.43 -30.72
C GLU D 21 -5.01 -4.36 -29.21
N PHE D 22 -3.77 -4.07 -28.82
CA PHE D 22 -3.34 -3.89 -27.43
C PHE D 22 -2.55 -2.58 -27.40
N MET D 23 -2.98 -1.63 -26.57
CA MET D 23 -2.39 -0.29 -26.52
C MET D 23 -2.41 0.32 -25.11
N PHE D 24 -1.46 1.25 -24.84
CA PHE D 24 -1.32 2.01 -23.59
C PHE D 24 -1.45 3.51 -23.90
N ASP D 25 -2.39 4.19 -23.23
CA ASP D 25 -2.69 5.62 -23.41
C ASP D 25 -2.24 6.49 -22.24
N PHE D 26 -2.02 7.79 -22.51
CA PHE D 26 -1.67 8.82 -21.52
C PHE D 26 -2.29 10.15 -21.95
N ASP D 27 -3.42 10.51 -21.31
CA ASP D 27 -4.20 11.74 -21.55
C ASP D 27 -4.55 11.98 -23.03
N GLY D 28 -5.02 10.92 -23.69
CA GLY D 28 -5.42 10.95 -25.09
C GLY D 28 -4.32 10.66 -26.08
N ASP D 29 -3.06 10.53 -25.60
CA ASP D 29 -1.88 10.25 -26.41
C ASP D 29 -1.44 8.80 -26.29
N GLU D 30 -1.09 8.17 -27.42
CA GLU D 30 -0.63 6.78 -27.49
C GLU D 30 0.81 6.68 -26.99
N ILE D 31 1.08 5.77 -26.04
CA ILE D 31 2.43 5.53 -25.53
C ILE D 31 3.06 4.50 -26.47
N PHE D 32 2.40 3.33 -26.62
CA PHE D 32 2.81 2.22 -27.48
C PHE D 32 1.66 1.30 -27.84
N HIS D 33 1.84 0.51 -28.91
CA HIS D 33 0.89 -0.50 -29.36
C HIS D 33 1.66 -1.78 -29.72
N VAL D 34 1.02 -2.95 -29.61
CA VAL D 34 1.66 -4.22 -29.90
C VAL D 34 1.31 -4.72 -31.31
N ASP D 35 2.33 -4.84 -32.18
CA ASP D 35 2.14 -5.35 -33.53
C ASP D 35 2.03 -6.87 -33.45
N MET D 36 0.80 -7.39 -33.62
CA MET D 36 0.43 -8.81 -33.53
C MET D 36 1.25 -9.75 -34.42
N ALA D 37 1.49 -9.33 -35.69
CA ALA D 37 2.22 -10.10 -36.68
C ALA D 37 3.72 -10.24 -36.38
N LYS D 38 4.38 -9.14 -35.98
CA LYS D 38 5.82 -9.10 -35.68
C LYS D 38 6.16 -9.42 -34.22
N LYS D 39 5.14 -9.40 -33.33
CA LYS D 39 5.23 -9.67 -31.87
C LYS D 39 6.24 -8.76 -31.15
N GLU D 40 6.29 -7.47 -31.56
CA GLU D 40 7.19 -6.46 -31.01
C GLU D 40 6.45 -5.21 -30.52
N THR D 41 7.00 -4.55 -29.49
CA THR D 41 6.46 -3.32 -28.92
C THR D 41 6.88 -2.14 -29.80
N VAL D 42 5.88 -1.44 -30.37
CA VAL D 42 6.10 -0.27 -31.23
C VAL D 42 5.54 1.00 -30.58
N TRP D 43 6.46 1.89 -30.18
CA TRP D 43 6.18 3.17 -29.52
C TRP D 43 5.82 4.25 -30.53
N ARG D 44 4.92 5.18 -30.14
CA ARG D 44 4.48 6.32 -30.97
C ARG D 44 5.68 7.20 -31.30
N LEU D 45 6.50 7.51 -30.28
CA LEU D 45 7.74 8.27 -30.41
C LEU D 45 8.87 7.35 -29.96
N GLU D 46 9.81 7.06 -30.88
CA GLU D 46 10.95 6.15 -30.65
C GLU D 46 11.84 6.48 -29.44
N GLU D 47 11.81 7.74 -28.97
CA GLU D 47 12.57 8.23 -27.81
C GLU D 47 12.11 7.59 -26.48
N PHE D 48 10.92 6.97 -26.48
CA PHE D 48 10.33 6.31 -25.31
C PHE D 48 11.01 4.96 -24.99
N GLY D 49 11.57 4.33 -26.02
CA GLY D 49 12.25 3.03 -25.92
C GLY D 49 13.52 3.00 -25.09
N ARG D 50 14.15 4.17 -24.87
CA ARG D 50 15.38 4.32 -24.09
C ARG D 50 15.13 4.08 -22.60
N PHE D 51 14.05 4.69 -22.06
CA PHE D 51 13.68 4.62 -20.64
C PHE D 51 12.76 3.45 -20.28
N ALA D 52 11.80 3.11 -21.17
CA ALA D 52 10.83 2.04 -20.91
C ALA D 52 10.87 0.86 -21.88
N SER D 53 10.32 -0.29 -21.42
CA SER D 53 10.22 -1.54 -22.18
C SER D 53 8.91 -2.27 -21.85
N PHE D 54 8.45 -3.17 -22.74
CA PHE D 54 7.23 -3.96 -22.57
C PHE D 54 7.34 -5.32 -23.22
N GLU D 55 6.79 -6.37 -22.57
CA GLU D 55 6.78 -7.73 -23.11
C GLU D 55 5.56 -7.86 -24.03
N ALA D 56 5.79 -7.65 -25.35
CA ALA D 56 4.79 -7.70 -26.40
C ALA D 56 4.04 -9.01 -26.55
N GLN D 57 4.69 -10.15 -26.23
CA GLN D 57 4.09 -11.48 -26.31
C GLN D 57 2.93 -11.67 -25.34
N GLY D 58 3.03 -11.06 -24.16
CA GLY D 58 2.01 -11.09 -23.11
C GLY D 58 0.69 -10.47 -23.51
N ALA D 59 0.72 -9.55 -24.49
CA ALA D 59 -0.45 -8.86 -25.05
C ALA D 59 -1.35 -9.84 -25.81
N LEU D 60 -0.75 -10.83 -26.50
CA LEU D 60 -1.47 -11.86 -27.27
C LEU D 60 -2.27 -12.80 -26.38
N ALA D 61 -1.81 -13.02 -25.12
CA ALA D 61 -2.47 -13.84 -24.11
C ALA D 61 -3.79 -13.18 -23.71
N ASN D 62 -3.81 -11.84 -23.64
CA ASN D 62 -4.98 -11.04 -23.31
C ASN D 62 -6.00 -11.02 -24.45
N ILE D 63 -5.52 -10.97 -25.71
CA ILE D 63 -6.36 -11.00 -26.92
C ILE D 63 -7.03 -12.37 -27.06
N ALA D 64 -6.32 -13.45 -26.64
CA ALA D 64 -6.82 -14.83 -26.64
C ALA D 64 -8.06 -14.98 -25.75
N VAL D 65 -8.06 -14.30 -24.58
CA VAL D 65 -9.18 -14.31 -23.64
C VAL D 65 -10.31 -13.43 -24.21
N ASP D 66 -9.94 -12.28 -24.84
CA ASP D 66 -10.86 -11.33 -25.46
C ASP D 66 -11.71 -11.95 -26.58
N LYS D 67 -11.13 -12.89 -27.36
CA LYS D 67 -11.83 -13.60 -28.44
C LYS D 67 -12.89 -14.53 -27.83
N ALA D 68 -12.51 -15.29 -26.78
CA ALA D 68 -13.39 -16.20 -26.05
C ALA D 68 -14.52 -15.42 -25.38
N ASN D 69 -14.20 -14.24 -24.80
CA ASN D 69 -15.15 -13.35 -24.15
C ASN D 69 -16.15 -12.77 -25.15
N LEU D 70 -15.70 -12.49 -26.39
CA LEU D 70 -16.56 -11.97 -27.47
C LEU D 70 -17.55 -13.07 -27.90
N GLU D 71 -17.06 -14.33 -28.00
CA GLU D 71 -17.87 -15.50 -28.37
C GLU D 71 -18.98 -15.76 -27.35
N ILE D 72 -18.69 -15.52 -26.05
CA ILE D 72 -19.65 -15.68 -24.94
C ILE D 72 -20.68 -14.53 -24.98
N MET D 73 -20.22 -13.28 -25.10
CA MET D 73 -21.06 -12.08 -25.13
C MET D 73 -22.00 -11.99 -26.34
N THR D 74 -21.57 -12.49 -27.51
CA THR D 74 -22.36 -12.50 -28.74
C THR D 74 -23.55 -13.46 -28.58
N LYS D 75 -23.31 -14.63 -27.95
CA LYS D 75 -24.33 -15.66 -27.71
C LYS D 75 -25.37 -15.22 -26.68
N ARG D 76 -24.93 -14.61 -25.55
CA ARG D 76 -25.84 -14.16 -24.49
C ARG D 76 -26.69 -12.93 -24.83
N SER D 77 -26.23 -12.11 -25.80
CA SER D 77 -26.95 -10.92 -26.27
C SER D 77 -27.88 -11.25 -27.45
N ASN D 78 -27.90 -12.54 -27.86
CA ASN D 78 -28.68 -13.10 -28.96
C ASN D 78 -28.24 -12.55 -30.34
N TYR D 79 -26.91 -12.60 -30.58
CA TYR D 79 -26.22 -12.18 -31.82
C TYR D 79 -26.52 -10.74 -32.26
N THR D 80 -26.50 -9.80 -31.28
CA THR D 80 -26.76 -8.37 -31.52
C THR D 80 -25.56 -7.71 -32.21
N PRO D 81 -25.70 -7.22 -33.46
CA PRO D 81 -24.55 -6.57 -34.13
C PRO D 81 -24.33 -5.13 -33.68
N ILE D 82 -23.12 -4.61 -33.94
CA ILE D 82 -22.74 -3.23 -33.59
C ILE D 82 -23.41 -2.21 -34.52
N THR D 83 -23.93 -1.12 -33.94
CA THR D 83 -24.56 -0.04 -34.70
C THR D 83 -23.44 0.85 -35.24
N ASN D 84 -23.30 0.90 -36.58
CA ASN D 84 -22.28 1.67 -37.28
C ASN D 84 -22.45 3.18 -37.04
N VAL D 85 -21.45 3.78 -36.35
CA VAL D 85 -21.44 5.20 -36.03
C VAL D 85 -20.54 5.93 -37.05
N PRO D 86 -21.09 6.90 -37.84
CA PRO D 86 -20.25 7.59 -38.82
C PRO D 86 -19.20 8.52 -38.18
N PRO D 87 -17.99 8.63 -38.76
CA PRO D 87 -16.96 9.50 -38.14
C PRO D 87 -17.03 10.98 -38.51
N GLU D 88 -16.39 11.81 -37.67
CA GLU D 88 -16.27 13.26 -37.86
C GLU D 88 -14.83 13.54 -38.30
N VAL D 89 -14.63 13.73 -39.62
CA VAL D 89 -13.32 13.96 -40.23
C VAL D 89 -12.98 15.44 -40.27
N THR D 90 -11.75 15.80 -39.82
CA THR D 90 -11.23 17.17 -39.78
C THR D 90 -9.78 17.19 -40.25
N VAL D 91 -9.42 18.14 -41.14
CA VAL D 91 -8.07 18.29 -41.67
C VAL D 91 -7.43 19.58 -41.13
N LEU D 92 -6.30 19.45 -40.43
CA LEU D 92 -5.55 20.56 -39.84
C LEU D 92 -4.04 20.44 -40.12
N THR D 93 -3.29 21.53 -39.88
CA THR D 93 -1.84 21.58 -40.08
C THR D 93 -1.11 21.49 -38.73
N ASN D 94 0.11 20.91 -38.75
CA ASN D 94 0.96 20.73 -37.57
C ASN D 94 1.47 22.07 -37.01
N SER D 95 1.78 23.02 -37.93
CA SER D 95 2.28 24.36 -37.62
C SER D 95 1.66 25.39 -38.60
N PRO D 96 1.63 26.73 -38.30
CA PRO D 96 1.03 27.68 -39.26
C PRO D 96 1.70 27.66 -40.62
N VAL D 97 0.89 27.57 -41.69
CA VAL D 97 1.33 27.47 -43.09
C VAL D 97 2.20 28.63 -43.60
N GLU D 98 3.39 28.27 -44.14
CA GLU D 98 4.38 29.19 -44.70
C GLU D 98 5.04 28.52 -45.91
N LEU D 99 5.05 29.21 -47.06
CA LEU D 99 5.61 28.73 -48.34
C LEU D 99 7.08 28.32 -48.24
N ARG D 100 7.45 27.23 -48.97
CA ARG D 100 8.79 26.62 -49.04
C ARG D 100 9.28 25.94 -47.73
N GLU D 101 8.59 26.18 -46.60
CA GLU D 101 8.90 25.59 -45.30
C GLU D 101 8.17 24.25 -45.13
N PRO D 102 8.82 23.20 -44.52
CA PRO D 102 8.14 21.91 -44.38
C PRO D 102 7.02 21.90 -43.35
N ASN D 103 5.92 21.19 -43.65
CA ASN D 103 4.73 21.07 -42.80
C ASN D 103 4.08 19.69 -42.97
N VAL D 104 3.29 19.25 -41.97
CA VAL D 104 2.60 17.96 -41.97
C VAL D 104 1.08 18.16 -41.81
N LEU D 105 0.27 17.55 -42.69
CA LEU D 105 -1.19 17.60 -42.63
C LEU D 105 -1.74 16.50 -41.75
N ILE D 106 -2.60 16.86 -40.78
CA ILE D 106 -3.21 15.92 -39.84
C ILE D 106 -4.67 15.67 -40.19
N CYS D 107 -5.05 14.39 -40.37
CA CYS D 107 -6.42 13.98 -40.67
C CYS D 107 -7.00 13.34 -39.40
N PHE D 108 -7.87 14.09 -38.71
CA PHE D 108 -8.50 13.66 -37.46
C PHE D 108 -9.86 13.00 -37.68
N ILE D 109 -9.87 11.66 -37.62
CA ILE D 109 -11.06 10.81 -37.77
C ILE D 109 -11.52 10.50 -36.34
N ASP D 110 -12.65 11.09 -35.91
CA ASP D 110 -13.16 10.96 -34.54
C ASP D 110 -14.62 10.48 -34.45
N LYS D 111 -15.00 9.88 -33.29
CA LYS D 111 -16.33 9.38 -32.94
C LYS D 111 -16.87 8.36 -33.95
N PHE D 112 -16.30 7.13 -33.93
CA PHE D 112 -16.70 6.06 -34.83
C PHE D 112 -16.53 4.67 -34.23
N THR D 113 -17.37 3.71 -34.71
CA THR D 113 -17.39 2.30 -34.34
C THR D 113 -18.10 1.49 -35.46
N PRO D 114 -17.65 0.28 -35.86
CA PRO D 114 -16.50 -0.51 -35.36
C PRO D 114 -15.13 0.05 -35.78
N PRO D 115 -14.01 -0.35 -35.10
CA PRO D 115 -12.70 0.20 -35.46
C PRO D 115 -12.06 -0.37 -36.74
N VAL D 116 -12.71 -0.12 -37.90
CA VAL D 116 -12.24 -0.50 -39.24
C VAL D 116 -12.46 0.72 -40.14
N VAL D 117 -11.35 1.32 -40.61
CA VAL D 117 -11.38 2.50 -41.46
C VAL D 117 -10.30 2.44 -42.55
N ASN D 118 -10.65 2.84 -43.78
CA ASN D 118 -9.74 2.90 -44.92
C ASN D 118 -9.46 4.38 -45.21
N VAL D 119 -8.23 4.82 -44.88
CA VAL D 119 -7.83 6.22 -45.07
C VAL D 119 -6.82 6.33 -46.22
N THR D 120 -7.14 7.19 -47.21
CA THR D 120 -6.32 7.43 -48.39
C THR D 120 -6.02 8.94 -48.53
N TRP D 121 -4.73 9.28 -48.66
CA TRP D 121 -4.28 10.66 -48.85
C TRP D 121 -4.24 10.97 -50.34
N LEU D 122 -4.92 12.05 -50.76
CA LEU D 122 -4.98 12.45 -52.17
C LEU D 122 -4.33 13.79 -52.43
N ARG D 123 -3.57 13.88 -53.53
CA ARG D 123 -2.88 15.08 -53.99
C ARG D 123 -3.25 15.30 -55.46
N ASN D 124 -4.03 16.35 -55.76
CA ASN D 124 -4.52 16.73 -57.09
C ASN D 124 -5.30 15.61 -57.83
N GLY D 125 -6.00 14.77 -57.06
CA GLY D 125 -6.80 13.66 -57.58
C GLY D 125 -6.14 12.29 -57.50
N LYS D 126 -4.79 12.25 -57.57
CA LYS D 126 -4.00 11.02 -57.51
C LYS D 126 -3.53 10.66 -56.08
N PRO D 127 -3.54 9.36 -55.68
CA PRO D 127 -3.12 9.00 -54.31
C PRO D 127 -1.65 9.26 -54.01
N VAL D 128 -1.35 9.51 -52.72
CA VAL D 128 -0.01 9.77 -52.22
C VAL D 128 0.26 9.03 -50.90
N THR D 129 1.32 8.20 -50.88
CA THR D 129 1.72 7.39 -49.71
C THR D 129 3.16 7.65 -49.25
N THR D 130 3.83 8.67 -49.84
CA THR D 130 5.21 9.01 -49.48
C THR D 130 5.32 9.75 -48.14
N GLY D 131 5.93 9.09 -47.16
CA GLY D 131 6.14 9.63 -45.82
C GLY D 131 4.97 9.53 -44.86
N VAL D 132 3.88 8.83 -45.28
CA VAL D 132 2.66 8.68 -44.47
C VAL D 132 2.87 7.91 -43.17
N SER D 133 2.23 8.39 -42.09
CA SER D 133 2.26 7.79 -40.76
C SER D 133 0.87 7.84 -40.15
N GLU D 134 0.56 6.90 -39.24
CA GLU D 134 -0.74 6.83 -38.60
C GLU D 134 -0.67 6.31 -37.17
N THR D 135 -1.60 6.78 -36.33
CA THR D 135 -1.72 6.34 -34.93
C THR D 135 -2.68 5.16 -34.91
N VAL D 136 -2.59 4.31 -33.88
CA VAL D 136 -3.49 3.16 -33.74
C VAL D 136 -4.84 3.66 -33.16
N PHE D 137 -5.92 2.87 -33.29
CA PHE D 137 -7.26 3.23 -32.79
C PHE D 137 -7.26 3.61 -31.30
N LEU D 138 -7.35 4.91 -31.02
CA LEU D 138 -7.34 5.47 -29.66
C LEU D 138 -8.70 5.38 -28.97
N PRO D 139 -8.74 5.05 -27.65
CA PRO D 139 -10.03 4.93 -26.96
C PRO D 139 -10.70 6.27 -26.62
N ARG D 140 -11.99 6.21 -26.26
CA ARG D 140 -12.83 7.34 -25.86
C ARG D 140 -13.67 6.96 -24.65
N GLU D 141 -14.11 7.97 -23.85
CA GLU D 141 -14.94 7.75 -22.67
C GLU D 141 -16.35 7.24 -23.02
N ASP D 142 -16.84 7.59 -24.22
CA ASP D 142 -18.14 7.18 -24.77
C ASP D 142 -18.05 5.83 -25.54
N HIS D 143 -16.92 5.11 -25.35
CA HIS D 143 -16.59 3.80 -25.93
C HIS D 143 -16.46 3.76 -27.45
N LEU D 144 -16.27 4.94 -28.08
CA LEU D 144 -16.08 5.08 -29.53
C LEU D 144 -14.56 5.11 -29.83
N PHE D 145 -14.17 5.46 -31.08
CA PHE D 145 -12.77 5.49 -31.46
C PHE D 145 -12.32 6.78 -32.14
N ARG D 146 -11.00 7.02 -32.17
CA ARG D 146 -10.35 8.16 -32.79
C ARG D 146 -9.00 7.76 -33.39
N LYS D 147 -8.78 8.12 -34.66
CA LYS D 147 -7.56 7.79 -35.39
C LYS D 147 -6.95 9.01 -36.10
N PHE D 148 -5.62 9.09 -36.12
CA PHE D 148 -4.89 10.18 -36.76
C PHE D 148 -4.10 9.67 -37.97
N HIS D 149 -4.10 10.45 -39.05
CA HIS D 149 -3.37 10.15 -40.28
C HIS D 149 -2.55 11.36 -40.69
N TYR D 150 -1.25 11.15 -40.91
CA TYR D 150 -0.30 12.23 -41.23
C TYR D 150 0.27 12.14 -42.64
N LEU D 151 0.59 13.31 -43.22
CA LEU D 151 1.17 13.44 -44.56
C LEU D 151 2.15 14.63 -44.60
N PRO D 152 3.47 14.37 -44.75
CA PRO D 152 4.42 15.49 -44.86
C PRO D 152 4.31 16.11 -46.25
N PHE D 153 4.17 17.44 -46.32
CA PHE D 153 3.99 18.14 -47.59
C PHE D 153 4.78 19.45 -47.69
N LEU D 154 4.96 19.93 -48.93
CA LEU D 154 5.62 21.20 -49.22
C LEU D 154 4.54 22.16 -49.75
N PRO D 155 4.11 23.15 -48.95
CA PRO D 155 3.03 24.05 -49.40
C PRO D 155 3.32 24.83 -50.67
N SER D 156 2.42 24.71 -51.65
CA SER D 156 2.50 25.35 -52.96
C SER D 156 1.14 25.92 -53.36
N THR D 157 1.15 26.96 -54.23
CA THR D 157 -0.06 27.61 -54.73
C THR D 157 -0.73 26.82 -55.86
N GLU D 158 -0.08 25.71 -56.32
CA GLU D 158 -0.57 24.85 -57.39
C GLU D 158 -1.12 23.51 -56.89
N ASP D 159 -0.49 22.94 -55.83
CA ASP D 159 -0.89 21.66 -55.23
C ASP D 159 -2.15 21.78 -54.37
N VAL D 160 -2.96 20.71 -54.35
CA VAL D 160 -4.20 20.61 -53.57
C VAL D 160 -4.25 19.28 -52.80
N TYR D 161 -4.90 19.26 -51.62
CA TYR D 161 -4.94 18.04 -50.79
C TYR D 161 -6.34 17.63 -50.29
N ASP D 162 -6.55 16.31 -50.17
CA ASP D 162 -7.79 15.68 -49.71
C ASP D 162 -7.52 14.43 -48.87
N CYS D 163 -8.40 14.16 -47.88
CA CYS D 163 -8.30 13.00 -47.01
C CYS D 163 -9.54 12.10 -47.22
N ARG D 164 -9.37 11.03 -48.02
CA ARG D 164 -10.44 10.08 -48.33
C ARG D 164 -10.62 9.11 -47.15
N VAL D 165 -11.84 9.07 -46.60
CA VAL D 165 -12.19 8.22 -45.45
C VAL D 165 -13.34 7.28 -45.82
N GLU D 166 -13.13 5.96 -45.64
CA GLU D 166 -14.12 4.93 -45.93
C GLU D 166 -14.56 4.23 -44.64
N HIS D 167 -15.87 4.25 -44.36
CA HIS D 167 -16.47 3.63 -43.17
C HIS D 167 -17.87 3.12 -43.47
N TRP D 168 -18.31 2.07 -42.75
CA TRP D 168 -19.63 1.45 -42.92
C TRP D 168 -20.80 2.35 -42.47
N GLY D 169 -20.51 3.30 -41.58
CA GLY D 169 -21.49 4.26 -41.07
C GLY D 169 -21.90 5.32 -42.07
N LEU D 170 -21.08 5.50 -43.13
CA LEU D 170 -21.30 6.47 -44.21
C LEU D 170 -21.88 5.78 -45.44
N ASP D 171 -22.83 6.46 -46.13
CA ASP D 171 -23.47 5.95 -47.36
C ASP D 171 -22.46 5.94 -48.51
N GLU D 172 -21.73 7.06 -48.68
CA GLU D 172 -20.69 7.25 -49.70
C GLU D 172 -19.41 7.78 -49.04
N PRO D 173 -18.19 7.36 -49.49
CA PRO D 173 -16.96 7.83 -48.84
C PRO D 173 -16.77 9.35 -48.89
N LEU D 174 -16.66 9.97 -47.70
CA LEU D 174 -16.49 11.42 -47.57
C LEU D 174 -15.06 11.87 -47.84
N LEU D 175 -14.90 13.13 -48.28
CA LEU D 175 -13.61 13.73 -48.58
C LEU D 175 -13.46 15.07 -47.87
N LYS D 176 -12.38 15.22 -47.08
CA LYS D 176 -12.10 16.46 -46.37
C LYS D 176 -10.98 17.21 -47.07
N HIS D 177 -11.34 18.35 -47.67
CA HIS D 177 -10.48 19.21 -48.48
C HIS D 177 -9.57 20.15 -47.69
N TRP D 178 -8.39 20.44 -48.26
CA TRP D 178 -7.39 21.38 -47.74
C TRP D 178 -6.77 22.12 -48.92
N GLU D 179 -6.65 23.46 -48.79
CA GLU D 179 -6.10 24.34 -49.82
C GLU D 179 -5.39 25.54 -49.19
N PHE D 180 -4.26 25.95 -49.79
CA PHE D 180 -3.49 27.11 -49.35
C PHE D 180 -4.07 28.38 -50.00
N ASP D 181 -4.31 29.41 -49.18
CA ASP D 181 -4.87 30.69 -49.64
C ASP D 181 -4.02 31.86 -49.15
N ASP E 2 -18.18 -4.72 -47.06
CA ASP E 2 -18.81 -5.91 -46.51
C ASP E 2 -20.15 -5.61 -45.83
N THR E 3 -21.14 -6.48 -46.06
CA THR E 3 -22.49 -6.37 -45.49
C THR E 3 -22.66 -7.28 -44.25
N ARG E 4 -21.59 -8.02 -43.89
CA ARG E 4 -21.52 -8.94 -42.75
C ARG E 4 -21.70 -8.21 -41.41
N PRO E 5 -22.46 -8.77 -40.45
CA PRO E 5 -22.61 -8.07 -39.15
C PRO E 5 -21.35 -8.15 -38.30
N ARG E 6 -21.00 -7.05 -37.63
CA ARG E 6 -19.82 -6.96 -36.77
C ARG E 6 -20.13 -7.02 -35.28
N PHE E 7 -19.23 -7.65 -34.50
CA PHE E 7 -19.35 -7.81 -33.05
C PHE E 7 -18.04 -7.40 -32.39
N LEU E 8 -18.10 -6.40 -31.50
CA LEU E 8 -16.93 -5.85 -30.83
C LEU E 8 -16.89 -6.08 -29.32
N TRP E 9 -15.69 -6.39 -28.80
CA TRP E 9 -15.39 -6.59 -27.39
C TRP E 9 -14.21 -5.70 -27.01
N GLN E 10 -14.39 -4.86 -25.97
CA GLN E 10 -13.38 -3.93 -25.49
C GLN E 10 -13.10 -4.09 -24.01
N LEU E 11 -11.82 -3.95 -23.64
CA LEU E 11 -11.37 -4.02 -22.25
C LEU E 11 -10.43 -2.85 -21.96
N LYS E 12 -10.85 -1.95 -21.06
CA LYS E 12 -10.10 -0.77 -20.69
C LYS E 12 -9.76 -0.77 -19.21
N PHE E 13 -8.46 -0.60 -18.89
CA PHE E 13 -7.98 -0.52 -17.51
C PHE E 13 -7.63 0.94 -17.23
N GLU E 14 -8.68 1.78 -17.13
CA GLU E 14 -8.58 3.22 -16.88
C GLU E 14 -8.00 3.50 -15.50
N CYS E 15 -6.83 4.14 -15.46
CA CYS E 15 -6.16 4.46 -14.21
C CYS E 15 -6.02 5.97 -14.04
N HIS E 16 -6.82 6.54 -13.11
CA HIS E 16 -6.88 7.96 -12.84
C HIS E 16 -5.96 8.38 -11.70
N PHE E 17 -5.29 9.54 -11.86
CA PHE E 17 -4.37 10.12 -10.88
C PHE E 17 -4.77 11.56 -10.56
N PHE E 18 -4.92 11.86 -9.26
CA PHE E 18 -5.31 13.19 -8.77
C PHE E 18 -4.22 13.77 -7.88
N ASN E 19 -3.91 15.08 -8.08
CA ASN E 19 -2.87 15.84 -7.36
C ASN E 19 -1.49 15.15 -7.44
N GLY E 20 -1.14 14.71 -8.65
CA GLY E 20 0.09 14.00 -8.94
C GLY E 20 -0.12 12.50 -8.86
N THR E 21 0.05 11.93 -7.66
CA THR E 21 -0.12 10.50 -7.38
C THR E 21 -0.69 10.25 -5.95
N GLU E 22 -1.33 11.28 -5.36
CA GLU E 22 -1.95 11.26 -4.03
C GLU E 22 -2.99 10.15 -3.91
N ARG E 23 -4.06 10.22 -4.72
CA ARG E 23 -5.13 9.20 -4.75
C ARG E 23 -5.23 8.56 -6.13
N VAL E 24 -5.17 7.22 -6.16
CA VAL E 24 -5.22 6.43 -7.39
C VAL E 24 -6.56 5.72 -7.53
N ARG E 25 -7.19 5.85 -8.71
CA ARG E 25 -8.47 5.25 -9.05
C ARG E 25 -8.30 4.28 -10.22
N LEU E 26 -8.58 2.98 -10.00
CA LEU E 26 -8.51 1.95 -11.03
C LEU E 26 -9.93 1.61 -11.47
N LEU E 27 -10.18 1.69 -12.78
CA LEU E 27 -11.48 1.43 -13.37
C LEU E 27 -11.39 0.43 -14.53
N GLU E 28 -11.59 -0.87 -14.22
CA GLU E 28 -11.59 -1.95 -15.20
C GLU E 28 -12.97 -1.95 -15.85
N ARG E 29 -13.02 -1.75 -17.18
CA ARG E 29 -14.28 -1.68 -17.92
C ARG E 29 -14.38 -2.74 -19.01
N CYS E 30 -15.48 -3.50 -19.01
CA CYS E 30 -15.77 -4.53 -20.00
C CYS E 30 -16.89 -4.01 -20.89
N ILE E 31 -16.57 -3.75 -22.18
CA ILE E 31 -17.52 -3.17 -23.13
C ILE E 31 -17.84 -4.10 -24.29
N TYR E 32 -19.14 -4.36 -24.52
CA TYR E 32 -19.62 -5.15 -25.66
C TYR E 32 -20.29 -4.19 -26.64
N ASN E 33 -19.77 -4.16 -27.89
CA ASN E 33 -20.20 -3.28 -28.98
C ASN E 33 -19.99 -1.80 -28.62
N GLN E 34 -20.97 -1.19 -27.93
CA GLN E 34 -20.92 0.21 -27.49
C GLN E 34 -21.43 0.35 -26.04
N GLU E 35 -21.98 -0.74 -25.48
CA GLU E 35 -22.52 -0.78 -24.12
C GLU E 35 -21.58 -1.49 -23.14
N GLU E 36 -21.32 -0.85 -21.99
CA GLU E 36 -20.47 -1.37 -20.92
C GLU E 36 -21.29 -2.39 -20.12
N SER E 37 -20.74 -3.61 -19.95
CA SER E 37 -21.42 -4.68 -19.22
C SER E 37 -20.93 -4.87 -17.78
N VAL E 38 -19.62 -5.14 -17.60
CA VAL E 38 -19.00 -5.35 -16.29
C VAL E 38 -18.03 -4.22 -15.95
N ARG E 39 -17.86 -3.92 -14.65
CA ARG E 39 -16.98 -2.86 -14.17
C ARG E 39 -16.41 -3.12 -12.79
N PHE E 40 -15.10 -2.87 -12.61
CA PHE E 40 -14.43 -2.94 -11.31
C PHE E 40 -13.92 -1.56 -10.96
N ASP E 41 -14.33 -1.04 -9.80
CA ASP E 41 -13.91 0.26 -9.31
C ASP E 41 -13.13 0.05 -8.03
N SER E 42 -11.93 0.66 -7.93
CA SER E 42 -11.05 0.58 -6.76
C SER E 42 -11.70 1.22 -5.53
N ASP E 43 -12.48 2.30 -5.75
CA ASP E 43 -13.21 3.03 -4.72
C ASP E 43 -14.39 2.22 -4.16
N VAL E 44 -14.87 1.21 -4.93
CA VAL E 44 -15.95 0.31 -4.53
C VAL E 44 -15.35 -0.94 -3.85
N GLY E 45 -14.34 -1.52 -4.50
CA GLY E 45 -13.63 -2.70 -3.99
C GLY E 45 -14.09 -4.03 -4.54
N GLU E 46 -15.17 -4.02 -5.34
CA GLU E 46 -15.75 -5.23 -5.96
C GLU E 46 -16.33 -4.96 -7.35
N TYR E 47 -16.57 -6.03 -8.12
CA TYR E 47 -17.16 -5.98 -9.46
C TYR E 47 -18.64 -5.65 -9.38
N ARG E 48 -19.08 -4.65 -10.17
CA ARG E 48 -20.48 -4.22 -10.23
C ARG E 48 -20.95 -4.24 -11.68
N ALA E 49 -22.06 -4.95 -11.94
CA ALA E 49 -22.64 -5.06 -13.28
C ALA E 49 -23.29 -3.75 -13.70
N VAL E 50 -22.83 -3.18 -14.83
CA VAL E 50 -23.37 -1.93 -15.39
C VAL E 50 -24.73 -2.24 -16.02
N THR E 51 -24.77 -3.23 -16.95
CA THR E 51 -26.00 -3.70 -17.60
C THR E 51 -26.36 -5.10 -17.10
N GLU E 52 -27.54 -5.61 -17.50
CA GLU E 52 -28.02 -6.95 -17.12
C GLU E 52 -27.20 -8.10 -17.70
N LEU E 53 -26.45 -7.83 -18.80
CA LEU E 53 -25.58 -8.81 -19.46
C LEU E 53 -24.33 -9.14 -18.63
N GLY E 54 -23.88 -8.16 -17.84
CA GLY E 54 -22.70 -8.29 -16.99
C GLY E 54 -22.96 -8.89 -15.62
N ARG E 55 -24.23 -9.29 -15.34
CA ARG E 55 -24.67 -9.90 -14.08
C ARG E 55 -24.00 -11.25 -13.74
N PRO E 56 -23.90 -12.27 -14.64
CA PRO E 56 -23.25 -13.54 -14.25
C PRO E 56 -21.74 -13.41 -14.06
N ASP E 57 -21.10 -12.47 -14.77
CA ASP E 57 -19.66 -12.22 -14.74
C ASP E 57 -19.25 -11.55 -13.42
N ALA E 58 -20.04 -10.58 -12.95
CA ALA E 58 -19.81 -9.85 -11.69
C ALA E 58 -19.96 -10.80 -10.50
N GLU E 59 -20.94 -11.72 -10.57
CA GLU E 59 -21.23 -12.72 -9.54
C GLU E 59 -20.10 -13.76 -9.45
N TYR E 60 -19.61 -14.24 -10.62
CA TYR E 60 -18.54 -15.24 -10.71
C TYR E 60 -17.18 -14.72 -10.27
N TRP E 61 -16.83 -13.48 -10.66
CA TRP E 61 -15.55 -12.85 -10.30
C TRP E 61 -15.45 -12.45 -8.82
N ASN E 62 -16.59 -12.13 -8.18
CA ASN E 62 -16.63 -11.75 -6.77
C ASN E 62 -16.49 -12.96 -5.83
N SER E 63 -16.87 -14.17 -6.31
CA SER E 63 -16.78 -15.40 -5.53
C SER E 63 -15.33 -15.84 -5.28
N GLN E 64 -14.41 -15.46 -6.19
CA GLN E 64 -12.99 -15.77 -6.09
C GLN E 64 -12.28 -14.67 -5.28
N LYS E 65 -11.88 -15.00 -4.04
CA LYS E 65 -11.21 -14.09 -3.10
C LYS E 65 -9.81 -13.65 -3.56
N ASP E 66 -9.05 -14.58 -4.17
CA ASP E 66 -7.69 -14.33 -4.67
C ASP E 66 -7.69 -13.38 -5.87
N LEU E 67 -8.79 -13.40 -6.66
CA LEU E 67 -9.01 -12.55 -7.84
C LEU E 67 -9.18 -11.09 -7.43
N LEU E 68 -10.04 -10.82 -6.43
CA LEU E 68 -10.33 -9.48 -5.91
C LEU E 68 -9.13 -8.81 -5.24
N GLU E 69 -8.32 -9.61 -4.49
CA GLU E 69 -7.13 -9.14 -3.78
C GLU E 69 -6.07 -8.61 -4.74
N GLN E 70 -5.98 -9.20 -5.96
CA GLN E 70 -5.07 -8.79 -7.02
C GLN E 70 -5.52 -7.46 -7.63
N ARG E 71 -6.84 -7.30 -7.86
CA ARG E 71 -7.45 -6.11 -8.44
C ARG E 71 -7.40 -4.91 -7.49
N ARG E 72 -7.48 -5.16 -6.18
CA ARG E 72 -7.41 -4.13 -5.14
C ARG E 72 -5.98 -3.62 -5.02
N ALA E 73 -4.99 -4.54 -5.09
CA ALA E 73 -3.55 -4.24 -5.00
C ALA E 73 -3.00 -3.65 -6.31
N ALA E 74 -3.76 -3.77 -7.42
CA ALA E 74 -3.39 -3.27 -8.75
C ALA E 74 -3.18 -1.75 -8.81
N VAL E 75 -3.68 -1.00 -7.81
CA VAL E 75 -3.50 0.45 -7.72
C VAL E 75 -2.03 0.80 -7.35
N ASP E 76 -1.31 -0.16 -6.77
CA ASP E 76 0.08 -0.03 -6.36
C ASP E 76 1.01 -0.84 -7.28
N THR E 77 0.73 -2.15 -7.44
CA THR E 77 1.52 -3.09 -8.24
C THR E 77 1.51 -2.81 -9.75
N TYR E 78 0.39 -2.29 -10.28
CA TYR E 78 0.23 -1.99 -11.70
C TYR E 78 0.14 -0.49 -12.00
N CYS E 79 -0.77 0.22 -11.31
CA CYS E 79 -1.03 1.64 -11.50
C CYS E 79 0.10 2.57 -11.09
N ARG E 80 0.59 2.48 -9.84
CA ARG E 80 1.68 3.31 -9.34
C ARG E 80 3.02 2.96 -9.97
N HIS E 81 3.17 1.69 -10.44
CA HIS E 81 4.37 1.19 -11.10
C HIS E 81 4.52 1.82 -12.50
N ASN E 82 3.45 1.74 -13.33
CA ASN E 82 3.43 2.29 -14.69
C ASN E 82 3.55 3.81 -14.74
N TYR E 83 3.15 4.51 -13.65
CA TYR E 83 3.25 5.96 -13.54
C TYR E 83 4.72 6.37 -13.38
N GLY E 84 5.45 5.63 -12.55
CA GLY E 84 6.88 5.86 -12.28
C GLY E 84 7.79 5.45 -13.42
N VAL E 85 7.34 4.49 -14.26
CA VAL E 85 8.07 3.99 -15.41
C VAL E 85 8.14 5.05 -16.53
N GLY E 86 7.01 5.69 -16.81
CA GLY E 86 6.91 6.72 -17.84
C GLY E 86 6.89 8.15 -17.35
N GLU E 87 7.19 8.37 -16.05
CA GLU E 87 7.20 9.67 -15.38
C GLU E 87 8.03 10.74 -16.11
N SER E 88 9.23 10.38 -16.57
CA SER E 88 10.17 11.26 -17.26
C SER E 88 9.71 11.71 -18.65
N PHE E 89 9.09 10.82 -19.43
CA PHE E 89 8.64 11.13 -20.80
C PHE E 89 7.15 11.45 -20.99
N THR E 90 6.31 11.25 -19.95
CA THR E 90 4.87 11.53 -20.04
C THR E 90 4.48 12.76 -19.22
N VAL E 91 4.66 12.67 -17.88
CA VAL E 91 4.34 13.75 -16.92
C VAL E 91 5.35 14.90 -17.04
N GLN E 92 6.65 14.57 -17.03
CA GLN E 92 7.76 15.53 -17.11
C GLN E 92 8.05 16.08 -18.52
N ARG E 93 7.26 15.67 -19.54
CA ARG E 93 7.42 16.11 -20.93
C ARG E 93 7.01 17.58 -21.07
N ARG E 94 7.97 18.44 -21.45
CA ARG E 94 7.76 19.88 -21.64
C ARG E 94 8.28 20.33 -23.00
N VAL E 95 7.38 20.82 -23.87
CA VAL E 95 7.70 21.30 -25.22
C VAL E 95 7.25 22.77 -25.36
N GLU E 96 8.21 23.65 -25.71
CA GLU E 96 7.99 25.09 -25.88
C GLU E 96 7.14 25.39 -27.14
N PRO E 97 6.05 26.19 -27.04
CA PRO E 97 5.24 26.49 -28.23
C PRO E 97 5.73 27.66 -29.07
N LYS E 98 5.38 27.67 -30.36
CA LYS E 98 5.73 28.74 -31.28
C LYS E 98 4.51 29.63 -31.50
N VAL E 99 4.56 30.86 -30.94
CA VAL E 99 3.50 31.85 -31.02
C VAL E 99 3.66 32.67 -32.30
N THR E 100 2.62 32.67 -33.16
CA THR E 100 2.59 33.40 -34.43
C THR E 100 1.33 34.26 -34.49
N VAL E 101 1.50 35.59 -34.55
CA VAL E 101 0.40 36.55 -34.63
C VAL E 101 0.30 37.09 -36.06
N TYR E 102 -0.87 36.92 -36.69
CA TYR E 102 -1.13 37.35 -38.06
C TYR E 102 -2.60 37.78 -38.28
N PRO E 103 -2.85 38.86 -39.07
CA PRO E 103 -4.26 39.25 -39.31
C PRO E 103 -4.96 38.30 -40.29
N SER E 104 -6.30 38.24 -40.22
CA SER E 104 -7.12 37.37 -41.07
C SER E 104 -7.11 37.81 -42.54
N LYS E 105 -7.29 39.11 -42.80
CA LYS E 105 -7.31 39.68 -44.15
C LYS E 105 -6.62 41.05 -44.18
N HIS E 111 -12.53 49.50 -41.06
CA HIS E 111 -12.64 48.06 -41.33
C HIS E 111 -12.39 47.20 -40.09
N HIS E 112 -12.83 45.93 -40.15
CA HIS E 112 -12.69 44.95 -39.06
C HIS E 112 -11.85 43.75 -39.50
N ASN E 113 -11.12 43.12 -38.54
CA ASN E 113 -10.28 41.95 -38.79
C ASN E 113 -10.13 41.09 -37.53
N LEU E 114 -9.84 39.78 -37.71
CA LEU E 114 -9.62 38.84 -36.62
C LEU E 114 -8.12 38.62 -36.43
N LEU E 115 -7.58 39.04 -35.27
CA LEU E 115 -6.17 38.86 -34.94
C LEU E 115 -5.93 37.43 -34.46
N VAL E 116 -5.46 36.57 -35.37
CA VAL E 116 -5.19 35.16 -35.10
C VAL E 116 -3.86 35.00 -34.36
N CYS E 117 -3.91 34.34 -33.19
CA CYS E 117 -2.74 34.06 -32.35
C CYS E 117 -2.46 32.56 -32.37
N SER E 118 -1.75 32.10 -33.42
CA SER E 118 -1.41 30.70 -33.65
C SER E 118 -0.36 30.17 -32.67
N VAL E 119 -0.80 29.30 -31.75
CA VAL E 119 0.04 28.67 -30.73
C VAL E 119 0.05 27.17 -31.08
N SER E 120 1.22 26.64 -31.49
CA SER E 120 1.33 25.24 -31.91
C SER E 120 2.59 24.52 -31.39
N GLY E 121 2.48 23.20 -31.26
CA GLY E 121 3.56 22.32 -30.83
C GLY E 121 3.95 22.47 -29.38
N PHE E 122 3.04 22.11 -28.45
CA PHE E 122 3.29 22.20 -27.02
C PHE E 122 2.73 21.03 -26.22
N TYR E 123 3.40 20.70 -25.09
CA TYR E 123 3.00 19.65 -24.16
C TYR E 123 3.38 20.05 -22.73
N PRO E 124 2.48 19.95 -21.72
CA PRO E 124 1.08 19.46 -21.78
C PRO E 124 0.08 20.47 -22.36
N GLY E 125 -1.20 20.09 -22.33
CA GLY E 125 -2.31 20.90 -22.83
C GLY E 125 -2.64 22.15 -22.03
N SER E 126 -2.15 22.23 -20.77
CA SER E 126 -2.38 23.37 -19.88
C SER E 126 -1.68 24.62 -20.40
N ILE E 127 -2.48 25.55 -20.97
CA ILE E 127 -1.99 26.81 -21.55
C ILE E 127 -2.90 28.00 -21.21
N GLU E 128 -2.29 29.15 -20.87
CA GLU E 128 -3.00 30.39 -20.54
C GLU E 128 -2.66 31.46 -21.57
N VAL E 129 -3.60 31.73 -22.48
CA VAL E 129 -3.44 32.71 -23.55
C VAL E 129 -4.37 33.93 -23.36
N ARG E 130 -3.76 35.13 -23.25
CA ARG E 130 -4.47 36.39 -23.04
C ARG E 130 -4.12 37.43 -24.11
N TRP E 131 -5.14 38.18 -24.56
CA TRP E 131 -4.99 39.23 -25.57
C TRP E 131 -4.90 40.62 -24.93
N PHE E 132 -3.98 41.45 -25.43
CA PHE E 132 -3.74 42.81 -24.93
C PHE E 132 -3.90 43.86 -26.02
N ARG E 133 -4.40 45.05 -25.64
CA ARG E 133 -4.62 46.19 -26.53
C ARG E 133 -4.04 47.46 -25.88
N ASN E 134 -2.87 47.90 -26.39
CA ASN E 134 -2.10 49.08 -25.93
C ASN E 134 -1.75 49.04 -24.42
N GLY E 135 -1.39 47.86 -23.94
CA GLY E 135 -1.01 47.64 -22.55
C GLY E 135 -2.07 46.98 -21.69
N GLN E 136 -3.35 47.32 -21.93
CA GLN E 136 -4.49 46.79 -21.19
C GLN E 136 -5.04 45.50 -21.79
N GLU E 137 -5.43 44.55 -20.91
CA GLU E 137 -5.97 43.24 -21.31
C GLU E 137 -7.41 43.35 -21.81
N GLU E 138 -7.72 42.67 -22.92
CA GLU E 138 -9.05 42.64 -23.52
C GLU E 138 -9.76 41.32 -23.27
N LYS E 139 -10.83 41.35 -22.46
CA LYS E 139 -11.64 40.19 -22.10
C LYS E 139 -12.69 39.90 -23.17
N ALA E 140 -13.32 40.94 -23.71
CA ALA E 140 -14.36 40.85 -24.74
C ALA E 140 -13.77 40.68 -26.14
N GLY E 141 -14.49 39.93 -26.98
CA GLY E 141 -14.11 39.66 -28.36
C GLY E 141 -13.16 38.49 -28.58
N VAL E 142 -12.77 37.79 -27.49
CA VAL E 142 -11.87 36.64 -27.54
C VAL E 142 -12.61 35.41 -28.10
N VAL E 143 -12.21 34.97 -29.31
CA VAL E 143 -12.79 33.81 -29.99
C VAL E 143 -11.72 32.73 -30.09
N SER E 144 -11.89 31.63 -29.34
CA SER E 144 -10.94 30.52 -29.32
C SER E 144 -11.53 29.28 -30.00
N THR E 145 -10.69 28.55 -30.75
CA THR E 145 -11.08 27.32 -31.45
C THR E 145 -10.88 26.08 -30.54
N GLY E 146 -10.62 26.35 -29.26
CA GLY E 146 -10.38 25.32 -28.24
C GLY E 146 -8.99 24.72 -28.34
N LEU E 147 -8.76 23.65 -27.56
CA LEU E 147 -7.49 22.93 -27.54
C LEU E 147 -7.57 21.75 -28.50
N ILE E 148 -6.70 21.75 -29.54
CA ILE E 148 -6.67 20.70 -30.55
C ILE E 148 -5.47 19.78 -30.32
N GLN E 149 -5.75 18.48 -30.11
CA GLN E 149 -4.73 17.44 -29.93
C GLN E 149 -4.30 16.95 -31.30
N ASN E 150 -2.99 17.03 -31.59
CA ASN E 150 -2.41 16.61 -32.87
C ASN E 150 -2.18 15.10 -32.97
N GLY E 151 -2.17 14.41 -31.82
CA GLY E 151 -1.97 12.97 -31.74
C GLY E 151 -0.53 12.54 -31.55
N ASP E 152 0.43 13.35 -32.05
CA ASP E 152 1.87 13.08 -31.95
C ASP E 152 2.51 13.79 -30.74
N TRP E 153 1.84 13.69 -29.57
CA TRP E 153 2.25 14.28 -28.28
C TRP E 153 2.43 15.81 -28.29
N THR E 154 1.71 16.50 -29.19
CA THR E 154 1.74 17.96 -29.33
C THR E 154 0.32 18.52 -29.40
N PHE E 155 0.15 19.77 -28.94
CA PHE E 155 -1.14 20.46 -28.95
C PHE E 155 -1.08 21.75 -29.77
N GLN E 156 -2.24 22.18 -30.29
CA GLN E 156 -2.36 23.42 -31.06
C GLN E 156 -3.66 24.17 -30.75
N THR E 157 -3.60 25.51 -30.76
CA THR E 157 -4.74 26.38 -30.47
C THR E 157 -4.67 27.70 -31.26
N LEU E 158 -5.82 28.13 -31.80
CA LEU E 158 -5.93 29.37 -32.57
C LEU E 158 -6.87 30.32 -31.82
N VAL E 159 -6.31 31.44 -31.32
CA VAL E 159 -7.07 32.44 -30.57
C VAL E 159 -7.24 33.72 -31.37
N MET E 160 -8.48 33.97 -31.83
CA MET E 160 -8.86 35.14 -32.62
C MET E 160 -9.39 36.27 -31.74
N LEU E 161 -9.14 37.53 -32.17
CA LEU E 161 -9.59 38.73 -31.48
C LEU E 161 -10.13 39.73 -32.50
N GLU E 162 -11.45 40.01 -32.43
CA GLU E 162 -12.13 40.95 -33.32
C GLU E 162 -11.75 42.39 -32.94
N THR E 163 -11.03 43.06 -33.85
CA THR E 163 -10.53 44.43 -33.64
C THR E 163 -10.71 45.33 -34.87
N VAL E 164 -10.68 46.66 -34.63
CA VAL E 164 -10.76 47.69 -35.65
C VAL E 164 -9.33 48.26 -35.73
N PRO E 165 -8.51 47.84 -36.73
CA PRO E 165 -7.12 48.32 -36.79
C PRO E 165 -6.95 49.78 -37.18
N ARG E 166 -6.19 50.53 -36.37
CA ARG E 166 -5.88 51.95 -36.56
C ARG E 166 -4.39 52.19 -36.32
N SER E 167 -3.80 53.17 -37.04
CA SER E 167 -2.38 53.53 -36.94
C SER E 167 -2.03 54.06 -35.55
N GLY E 168 -1.04 53.41 -34.93
CA GLY E 168 -0.56 53.76 -33.59
C GLY E 168 -1.00 52.78 -32.51
N GLU E 169 -1.71 51.70 -32.90
CA GLU E 169 -2.20 50.66 -31.99
C GLU E 169 -1.30 49.42 -32.03
N VAL E 170 -0.93 48.91 -30.84
CA VAL E 170 -0.09 47.72 -30.68
C VAL E 170 -0.88 46.64 -29.93
N TYR E 171 -1.07 45.47 -30.57
CA TYR E 171 -1.80 44.34 -29.98
C TYR E 171 -0.83 43.21 -29.65
N THR E 172 -0.73 42.88 -28.34
CA THR E 172 0.17 41.84 -27.83
C THR E 172 -0.58 40.59 -27.40
N CYS E 173 -0.04 39.40 -27.74
CA CYS E 173 -0.63 38.10 -27.38
C CYS E 173 0.27 37.39 -26.37
N GLN E 174 -0.11 37.43 -25.08
CA GLN E 174 0.64 36.79 -23.98
C GLN E 174 0.26 35.32 -23.88
N VAL E 175 1.28 34.44 -23.79
CA VAL E 175 1.11 32.99 -23.70
C VAL E 175 1.87 32.43 -22.48
N GLU E 176 1.16 31.71 -21.59
CA GLU E 176 1.72 31.09 -20.39
C GLU E 176 1.64 29.56 -20.51
N HIS E 177 2.80 28.88 -20.35
CA HIS E 177 2.93 27.43 -20.45
C HIS E 177 3.98 26.91 -19.46
N PRO E 178 3.81 25.70 -18.85
CA PRO E 178 4.82 25.21 -17.88
C PRO E 178 6.26 25.03 -18.41
N SER E 179 6.44 24.93 -19.74
CA SER E 179 7.75 24.78 -20.39
C SER E 179 8.59 26.06 -20.27
N VAL E 180 7.93 27.24 -20.24
CA VAL E 180 8.59 28.54 -20.12
C VAL E 180 8.45 29.15 -18.73
N THR E 181 9.55 29.71 -18.20
CA THR E 181 9.59 30.36 -16.88
C THR E 181 8.91 31.74 -16.94
N SER E 182 9.17 32.51 -18.00
CA SER E 182 8.61 33.83 -18.25
C SER E 182 7.59 33.75 -19.41
N PRO E 183 6.43 34.45 -19.34
CA PRO E 183 5.45 34.36 -20.43
C PRO E 183 5.91 34.96 -21.77
N LEU E 184 5.70 34.22 -22.86
CA LEU E 184 6.07 34.63 -24.22
C LEU E 184 5.08 35.66 -24.75
N THR E 185 5.59 36.76 -25.33
CA THR E 185 4.78 37.85 -25.89
C THR E 185 5.17 38.19 -27.33
N VAL E 186 4.19 38.14 -28.24
CA VAL E 186 4.35 38.47 -29.66
C VAL E 186 3.39 39.62 -29.98
N GLU E 187 3.93 40.78 -30.38
CA GLU E 187 3.15 41.97 -30.70
C GLU E 187 2.88 42.19 -32.20
N TRP E 188 1.78 42.91 -32.51
CA TRP E 188 1.36 43.25 -33.86
C TRP E 188 0.89 44.71 -33.90
N ARG E 189 1.47 45.50 -34.81
CA ARG E 189 1.15 46.92 -34.98
C ARG E 189 0.53 47.24 -36.33
N ALA E 190 -0.53 48.09 -36.33
CA ALA E 190 -1.25 48.51 -37.53
C ALA E 190 -0.74 49.86 -38.04
N PRO F 1 13.15 0.28 -16.15
CA PRO F 1 11.71 0.48 -16.03
C PRO F 1 10.92 -0.32 -17.06
N LYS F 2 10.00 -1.19 -16.59
CA LYS F 2 9.17 -2.06 -17.45
C LYS F 2 7.70 -1.77 -17.26
N TYR F 3 6.93 -1.75 -18.37
CA TYR F 3 5.48 -1.54 -18.33
C TYR F 3 4.80 -2.86 -17.98
N VAL F 4 3.97 -2.84 -16.92
CA VAL F 4 3.22 -4.00 -16.43
C VAL F 4 1.79 -3.92 -16.95
N LYS F 5 1.28 -5.04 -17.49
CA LYS F 5 -0.08 -5.14 -18.01
C LYS F 5 -1.00 -5.97 -17.11
N GLN F 6 -2.29 -5.62 -17.07
CA GLN F 6 -3.29 -6.35 -16.30
C GLN F 6 -3.86 -7.47 -17.16
N ASN F 7 -3.85 -8.70 -16.63
CA ASN F 7 -4.36 -9.89 -17.31
C ASN F 7 -5.88 -9.87 -17.42
N THR F 8 -6.41 -10.21 -18.60
CA THR F 8 -7.85 -10.24 -18.83
C THR F 8 -8.46 -11.51 -18.23
N LEU F 9 -9.69 -11.39 -17.70
CA LEU F 9 -10.38 -12.51 -17.06
C LEU F 9 -11.47 -13.11 -17.93
N LYS F 10 -11.61 -14.45 -17.86
CA LYS F 10 -12.59 -15.24 -18.61
C LYS F 10 -14.00 -14.98 -18.03
N LEU F 11 -15.01 -14.88 -18.92
CA LEU F 11 -16.40 -14.67 -18.53
C LEU F 11 -17.04 -15.95 -18.00
N ALA F 12 -18.20 -15.83 -17.34
CA ALA F 12 -18.96 -16.95 -16.77
C ALA F 12 -19.49 -17.89 -17.85
N THR F 13 -19.30 -19.21 -17.66
CA THR F 13 -19.71 -20.31 -18.55
C THR F 13 -19.06 -20.23 -19.95
N ILE G 3 -13.80 11.70 3.72
CA ILE G 3 -15.01 12.51 3.68
C ILE G 3 -16.27 11.66 3.40
N GLN G 4 -16.17 10.69 2.48
CA GLN G 4 -17.26 9.79 2.10
C GLN G 4 -16.90 8.34 2.44
N VAL G 5 -17.68 7.73 3.36
CA VAL G 5 -17.46 6.36 3.83
C VAL G 5 -18.57 5.43 3.33
N GLU G 6 -18.17 4.31 2.71
CA GLU G 6 -19.11 3.31 2.18
C GLU G 6 -18.73 1.93 2.69
N GLN G 7 -19.64 1.30 3.45
CA GLN G 7 -19.45 -0.03 4.04
C GLN G 7 -20.22 -1.10 3.27
N SER G 8 -19.54 -2.21 2.97
CA SER G 8 -20.12 -3.34 2.24
C SER G 8 -19.87 -4.68 2.96
N PRO G 9 -20.89 -5.55 3.12
CA PRO G 9 -22.29 -5.42 2.66
C PRO G 9 -23.16 -4.57 3.59
N PRO G 10 -24.30 -3.98 3.13
CA PRO G 10 -25.15 -3.19 4.04
C PRO G 10 -25.84 -4.07 5.10
N ASP G 11 -26.17 -5.31 4.73
CA ASP G 11 -26.78 -6.32 5.58
C ASP G 11 -26.11 -7.67 5.36
N LEU G 12 -25.83 -8.40 6.44
CA LEU G 12 -25.17 -9.71 6.38
C LEU G 12 -25.85 -10.70 7.35
N ILE G 13 -26.23 -11.87 6.82
CA ILE G 13 -26.89 -12.92 7.59
C ILE G 13 -25.94 -14.13 7.67
N LEU G 14 -25.48 -14.45 8.88
CA LEU G 14 -24.55 -15.55 9.15
C LEU G 14 -25.12 -16.61 10.07
N GLN G 15 -24.48 -17.80 10.07
CA GLN G 15 -24.80 -18.93 10.95
C GLN G 15 -23.80 -18.96 12.10
N GLU G 16 -24.12 -19.69 13.19
CA GLU G 16 -23.24 -19.80 14.35
C GLU G 16 -22.00 -20.64 14.02
N GLY G 17 -20.82 -20.04 14.22
CA GLY G 17 -19.54 -20.67 13.93
C GLY G 17 -19.01 -20.45 12.54
N ALA G 18 -19.63 -19.52 11.78
CA ALA G 18 -19.25 -19.20 10.40
C ALA G 18 -18.25 -18.02 10.33
N ASN G 19 -17.47 -17.96 9.24
CA ASN G 19 -16.47 -16.92 9.01
C ASN G 19 -16.88 -16.02 7.84
N SER G 20 -16.72 -14.68 8.02
CA SER G 20 -17.04 -13.67 7.00
C SER G 20 -16.23 -12.40 7.20
N THR G 21 -15.86 -11.74 6.09
CA THR G 21 -15.09 -10.50 6.09
C THR G 21 -15.98 -9.28 5.78
N LEU G 22 -15.76 -8.18 6.52
CA LEU G 22 -16.50 -6.93 6.41
C LEU G 22 -15.58 -5.85 5.82
N ARG G 23 -16.02 -5.18 4.74
CA ARG G 23 -15.22 -4.16 4.06
C ARG G 23 -15.71 -2.72 4.31
N CYS G 24 -14.74 -1.79 4.39
CA CYS G 24 -14.96 -0.35 4.59
C CYS G 24 -14.12 0.42 3.57
N ASN G 25 -14.77 1.17 2.67
CA ASN G 25 -14.11 1.96 1.63
C ASN G 25 -14.29 3.45 1.85
N PHE G 26 -13.19 4.22 1.69
CA PHE G 26 -13.18 5.67 1.90
C PHE G 26 -12.61 6.45 0.69
N SER G 27 -13.20 7.61 0.39
CA SER G 27 -12.87 8.46 -0.75
C SER G 27 -11.56 9.25 -0.65
N ASP G 28 -11.01 9.42 0.57
CA ASP G 28 -9.76 10.18 0.78
C ASP G 28 -8.75 9.45 1.68
N SER G 29 -7.52 9.99 1.77
CA SER G 29 -6.44 9.45 2.60
C SER G 29 -6.74 9.71 4.07
N VAL G 30 -6.59 8.69 4.93
CA VAL G 30 -6.87 8.81 6.37
C VAL G 30 -5.64 8.65 7.26
N ASN G 31 -5.61 9.43 8.36
CA ASN G 31 -4.54 9.41 9.35
C ASN G 31 -4.87 8.44 10.49
N ASN G 32 -6.16 8.36 10.86
CA ASN G 32 -6.67 7.51 11.93
C ASN G 32 -7.95 6.79 11.50
N LEU G 33 -8.05 5.49 11.83
CA LEU G 33 -9.21 4.64 11.51
C LEU G 33 -9.65 3.88 12.76
N GLN G 34 -10.98 3.72 12.92
CA GLN G 34 -11.60 3.04 14.06
C GLN G 34 -12.62 2.00 13.59
N TRP G 35 -12.65 0.85 14.28
CA TRP G 35 -13.61 -0.23 14.03
C TRP G 35 -14.48 -0.42 15.27
N PHE G 36 -15.80 -0.30 15.10
CA PHE G 36 -16.77 -0.40 16.19
C PHE G 36 -17.82 -1.49 16.00
N HIS G 37 -18.42 -1.92 17.12
CA HIS G 37 -19.50 -2.91 17.18
C HIS G 37 -20.57 -2.37 18.13
N GLN G 38 -21.69 -1.89 17.57
CA GLN G 38 -22.80 -1.37 18.35
C GLN G 38 -23.76 -2.53 18.66
N ASN G 39 -23.86 -2.90 19.95
CA ASN G 39 -24.73 -3.98 20.43
C ASN G 39 -26.23 -3.64 20.26
N PRO G 40 -27.17 -4.63 20.30
CA PRO G 40 -28.60 -4.30 20.11
C PRO G 40 -29.19 -3.20 20.99
N TRP G 41 -28.54 -2.90 22.14
CA TRP G 41 -28.97 -1.86 23.08
C TRP G 41 -28.51 -0.44 22.70
N GLY G 42 -27.44 -0.36 21.91
CA GLY G 42 -26.91 0.92 21.44
C GLY G 42 -25.49 1.25 21.85
N GLN G 43 -24.89 0.42 22.74
CA GLN G 43 -23.53 0.62 23.24
C GLN G 43 -22.49 0.25 22.17
N LEU G 44 -21.67 1.24 21.78
CA LEU G 44 -20.60 1.07 20.79
C LEU G 44 -19.35 0.51 21.46
N ILE G 45 -18.96 -0.70 21.07
CA ILE G 45 -17.78 -1.39 21.60
C ILE G 45 -16.63 -1.18 20.61
N ASN G 46 -15.53 -0.57 21.08
CA ASN G 46 -14.34 -0.32 20.28
C ASN G 46 -13.61 -1.64 20.03
N LEU G 47 -13.52 -2.05 18.76
CA LEU G 47 -12.88 -3.30 18.37
C LEU G 47 -11.40 -3.10 18.06
N PHE G 48 -11.09 -2.19 17.11
CA PHE G 48 -9.73 -1.91 16.67
C PHE G 48 -9.49 -0.46 16.29
N TYR G 49 -8.23 -0.02 16.45
CA TYR G 49 -7.72 1.27 15.98
C TYR G 49 -6.69 0.84 14.93
N ILE G 50 -7.10 0.86 13.66
CA ILE G 50 -6.24 0.36 12.58
C ILE G 50 -6.10 1.32 11.37
N PRO G 51 -5.21 2.34 11.45
CA PRO G 51 -5.02 3.22 10.29
C PRO G 51 -4.18 2.57 9.19
N SER G 52 -3.40 1.52 9.57
CA SER G 52 -2.52 0.71 8.71
C SER G 52 -2.12 -0.58 9.43
N GLY G 53 -1.61 -1.56 8.68
CA GLY G 53 -1.15 -2.84 9.21
C GLY G 53 -2.23 -3.85 9.52
N THR G 54 -1.93 -4.80 10.44
CA THR G 54 -2.82 -5.87 10.88
C THR G 54 -2.80 -6.03 12.40
N LYS G 55 -3.99 -6.17 13.02
CA LYS G 55 -4.17 -6.35 14.47
C LYS G 55 -5.14 -7.50 14.77
N GLN G 56 -4.96 -8.17 15.92
CA GLN G 56 -5.80 -9.29 16.35
C GLN G 56 -6.34 -9.06 17.77
N ASN G 57 -7.64 -9.33 17.96
CA ASN G 57 -8.31 -9.20 19.26
C ASN G 57 -9.34 -10.33 19.42
N GLY G 58 -8.88 -11.45 19.97
CA GLY G 58 -9.68 -12.64 20.19
C GLY G 58 -10.01 -13.35 18.89
N ARG G 59 -11.32 -13.45 18.59
CA ARG G 59 -11.83 -14.07 17.36
C ARG G 59 -11.76 -13.10 16.17
N LEU G 60 -11.84 -11.79 16.46
CA LEU G 60 -11.81 -10.73 15.45
C LEU G 60 -10.41 -10.36 14.99
N SER G 61 -10.29 -9.99 13.70
CA SER G 61 -9.04 -9.57 13.05
C SER G 61 -9.34 -8.40 12.11
N ALA G 62 -8.37 -7.47 11.96
CA ALA G 62 -8.53 -6.30 11.10
C ALA G 62 -7.27 -5.94 10.34
N THR G 63 -7.43 -5.49 9.07
CA THR G 63 -6.34 -5.07 8.19
C THR G 63 -6.74 -3.79 7.45
N THR G 64 -5.79 -2.85 7.30
CA THR G 64 -6.00 -1.57 6.60
C THR G 64 -4.83 -1.27 5.67
N VAL G 65 -5.15 -0.88 4.42
CA VAL G 65 -4.16 -0.49 3.40
C VAL G 65 -4.44 0.98 3.07
N ALA G 66 -3.53 1.87 3.53
CA ALA G 66 -3.63 3.33 3.34
C ALA G 66 -3.55 3.75 1.87
N THR G 67 -2.67 3.11 1.08
CA THR G 67 -2.49 3.39 -0.35
C THR G 67 -3.68 2.94 -1.19
N GLU G 68 -4.22 1.74 -0.87
CA GLU G 68 -5.36 1.13 -1.55
C GLU G 68 -6.70 1.75 -1.12
N ARG G 69 -6.69 2.53 -0.01
CA ARG G 69 -7.84 3.25 0.57
C ARG G 69 -9.03 2.40 1.00
N TYR G 70 -8.76 1.27 1.71
CA TYR G 70 -9.79 0.37 2.23
C TYR G 70 -9.37 -0.36 3.51
N SER G 71 -10.34 -0.89 4.27
CA SER G 71 -10.12 -1.64 5.49
C SER G 71 -11.02 -2.87 5.58
N LEU G 72 -10.46 -3.99 6.06
CA LEU G 72 -11.16 -5.27 6.22
C LEU G 72 -11.29 -5.65 7.69
N LEU G 73 -12.39 -6.35 8.03
CA LEU G 73 -12.67 -6.85 9.38
C LEU G 73 -13.16 -8.29 9.30
N TYR G 74 -12.31 -9.24 9.73
CA TYR G 74 -12.61 -10.67 9.69
C TYR G 74 -13.12 -11.18 11.04
N ILE G 75 -14.30 -11.83 11.03
CA ILE G 75 -14.92 -12.41 12.22
C ILE G 75 -14.95 -13.93 12.06
N SER G 76 -14.06 -14.64 12.80
CA SER G 76 -13.96 -16.09 12.78
C SER G 76 -14.81 -16.69 13.89
N SER G 77 -15.51 -17.81 13.60
CA SER G 77 -16.41 -18.53 14.50
C SER G 77 -17.47 -17.60 15.11
N SER G 78 -18.49 -17.25 14.30
CA SER G 78 -19.57 -16.34 14.67
C SER G 78 -20.35 -16.76 15.90
N GLN G 79 -20.46 -15.86 16.87
CA GLN G 79 -21.18 -16.07 18.13
C GLN G 79 -22.47 -15.25 18.09
N THR G 80 -23.52 -15.70 18.80
CA THR G 80 -24.82 -15.04 18.88
C THR G 80 -24.77 -13.59 19.40
N THR G 81 -23.78 -13.28 20.26
CA THR G 81 -23.56 -11.95 20.85
C THR G 81 -22.94 -10.94 19.87
N ASP G 82 -22.33 -11.43 18.76
CA ASP G 82 -21.72 -10.59 17.73
C ASP G 82 -22.74 -9.82 16.89
N SER G 83 -24.04 -10.21 16.98
CA SER G 83 -25.17 -9.58 16.28
C SER G 83 -25.32 -8.11 16.64
N GLY G 84 -25.58 -7.29 15.63
CA GLY G 84 -25.76 -5.86 15.75
C GLY G 84 -25.30 -5.10 14.52
N VAL G 85 -24.86 -3.85 14.69
CA VAL G 85 -24.38 -3.00 13.61
C VAL G 85 -22.89 -2.71 13.80
N TYR G 86 -22.09 -2.92 12.73
CA TYR G 86 -20.64 -2.69 12.74
C TYR G 86 -20.31 -1.39 12.04
N PHE G 87 -19.62 -0.47 12.74
CA PHE G 87 -19.25 0.84 12.22
C PHE G 87 -17.77 0.99 11.91
N CYS G 88 -17.47 1.85 10.93
CA CYS G 88 -16.13 2.18 10.46
C CYS G 88 -15.96 3.70 10.46
N ALA G 89 -15.22 4.23 11.47
CA ALA G 89 -14.97 5.66 11.62
C ALA G 89 -13.59 6.01 11.08
N VAL G 90 -13.52 7.06 10.24
CA VAL G 90 -12.26 7.50 9.62
C VAL G 90 -11.97 9.00 9.83
N ASP G 91 -10.69 9.35 10.02
CA ASP G 91 -10.22 10.72 10.19
C ASP G 91 -9.43 11.14 8.95
N SER G 92 -10.07 11.93 8.06
CA SER G 92 -9.49 12.41 6.81
C SER G 92 -8.38 13.44 7.01
N ALA G 93 -7.34 13.36 6.16
CA ALA G 93 -6.19 14.28 6.17
C ALA G 93 -6.48 15.56 5.39
N THR G 94 -7.49 15.52 4.49
CA THR G 94 -7.93 16.62 3.63
C THR G 94 -8.37 17.85 4.43
N SER G 95 -9.09 17.62 5.55
CA SER G 95 -9.58 18.70 6.43
C SER G 95 -9.84 18.22 7.87
N GLY G 96 -9.21 18.91 8.82
CA GLY G 96 -9.35 18.67 10.27
C GLY G 96 -8.75 17.41 10.85
N THR G 97 -8.15 17.54 12.04
CA THR G 97 -7.55 16.42 12.80
C THR G 97 -8.60 15.89 13.78
N TYR G 98 -8.74 14.56 13.85
CA TYR G 98 -9.69 13.83 14.71
C TYR G 98 -11.18 14.06 14.36
N LYS G 99 -11.46 14.48 13.11
CA LYS G 99 -12.82 14.68 12.62
C LYS G 99 -13.32 13.34 12.07
N TYR G 100 -13.66 12.41 13.00
CA TYR G 100 -14.11 11.05 12.68
C TYR G 100 -15.49 11.02 12.01
N ILE G 101 -15.53 10.47 10.79
CA ILE G 101 -16.74 10.32 9.99
C ILE G 101 -17.13 8.85 9.96
N PHE G 102 -18.33 8.52 10.46
CA PHE G 102 -18.86 7.16 10.52
C PHE G 102 -19.53 6.74 9.22
N GLY G 103 -19.37 5.46 8.87
CA GLY G 103 -19.93 4.88 7.66
C GLY G 103 -21.40 4.51 7.78
N THR G 104 -21.94 3.90 6.70
CA THR G 104 -23.33 3.44 6.61
C THR G 104 -23.63 2.33 7.63
N GLY G 105 -22.67 1.42 7.80
CA GLY G 105 -22.77 0.31 8.73
C GLY G 105 -23.17 -1.02 8.12
N THR G 106 -22.67 -2.11 8.72
CA THR G 106 -22.97 -3.48 8.30
C THR G 106 -23.87 -4.11 9.37
N ARG G 107 -25.11 -4.45 8.99
CA ARG G 107 -26.08 -5.08 9.90
C ARG G 107 -25.84 -6.58 9.93
N LEU G 108 -25.42 -7.10 11.10
CA LEU G 108 -25.12 -8.52 11.28
C LEU G 108 -26.16 -9.21 12.14
N LYS G 109 -26.66 -10.36 11.66
CA LYS G 109 -27.63 -11.19 12.35
C LYS G 109 -27.08 -12.62 12.40
N VAL G 110 -26.46 -12.98 13.55
CA VAL G 110 -25.89 -14.31 13.74
C VAL G 110 -27.00 -15.27 14.16
N LEU G 111 -27.30 -16.25 13.30
CA LEU G 111 -28.34 -17.24 13.53
C LEU G 111 -27.81 -18.38 14.39
N ALA G 112 -28.39 -18.55 15.59
CA ALA G 112 -28.01 -19.61 16.52
C ALA G 112 -28.58 -20.94 16.04
N ASN G 113 -27.72 -21.95 15.82
CA ASN G 113 -28.11 -23.27 15.34
C ASN G 113 -28.96 -24.05 16.33
N ILE G 114 -30.16 -24.46 15.90
CA ILE G 114 -31.10 -25.23 16.70
C ILE G 114 -30.92 -26.71 16.34
N GLN G 115 -30.29 -27.47 17.24
CA GLN G 115 -29.99 -28.89 17.04
C GLN G 115 -31.25 -29.77 17.07
N ASN G 116 -32.25 -29.39 17.89
CA ASN G 116 -33.52 -30.09 18.02
C ASN G 116 -34.71 -29.15 17.74
N PRO G 117 -35.05 -28.89 16.45
CA PRO G 117 -36.18 -27.97 16.18
C PRO G 117 -37.55 -28.63 16.32
N ASP G 118 -38.50 -27.89 16.91
CA ASP G 118 -39.88 -28.34 17.13
C ASP G 118 -40.85 -27.15 16.91
N PRO G 119 -41.15 -26.78 15.64
CA PRO G 119 -42.04 -25.63 15.39
C PRO G 119 -43.48 -25.85 15.85
N ALA G 120 -44.04 -24.84 16.55
CA ALA G 120 -45.40 -24.86 17.09
C ALA G 120 -45.95 -23.46 17.36
N VAL G 121 -47.26 -23.24 17.11
CA VAL G 121 -47.95 -21.97 17.35
C VAL G 121 -48.97 -22.18 18.47
N TYR G 122 -48.65 -21.68 19.68
CA TYR G 122 -49.49 -21.84 20.88
C TYR G 122 -50.37 -20.61 21.15
N GLN G 123 -51.58 -20.85 21.67
CA GLN G 123 -52.54 -19.81 22.05
C GLN G 123 -52.39 -19.56 23.56
N LEU G 124 -51.69 -18.46 23.92
CA LEU G 124 -51.45 -18.06 25.30
C LEU G 124 -52.74 -17.71 26.03
N ARG G 125 -52.80 -18.01 27.35
CA ARG G 125 -53.98 -17.73 28.18
C ARG G 125 -54.13 -16.22 28.34
N ASP G 126 -55.30 -15.69 27.90
CA ASP G 126 -55.64 -14.27 27.91
C ASP G 126 -55.58 -13.64 29.29
N SER G 127 -55.13 -12.38 29.36
CA SER G 127 -55.05 -11.61 30.60
C SER G 127 -56.42 -11.03 30.94
N LYS G 128 -56.78 -11.02 32.23
CA LYS G 128 -58.07 -10.52 32.73
C LYS G 128 -58.17 -8.99 32.65
N SER G 129 -57.03 -8.30 32.47
CA SER G 129 -56.95 -6.84 32.35
C SER G 129 -56.72 -6.38 30.90
N SER G 130 -56.26 -7.30 30.02
CA SER G 130 -55.99 -6.99 28.62
C SER G 130 -57.06 -7.47 27.64
N ASP G 131 -57.26 -6.70 26.56
CA ASP G 131 -58.21 -6.95 25.48
C ASP G 131 -57.56 -7.65 24.27
N LYS G 132 -56.23 -7.90 24.36
CA LYS G 132 -55.43 -8.52 23.30
C LYS G 132 -55.33 -10.04 23.42
N SER G 133 -55.42 -10.73 22.27
CA SER G 133 -55.27 -12.18 22.15
C SER G 133 -53.84 -12.42 21.65
N VAL G 134 -53.05 -13.25 22.37
CA VAL G 134 -51.64 -13.48 22.04
C VAL G 134 -51.31 -14.91 21.59
N CYS G 135 -50.63 -15.02 20.42
CA CYS G 135 -50.15 -16.27 19.83
C CYS G 135 -48.62 -16.33 19.93
N LEU G 136 -48.07 -17.52 20.22
CA LEU G 136 -46.62 -17.71 20.37
C LEU G 136 -46.07 -18.79 19.42
N PHE G 137 -45.19 -18.37 18.50
CA PHE G 137 -44.52 -19.24 17.54
C PHE G 137 -43.09 -19.45 18.05
N THR G 138 -42.83 -20.62 18.67
CA THR G 138 -41.54 -20.94 19.28
C THR G 138 -40.90 -22.28 18.84
N ASP G 139 -39.63 -22.49 19.24
CA ASP G 139 -38.79 -23.67 18.98
C ASP G 139 -38.55 -24.00 17.50
N PHE G 140 -38.66 -22.99 16.63
CA PHE G 140 -38.44 -23.13 15.19
C PHE G 140 -36.97 -22.92 14.80
N ASP G 141 -36.55 -23.52 13.67
CA ASP G 141 -35.19 -23.41 13.15
C ASP G 141 -34.90 -22.00 12.59
N SER G 142 -33.63 -21.59 12.64
CA SER G 142 -33.14 -20.28 12.20
C SER G 142 -33.31 -19.98 10.70
N GLN G 143 -33.48 -21.03 9.87
CA GLN G 143 -33.67 -20.92 8.42
C GLN G 143 -34.98 -20.23 8.04
N THR G 144 -36.06 -20.49 8.81
CA THR G 144 -37.38 -19.89 8.58
C THR G 144 -37.40 -18.43 9.03
N ASN G 145 -37.89 -17.53 8.16
CA ASN G 145 -37.97 -16.10 8.42
C ASN G 145 -39.37 -15.65 8.81
N VAL G 146 -39.47 -14.83 9.87
CA VAL G 146 -40.73 -14.29 10.38
C VAL G 146 -41.00 -12.94 9.71
N SER G 147 -42.17 -12.81 9.07
CA SER G 147 -42.59 -11.59 8.36
C SER G 147 -43.78 -10.91 9.04
N GLN G 148 -43.90 -9.58 8.87
CA GLN G 148 -44.98 -8.78 9.43
C GLN G 148 -46.31 -9.05 8.72
N SER G 149 -47.42 -8.93 9.48
CA SER G 149 -48.79 -9.15 8.98
C SER G 149 -49.25 -8.08 8.01
N LYS G 150 -50.13 -8.46 7.06
CA LYS G 150 -50.72 -7.55 6.07
C LYS G 150 -51.70 -6.60 6.75
N ASP G 151 -52.41 -7.08 7.79
CA ASP G 151 -53.36 -6.31 8.59
C ASP G 151 -52.58 -5.39 9.54
N SER G 152 -52.86 -4.08 9.46
CA SER G 152 -52.20 -3.04 10.26
C SER G 152 -52.43 -3.18 11.78
N ASP G 153 -53.59 -3.72 12.18
CA ASP G 153 -53.97 -3.92 13.58
C ASP G 153 -53.26 -5.12 14.23
N VAL G 154 -52.71 -6.04 13.43
CA VAL G 154 -51.98 -7.23 13.90
C VAL G 154 -50.50 -6.87 14.04
N TYR G 155 -49.95 -7.01 15.26
CA TYR G 155 -48.55 -6.69 15.55
C TYR G 155 -47.74 -7.97 15.77
N ILE G 156 -46.63 -8.13 15.01
CA ILE G 156 -45.74 -9.30 15.09
C ILE G 156 -44.30 -8.84 15.34
N THR G 157 -43.67 -9.35 16.41
CA THR G 157 -42.27 -9.05 16.75
C THR G 157 -41.37 -10.14 16.15
N ASP G 158 -40.49 -9.73 15.23
CA ASP G 158 -39.57 -10.59 14.48
C ASP G 158 -38.60 -11.38 15.35
N LYS G 159 -37.80 -10.68 16.19
CA LYS G 159 -36.81 -11.31 17.07
C LYS G 159 -36.52 -10.51 18.33
N CYS G 160 -36.29 -11.22 19.44
CA CYS G 160 -35.93 -10.67 20.75
C CYS G 160 -34.46 -10.96 21.08
N VAL G 161 -33.87 -10.19 22.01
CA VAL G 161 -32.49 -10.37 22.41
C VAL G 161 -32.41 -11.00 23.81
N LEU G 162 -31.68 -12.14 23.91
CA LEU G 162 -31.46 -12.91 25.14
C LEU G 162 -30.65 -12.08 26.15
N ASP G 163 -31.09 -12.08 27.43
CA ASP G 163 -30.45 -11.34 28.52
C ASP G 163 -29.05 -11.87 28.83
N MET G 164 -28.10 -10.95 29.10
CA MET G 164 -26.69 -11.26 29.38
C MET G 164 -26.46 -12.05 30.69
N ARG G 165 -26.87 -13.34 30.70
CA ARG G 165 -26.73 -14.29 31.81
C ARG G 165 -27.08 -15.71 31.33
N ASP G 168 -27.96 -19.21 30.34
CA ASP G 168 -28.64 -20.33 29.70
C ASP G 168 -28.98 -20.05 28.23
N PHE G 169 -28.96 -21.12 27.40
CA PHE G 169 -29.25 -21.05 25.96
C PHE G 169 -30.73 -20.77 25.69
N LYS G 170 -31.05 -20.24 24.49
CA LYS G 170 -32.42 -19.91 24.08
C LYS G 170 -32.82 -20.49 22.73
N SER G 171 -34.14 -20.57 22.48
CA SER G 171 -34.74 -21.04 21.23
C SER G 171 -35.41 -19.85 20.52
N ASN G 172 -35.56 -19.92 19.18
CA ASN G 172 -36.18 -18.87 18.38
C ASN G 172 -37.66 -18.73 18.70
N SER G 173 -38.12 -17.49 18.98
CA SER G 173 -39.50 -17.20 19.33
C SER G 173 -40.04 -15.91 18.72
N ALA G 174 -41.31 -15.95 18.27
CA ALA G 174 -42.03 -14.82 17.68
C ALA G 174 -43.38 -14.64 18.38
N VAL G 175 -43.73 -13.38 18.71
CA VAL G 175 -44.97 -13.05 19.41
C VAL G 175 -45.90 -12.23 18.50
N ALA G 176 -47.17 -12.67 18.39
CA ALA G 176 -48.20 -12.01 17.58
C ALA G 176 -49.41 -11.67 18.45
N TRP G 177 -49.93 -10.43 18.33
CA TRP G 177 -51.09 -9.97 19.10
C TRP G 177 -51.98 -9.00 18.34
N SER G 178 -53.31 -9.08 18.58
CA SER G 178 -54.32 -8.23 17.96
C SER G 178 -55.57 -8.09 18.84
N ASN G 179 -56.26 -6.94 18.70
CA ASN G 179 -57.49 -6.62 19.44
C ASN G 179 -58.73 -7.10 18.68
N LYS G 180 -58.58 -7.34 17.36
CA LYS G 180 -59.65 -7.78 16.45
C LYS G 180 -60.14 -9.21 16.68
N SER G 181 -61.44 -9.45 16.40
CA SER G 181 -62.12 -10.73 16.55
C SER G 181 -61.67 -11.77 15.54
N ASP G 182 -61.32 -11.34 14.30
CA ASP G 182 -60.87 -12.20 13.20
C ASP G 182 -59.48 -12.83 13.43
N PHE G 183 -58.74 -12.38 14.46
CA PHE G 183 -57.41 -12.89 14.80
C PHE G 183 -57.47 -14.27 15.45
N ALA G 184 -56.67 -15.21 14.91
CA ALA G 184 -56.52 -16.59 15.37
C ALA G 184 -55.11 -17.07 15.05
N CYS G 185 -54.55 -17.96 15.89
CA CYS G 185 -53.20 -18.52 15.74
C CYS G 185 -52.95 -19.25 14.41
N ALA G 186 -54.01 -19.84 13.82
CA ALA G 186 -53.95 -20.57 12.54
C ALA G 186 -53.70 -19.62 11.36
N ASN G 187 -54.20 -18.38 11.44
CA ASN G 187 -54.03 -17.35 10.40
C ASN G 187 -53.18 -16.15 10.85
N ALA G 188 -52.53 -16.26 12.04
CA ALA G 188 -51.68 -15.21 12.61
C ALA G 188 -50.38 -15.03 11.82
N PHE G 189 -49.72 -16.13 11.44
CA PHE G 189 -48.46 -16.13 10.69
C PHE G 189 -48.67 -16.60 9.23
N ASN G 190 -49.74 -16.07 8.59
CA ASN G 190 -50.11 -16.40 7.21
C ASN G 190 -49.15 -15.76 6.19
N ASN G 191 -48.73 -14.51 6.44
CA ASN G 191 -47.81 -13.76 5.57
C ASN G 191 -46.38 -14.31 5.65
N SER G 192 -46.02 -14.92 6.80
CA SER G 192 -44.71 -15.51 7.06
C SER G 192 -44.60 -16.91 6.46
N ILE G 193 -43.37 -17.30 6.05
CA ILE G 193 -43.09 -18.62 5.47
C ILE G 193 -42.85 -19.68 6.58
N ILE G 194 -43.95 -20.18 7.16
CA ILE G 194 -43.95 -21.17 8.24
C ILE G 194 -43.69 -22.61 7.73
N PRO G 195 -42.91 -23.45 8.47
CA PRO G 195 -42.67 -24.83 7.98
C PRO G 195 -43.91 -25.72 8.02
N GLU G 196 -43.90 -26.79 7.20
CA GLU G 196 -45.01 -27.75 7.07
C GLU G 196 -45.21 -28.62 8.33
N ASP G 197 -44.15 -28.83 9.13
CA ASP G 197 -44.17 -29.64 10.35
C ASP G 197 -44.53 -28.87 11.63
N THR G 198 -45.18 -27.70 11.50
CA THR G 198 -45.59 -26.85 12.63
C THR G 198 -46.81 -27.46 13.35
N PHE G 199 -46.74 -27.53 14.69
CA PHE G 199 -47.79 -28.08 15.55
C PHE G 199 -48.85 -27.03 15.90
N PHE G 200 -50.13 -27.35 15.64
CA PHE G 200 -51.27 -26.48 15.92
C PHE G 200 -52.27 -27.19 16.87
N PRO G 201 -52.27 -26.85 18.18
CA PRO G 201 -53.21 -27.53 19.10
C PRO G 201 -54.63 -26.97 19.05
N SER G 202 -55.62 -27.87 19.14
CA SER G 202 -57.05 -27.52 19.11
C SER G 202 -57.51 -27.02 20.47
N GLY H 5 -13.57 5.16 32.71
CA GLY H 5 -14.71 5.05 31.80
C GLY H 5 -15.37 6.38 31.48
N ILE H 6 -16.39 6.34 30.60
CA ILE H 6 -17.17 7.50 30.17
C ILE H 6 -18.61 7.35 30.65
N THR H 7 -19.18 8.44 31.21
CA THR H 7 -20.56 8.45 31.72
C THR H 7 -21.44 9.48 31.01
N GLN H 8 -22.70 9.10 30.73
CA GLN H 8 -23.71 9.95 30.11
C GLN H 8 -24.97 9.94 30.95
N SER H 9 -25.25 11.06 31.65
CA SER H 9 -26.41 11.19 32.54
C SER H 9 -27.37 12.29 32.06
N PRO H 10 -28.70 12.04 32.01
CA PRO H 10 -29.41 10.78 32.33
C PRO H 10 -29.45 9.80 31.15
N LYS H 11 -30.02 8.60 31.38
CA LYS H 11 -30.15 7.56 30.35
C LYS H 11 -31.24 7.93 29.34
N TYR H 12 -32.35 8.52 29.82
CA TYR H 12 -33.48 8.95 29.00
C TYR H 12 -33.89 10.38 29.36
N LEU H 13 -34.15 11.21 28.34
CA LEU H 13 -34.55 12.61 28.50
C LEU H 13 -35.80 12.96 27.71
N PHE H 14 -36.67 13.78 28.31
CA PHE H 14 -37.90 14.26 27.68
C PHE H 14 -38.16 15.73 28.00
N ARG H 15 -38.31 16.55 26.94
CA ARG H 15 -38.59 17.99 27.01
C ARG H 15 -39.54 18.37 25.88
N LYS H 16 -40.37 19.41 26.08
CA LYS H 16 -41.29 19.88 25.05
C LYS H 16 -40.63 20.90 24.11
N GLU H 17 -41.24 21.16 22.95
CA GLU H 17 -40.75 22.10 21.93
C GLU H 17 -40.59 23.51 22.50
N GLY H 18 -39.39 24.07 22.32
CA GLY H 18 -39.03 25.40 22.81
C GLY H 18 -38.06 25.38 23.97
N GLN H 19 -38.20 24.37 24.85
CA GLN H 19 -37.36 24.18 26.03
C GLN H 19 -35.93 23.77 25.69
N ASN H 20 -34.95 24.26 26.48
CA ASN H 20 -33.53 23.96 26.34
C ASN H 20 -33.13 22.83 27.28
N VAL H 21 -32.31 21.89 26.78
CA VAL H 21 -31.84 20.73 27.53
C VAL H 21 -30.31 20.53 27.43
N THR H 22 -29.66 20.31 28.57
CA THR H 22 -28.21 20.09 28.65
C THR H 22 -27.93 18.61 28.95
N LEU H 23 -27.16 17.96 28.06
CA LEU H 23 -26.78 16.55 28.16
C LEU H 23 -25.37 16.45 28.74
N SER H 24 -25.23 15.74 29.87
CA SER H 24 -23.94 15.58 30.56
C SER H 24 -23.07 14.45 30.04
N CYS H 25 -21.76 14.70 30.00
CA CYS H 25 -20.72 13.74 29.57
C CYS H 25 -19.47 13.95 30.42
N GLU H 26 -19.05 12.90 31.15
CA GLU H 26 -17.89 12.92 32.04
C GLU H 26 -16.99 11.72 31.81
N GLN H 27 -15.67 11.90 31.99
CA GLN H 27 -14.68 10.83 31.85
C GLN H 27 -13.49 11.00 32.80
N ASN H 28 -13.01 9.88 33.38
CA ASN H 28 -11.87 9.85 34.30
C ASN H 28 -10.64 9.17 33.67
N LEU H 29 -10.68 8.94 32.34
CA LEU H 29 -9.62 8.30 31.56
C LEU H 29 -8.44 9.25 31.23
N ASN H 30 -8.54 10.53 31.67
CA ASN H 30 -7.55 11.60 31.49
C ASN H 30 -7.33 12.00 30.00
N HIS H 31 -8.32 11.72 29.13
CA HIS H 31 -8.27 12.04 27.71
C HIS H 31 -8.49 13.54 27.45
N ASP H 32 -7.80 14.08 26.42
CA ASP H 32 -7.92 15.48 26.02
C ASP H 32 -9.05 15.66 25.00
N ALA H 33 -9.11 14.76 24.00
CA ALA H 33 -10.11 14.80 22.93
C ALA H 33 -11.48 14.25 23.37
N MET H 34 -12.55 15.02 23.12
CA MET H 34 -13.93 14.65 23.43
C MET H 34 -14.84 14.94 22.23
N TYR H 35 -15.84 14.07 22.02
CA TYR H 35 -16.74 14.14 20.86
C TYR H 35 -18.22 14.04 21.21
N TRP H 36 -19.09 14.58 20.34
CA TRP H 36 -20.54 14.50 20.45
C TRP H 36 -21.16 14.09 19.12
N TYR H 37 -21.96 13.03 19.15
CA TYR H 37 -22.64 12.45 17.98
C TYR H 37 -24.14 12.31 18.22
N ARG H 38 -24.88 12.04 17.13
CA ARG H 38 -26.32 11.78 17.16
C ARG H 38 -26.67 10.67 16.17
N GLN H 39 -27.48 9.71 16.62
CA GLN H 39 -27.89 8.57 15.80
C GLN H 39 -29.41 8.51 15.67
N ASP H 40 -29.88 8.45 14.42
CA ASP H 40 -31.31 8.36 14.08
C ASP H 40 -31.70 6.89 13.85
N PRO H 41 -32.94 6.46 14.16
CA PRO H 41 -33.31 5.04 13.98
C PRO H 41 -33.09 4.50 12.56
N GLY H 42 -32.17 3.55 12.45
CA GLY H 42 -31.77 2.91 11.20
C GLY H 42 -30.62 3.60 10.48
N GLN H 43 -30.18 4.76 10.99
CA GLN H 43 -29.10 5.56 10.43
C GLN H 43 -27.76 5.41 11.19
N GLY H 44 -26.73 6.08 10.69
CA GLY H 44 -25.39 6.08 11.28
C GLY H 44 -25.15 7.25 12.21
N LEU H 45 -23.89 7.42 12.63
CA LEU H 45 -23.46 8.48 13.55
C LEU H 45 -23.06 9.75 12.82
N ARG H 46 -23.69 10.89 13.17
CA ARG H 46 -23.41 12.21 12.61
C ARG H 46 -22.75 13.08 13.66
N LEU H 47 -21.55 13.60 13.35
CA LEU H 47 -20.75 14.44 14.25
C LEU H 47 -21.37 15.84 14.41
N ILE H 48 -21.60 16.25 15.67
CA ILE H 48 -22.18 17.54 16.02
C ILE H 48 -21.05 18.55 16.29
N TYR H 49 -20.29 18.32 17.38
CA TYR H 49 -19.16 19.15 17.81
C TYR H 49 -18.09 18.29 18.46
N TYR H 50 -16.83 18.74 18.39
CA TYR H 50 -15.71 18.04 19.02
C TYR H 50 -14.66 18.98 19.58
N SER H 51 -14.05 18.58 20.71
CA SER H 51 -13.02 19.34 21.40
C SER H 51 -11.75 18.50 21.46
N GLN H 52 -10.64 19.04 20.93
CA GLN H 52 -9.34 18.34 20.92
C GLN H 52 -8.67 18.40 22.29
N ILE H 53 -8.93 19.47 23.06
CA ILE H 53 -8.41 19.75 24.41
C ILE H 53 -9.30 20.81 25.08
N VAL H 54 -9.05 21.14 26.37
CA VAL H 54 -9.78 22.16 27.13
C VAL H 54 -9.64 23.54 26.44
N ASN H 55 -10.77 24.26 26.29
CA ASN H 55 -10.92 25.57 25.64
C ASN H 55 -10.90 25.54 24.10
N ASP H 56 -10.84 24.34 23.50
CA ASP H 56 -10.85 24.16 22.04
C ASP H 56 -12.23 23.67 21.59
N PHE H 57 -12.74 24.21 20.47
CA PHE H 57 -14.06 23.86 19.93
C PHE H 57 -14.02 23.77 18.41
N GLN H 58 -14.53 22.65 17.86
CA GLN H 58 -14.56 22.39 16.41
C GLN H 58 -15.97 21.99 15.92
N LYS H 59 -16.31 22.40 14.69
CA LYS H 59 -17.60 22.14 14.05
C LYS H 59 -17.72 20.73 13.44
N GLY H 60 -18.95 20.30 13.19
CA GLY H 60 -19.28 19.02 12.59
C GLY H 60 -20.30 19.13 11.47
N ASP H 61 -20.95 18.00 11.12
CA ASP H 61 -21.95 17.95 10.06
C ASP H 61 -23.28 18.62 10.48
N ILE H 62 -23.87 18.16 11.60
CA ILE H 62 -25.12 18.69 12.14
C ILE H 62 -24.83 19.51 13.39
N ALA H 63 -24.20 20.68 13.19
CA ALA H 63 -23.78 21.60 14.27
C ALA H 63 -24.85 22.62 14.67
N GLU H 64 -25.68 23.09 13.71
CA GLU H 64 -26.73 24.09 13.91
C GLU H 64 -27.78 23.66 14.95
N GLY H 65 -28.09 24.57 15.87
CA GLY H 65 -29.06 24.34 16.93
C GLY H 65 -28.47 23.79 18.22
N TYR H 66 -27.16 23.45 18.20
CA TYR H 66 -26.44 22.89 19.35
C TYR H 66 -25.32 23.82 19.84
N SER H 67 -24.91 23.64 21.11
CA SER H 67 -23.82 24.39 21.74
C SER H 67 -23.10 23.52 22.78
N VAL H 68 -21.77 23.65 22.84
CA VAL H 68 -20.92 22.88 23.77
C VAL H 68 -20.07 23.75 24.70
N SER H 69 -19.68 23.18 25.86
CA SER H 69 -18.86 23.85 26.87
C SER H 69 -17.66 22.97 27.24
N ARG H 70 -16.49 23.59 27.44
CA ARG H 70 -15.27 22.89 27.82
C ARG H 70 -14.38 23.77 28.71
N GLU H 71 -14.67 23.75 30.02
CA GLU H 71 -13.95 24.50 31.05
C GLU H 71 -12.89 23.64 31.73
N LYS H 72 -13.19 22.33 31.87
CA LYS H 72 -12.30 21.33 32.46
C LYS H 72 -12.06 20.17 31.50
N LYS H 73 -10.96 19.42 31.71
CA LYS H 73 -10.57 18.28 30.88
C LYS H 73 -11.42 17.01 31.12
N GLU H 74 -12.35 17.05 32.09
CA GLU H 74 -13.22 15.91 32.44
C GLU H 74 -14.60 15.99 31.83
N SER H 75 -15.25 17.17 31.88
CA SER H 75 -16.62 17.37 31.40
C SER H 75 -16.71 18.14 30.08
N PHE H 76 -17.67 17.73 29.23
CA PHE H 76 -17.95 18.33 27.92
C PHE H 76 -19.46 18.20 27.62
N PRO H 77 -20.32 19.09 28.21
CA PRO H 77 -21.76 18.97 27.97
C PRO H 77 -22.27 19.56 26.66
N LEU H 78 -23.37 18.99 26.14
CA LEU H 78 -24.03 19.40 24.91
C LEU H 78 -25.40 19.99 25.25
N THR H 79 -25.66 21.22 24.77
CA THR H 79 -26.92 21.92 24.99
C THR H 79 -27.75 21.93 23.70
N VAL H 80 -29.01 21.50 23.79
CA VAL H 80 -29.94 21.46 22.65
C VAL H 80 -30.89 22.65 22.76
N THR H 81 -30.75 23.61 21.83
CA THR H 81 -31.56 24.83 21.75
C THR H 81 -32.83 24.59 20.92
N SER H 82 -33.79 25.53 20.95
CA SER H 82 -35.05 25.48 20.19
C SER H 82 -34.82 25.67 18.67
N ALA H 83 -33.59 26.08 18.28
CA ALA H 83 -33.17 26.29 16.89
C ALA H 83 -33.11 25.00 16.07
N GLN H 84 -32.88 23.85 16.74
CA GLN H 84 -32.81 22.53 16.11
C GLN H 84 -34.22 22.06 15.72
N LYS H 85 -34.42 21.80 14.41
CA LYS H 85 -35.70 21.37 13.82
C LYS H 85 -36.13 19.98 14.28
N ASN H 86 -35.21 19.00 14.28
CA ASN H 86 -35.48 17.62 14.70
C ASN H 86 -34.52 17.21 15.85
N PRO H 87 -34.85 17.58 17.12
CA PRO H 87 -33.95 17.23 18.23
C PRO H 87 -34.07 15.78 18.73
N THR H 88 -35.13 15.06 18.32
CA THR H 88 -35.37 13.66 18.71
C THR H 88 -34.33 12.74 18.05
N ALA H 89 -33.30 12.36 18.83
CA ALA H 89 -32.19 11.49 18.41
C ALA H 89 -31.50 10.82 19.59
N PHE H 90 -30.70 9.77 19.30
CA PHE H 90 -29.91 9.03 20.30
C PHE H 90 -28.52 9.65 20.30
N TYR H 91 -28.25 10.52 21.29
CA TYR H 91 -26.99 11.25 21.42
C TYR H 91 -25.90 10.42 22.08
N LEU H 92 -24.72 10.36 21.43
CA LEU H 92 -23.58 9.58 21.90
C LEU H 92 -22.33 10.42 22.10
N CYS H 93 -21.71 10.30 23.28
CA CYS H 93 -20.49 11.01 23.64
C CYS H 93 -19.29 10.08 23.52
N ALA H 94 -18.15 10.62 23.06
CA ALA H 94 -16.91 9.84 22.88
C ALA H 94 -15.67 10.56 23.42
N SER H 95 -14.60 9.78 23.67
CA SER H 95 -13.31 10.27 24.16
C SER H 95 -12.16 9.46 23.57
N SER H 96 -11.25 10.12 22.84
CA SER H 96 -10.10 9.48 22.19
C SER H 96 -8.88 9.47 23.10
N SER H 97 -8.14 8.35 23.12
CA SER H 97 -6.93 8.18 23.91
C SER H 97 -5.79 9.07 23.42
N ARG H 98 -4.93 9.53 24.34
CA ARG H 98 -3.81 10.41 24.02
C ARG H 98 -2.63 9.62 23.44
N SER H 99 -2.39 8.40 23.97
CA SER H 99 -1.29 7.52 23.55
C SER H 99 -1.71 6.40 22.60
N SER H 100 -2.89 5.78 22.85
CA SER H 100 -3.44 4.68 22.05
C SER H 100 -4.29 5.14 20.86
N TYR H 101 -4.81 6.38 20.91
CA TYR H 101 -5.67 7.04 19.90
C TYR H 101 -7.06 6.38 19.71
N GLU H 102 -7.36 5.34 20.51
CA GLU H 102 -8.63 4.61 20.49
C GLU H 102 -9.78 5.48 20.99
N GLN H 103 -10.86 5.55 20.20
CA GLN H 103 -12.05 6.32 20.52
C GLN H 103 -12.97 5.42 21.36
N TYR H 104 -13.30 5.87 22.59
CA TYR H 104 -14.17 5.12 23.50
C TYR H 104 -15.50 5.85 23.69
N PHE H 105 -16.61 5.13 23.50
CA PHE H 105 -17.97 5.68 23.60
C PHE H 105 -18.65 5.42 24.94
N GLY H 106 -19.55 6.33 25.33
CA GLY H 106 -20.32 6.23 26.55
C GLY H 106 -21.60 5.41 26.39
N PRO H 107 -22.51 5.39 27.39
CA PRO H 107 -23.74 4.60 27.26
C PRO H 107 -24.75 5.14 26.26
N GLY H 108 -24.83 6.47 26.14
CA GLY H 108 -25.76 7.14 25.25
C GLY H 108 -26.96 7.72 25.97
N THR H 109 -27.63 8.69 25.33
CA THR H 109 -28.82 9.36 25.86
C THR H 109 -29.92 9.45 24.80
N ARG H 110 -31.13 8.99 25.15
CA ARG H 110 -32.30 9.04 24.28
C ARG H 110 -33.13 10.28 24.61
N LEU H 111 -33.15 11.25 23.67
CA LEU H 111 -33.91 12.49 23.81
C LEU H 111 -35.11 12.50 22.87
N THR H 112 -36.28 12.88 23.39
CA THR H 112 -37.53 12.98 22.62
C THR H 112 -38.16 14.36 22.85
N VAL H 113 -38.40 15.10 21.76
CA VAL H 113 -38.99 16.43 21.79
C VAL H 113 -40.28 16.45 20.97
N THR H 114 -41.40 16.87 21.59
CA THR H 114 -42.71 16.98 20.95
C THR H 114 -43.40 18.32 21.23
N GLU H 115 -44.20 18.80 20.26
CA GLU H 115 -44.93 20.07 20.35
C GLU H 115 -46.11 20.00 21.34
N ASP H 116 -46.84 18.86 21.34
CA ASP H 116 -48.01 18.66 22.20
C ASP H 116 -47.75 17.57 23.26
N LEU H 117 -48.02 17.89 24.54
CA LEU H 117 -47.82 17.00 25.69
C LEU H 117 -48.93 15.93 25.85
N LYS H 118 -50.01 16.02 25.06
CA LYS H 118 -51.13 15.08 25.10
C LYS H 118 -50.76 13.73 24.44
N ASN H 119 -49.66 13.70 23.66
CA ASN H 119 -49.15 12.51 22.97
C ASN H 119 -48.43 11.56 23.93
N VAL H 120 -48.07 12.03 25.14
CA VAL H 120 -47.38 11.27 26.19
C VAL H 120 -48.38 10.30 26.85
N PHE H 121 -48.01 9.01 26.95
CA PHE H 121 -48.84 7.97 27.56
C PHE H 121 -48.03 6.92 28.31
N PRO H 122 -48.49 6.43 29.49
CA PRO H 122 -47.74 5.37 30.20
C PRO H 122 -48.00 3.99 29.56
N PRO H 123 -47.11 2.97 29.75
CA PRO H 123 -47.36 1.68 29.10
C PRO H 123 -48.45 0.83 29.74
N GLU H 124 -49.18 0.07 28.90
CA GLU H 124 -50.25 -0.83 29.32
C GLU H 124 -49.65 -2.24 29.46
N VAL H 125 -49.07 -2.52 30.64
CA VAL H 125 -48.38 -3.78 30.97
C VAL H 125 -49.38 -4.90 31.27
N ALA H 126 -49.21 -6.06 30.60
CA ALA H 126 -50.05 -7.24 30.77
C ALA H 126 -49.26 -8.53 30.57
N VAL H 127 -49.44 -9.52 31.48
CA VAL H 127 -48.78 -10.82 31.43
C VAL H 127 -49.79 -11.87 30.95
N PHE H 128 -49.38 -12.68 29.96
CA PHE H 128 -50.21 -13.74 29.37
C PHE H 128 -49.65 -15.10 29.77
N GLU H 129 -50.44 -15.87 30.53
CA GLU H 129 -50.10 -17.19 31.07
C GLU H 129 -49.79 -18.22 29.96
N PRO H 130 -48.78 -19.10 30.14
CA PRO H 130 -48.48 -20.11 29.09
C PRO H 130 -49.60 -21.12 28.88
N SER H 131 -49.74 -21.59 27.63
CA SER H 131 -50.77 -22.57 27.24
C SER H 131 -50.51 -23.95 27.85
N GLU H 132 -51.59 -24.69 28.16
CA GLU H 132 -51.54 -26.04 28.72
C GLU H 132 -50.94 -27.03 27.72
N ALA H 133 -51.06 -26.74 26.42
CA ALA H 133 -50.53 -27.55 25.32
C ALA H 133 -49.00 -27.50 25.27
N GLU H 134 -48.40 -26.33 25.62
CA GLU H 134 -46.95 -26.13 25.64
C GLU H 134 -46.29 -26.92 26.77
N ILE H 135 -46.89 -26.90 27.97
CA ILE H 135 -46.42 -27.59 29.18
C ILE H 135 -46.47 -29.12 28.99
N SER H 136 -47.52 -29.62 28.30
CA SER H 136 -47.70 -31.05 28.04
C SER H 136 -46.80 -31.57 26.91
N HIS H 137 -46.45 -30.70 25.93
CA HIS H 137 -45.63 -31.06 24.76
C HIS H 137 -44.13 -30.84 25.00
N THR H 138 -43.66 -29.58 25.00
CA THR H 138 -42.26 -29.20 25.17
C THR H 138 -41.71 -29.36 26.59
N GLN H 139 -42.60 -29.51 27.59
CA GLN H 139 -42.28 -29.64 29.03
C GLN H 139 -41.58 -28.38 29.58
N LYS H 140 -41.97 -27.21 29.03
CA LYS H 140 -41.47 -25.87 29.37
C LYS H 140 -42.62 -24.86 29.30
N ALA H 141 -42.56 -23.82 30.14
CA ALA H 141 -43.59 -22.77 30.19
C ALA H 141 -43.02 -21.42 29.76
N THR H 142 -43.70 -20.76 28.79
CA THR H 142 -43.27 -19.46 28.27
C THR H 142 -44.27 -18.36 28.61
N LEU H 143 -43.86 -17.42 29.46
CA LEU H 143 -44.65 -16.28 29.90
C LEU H 143 -44.33 -15.07 29.03
N VAL H 144 -45.38 -14.43 28.47
CA VAL H 144 -45.22 -13.27 27.59
C VAL H 144 -45.78 -11.99 28.24
N CYS H 145 -44.91 -10.98 28.38
CA CYS H 145 -45.24 -9.67 28.94
C CYS H 145 -45.27 -8.64 27.81
N LEU H 146 -46.37 -7.87 27.72
CA LEU H 146 -46.53 -6.87 26.68
C LEU H 146 -46.81 -5.47 27.22
N ALA H 147 -45.94 -4.50 26.85
CA ALA H 147 -46.07 -3.10 27.20
C ALA H 147 -46.51 -2.39 25.92
N THR H 148 -47.77 -1.95 25.87
CA THR H 148 -48.36 -1.33 24.68
C THR H 148 -48.86 0.10 24.93
N GLY H 149 -48.95 0.87 23.84
CA GLY H 149 -49.45 2.24 23.81
C GLY H 149 -48.74 3.23 24.73
N PHE H 150 -47.43 3.43 24.50
CA PHE H 150 -46.63 4.35 25.30
C PHE H 150 -45.79 5.31 24.46
N TYR H 151 -45.61 6.53 24.96
CA TYR H 151 -44.80 7.58 24.33
C TYR H 151 -44.15 8.45 25.42
N PRO H 152 -42.81 8.69 25.39
CA PRO H 152 -41.82 8.23 24.41
C PRO H 152 -41.39 6.77 24.57
N ASP H 153 -40.46 6.30 23.72
CA ASP H 153 -39.93 4.93 23.71
C ASP H 153 -38.87 4.69 24.82
N HIS H 154 -39.09 5.26 26.00
CA HIS H 154 -38.18 5.15 27.14
C HIS H 154 -38.69 4.14 28.18
N VAL H 155 -38.40 2.85 27.95
CA VAL H 155 -38.83 1.74 28.83
C VAL H 155 -37.69 0.80 29.22
N GLU H 156 -37.72 0.31 30.47
CA GLU H 156 -36.75 -0.63 31.03
C GLU H 156 -37.50 -1.83 31.60
N LEU H 157 -37.50 -2.96 30.88
CA LEU H 157 -38.20 -4.18 31.29
C LEU H 157 -37.31 -5.11 32.10
N SER H 158 -37.89 -5.70 33.17
CA SER H 158 -37.23 -6.65 34.06
C SER H 158 -38.23 -7.63 34.66
N TRP H 159 -37.89 -8.93 34.66
CA TRP H 159 -38.72 -10.00 35.22
C TRP H 159 -38.32 -10.26 36.68
N TRP H 160 -39.33 -10.43 37.55
CA TRP H 160 -39.12 -10.67 38.98
C TRP H 160 -39.83 -11.93 39.47
N VAL H 161 -39.07 -12.87 40.03
CA VAL H 161 -39.61 -14.11 40.60
C VAL H 161 -39.39 -14.15 42.12
N ASN H 162 -40.51 -14.20 42.88
CA ASN H 162 -40.57 -14.22 44.35
C ASN H 162 -39.83 -13.04 45.02
N GLY H 163 -39.85 -11.88 44.37
CA GLY H 163 -39.21 -10.66 44.85
C GLY H 163 -37.79 -10.43 44.36
N LYS H 164 -37.20 -11.42 43.66
CA LYS H 164 -35.84 -11.34 43.12
C LYS H 164 -35.83 -11.28 41.59
N GLU H 165 -34.97 -10.42 41.01
CA GLU H 165 -34.84 -10.24 39.56
C GLU H 165 -34.11 -11.42 38.90
N VAL H 166 -34.63 -11.86 37.74
CA VAL H 166 -34.06 -12.97 36.97
C VAL H 166 -33.73 -12.59 35.52
N HIS H 167 -32.67 -13.20 34.97
CA HIS H 167 -32.19 -12.96 33.61
C HIS H 167 -32.14 -14.25 32.77
N SER H 168 -32.14 -15.42 33.44
CA SER H 168 -32.09 -16.73 32.78
C SER H 168 -33.42 -17.04 32.08
N GLY H 169 -33.34 -17.26 30.77
CA GLY H 169 -34.50 -17.54 29.92
C GLY H 169 -35.35 -16.32 29.63
N VAL H 170 -34.73 -15.12 29.70
CA VAL H 170 -35.39 -13.83 29.46
C VAL H 170 -35.03 -13.30 28.07
N CYS H 171 -36.04 -13.20 27.19
CA CYS H 171 -35.88 -12.70 25.82
C CYS H 171 -36.72 -11.44 25.61
N THR H 172 -36.10 -10.27 25.81
CA THR H 172 -36.74 -8.96 25.68
C THR H 172 -36.25 -8.24 24.42
N ASP H 173 -37.16 -7.49 23.76
CA ASP H 173 -36.87 -6.70 22.55
C ASP H 173 -35.84 -5.60 22.83
N PRO H 174 -34.85 -5.38 21.93
CA PRO H 174 -33.82 -4.35 22.20
C PRO H 174 -34.31 -2.90 22.13
N GLN H 175 -35.28 -2.62 21.26
CA GLN H 175 -35.85 -1.29 21.06
C GLN H 175 -37.36 -1.35 20.85
N PRO H 176 -38.15 -0.42 21.44
CA PRO H 176 -39.61 -0.46 21.24
C PRO H 176 -40.02 -0.10 19.81
N LEU H 177 -40.90 -0.92 19.21
CA LEU H 177 -41.37 -0.75 17.85
C LEU H 177 -42.65 0.08 17.77
N LYS H 178 -42.75 0.90 16.71
CA LYS H 178 -43.90 1.78 16.45
C LYS H 178 -45.15 0.98 16.10
N GLU H 179 -46.30 1.36 16.69
CA GLU H 179 -47.59 0.72 16.42
C GLU H 179 -48.08 1.11 15.03
N GLN H 180 -47.86 2.38 14.64
CA GLN H 180 -48.22 2.93 13.34
C GLN H 180 -46.97 3.59 12.71
N PRO H 181 -46.27 2.91 11.78
CA PRO H 181 -45.05 3.49 11.19
C PRO H 181 -45.27 4.77 10.35
N ALA H 182 -46.51 5.02 9.92
CA ALA H 182 -46.88 6.20 9.12
C ALA H 182 -46.89 7.48 9.97
N LEU H 183 -47.44 7.41 11.19
CA LEU H 183 -47.53 8.55 12.12
C LEU H 183 -46.18 8.88 12.76
N ASN H 184 -45.89 10.19 12.89
CA ASN H 184 -44.65 10.70 13.49
C ASN H 184 -44.71 10.62 15.03
N ASP H 185 -45.84 11.07 15.62
CA ASP H 185 -46.08 11.05 17.07
C ASP H 185 -46.80 9.75 17.50
N SER H 186 -46.47 8.64 16.84
CA SER H 186 -47.03 7.30 17.06
C SER H 186 -46.61 6.70 18.38
N ARG H 187 -47.51 5.91 18.99
CA ARG H 187 -47.29 5.20 20.25
C ARG H 187 -46.41 3.96 20.01
N TYR H 188 -45.55 3.64 20.98
CA TYR H 188 -44.61 2.51 20.90
C TYR H 188 -45.12 1.25 21.61
N ALA H 189 -44.52 0.09 21.28
CA ALA H 189 -44.85 -1.21 21.85
C ALA H 189 -43.58 -2.06 22.08
N LEU H 190 -43.51 -2.75 23.23
CA LEU H 190 -42.38 -3.61 23.59
C LEU H 190 -42.87 -5.00 24.03
N SER H 191 -42.16 -6.04 23.56
CA SER H 191 -42.47 -7.45 23.87
C SER H 191 -41.35 -8.11 24.66
N SER H 192 -41.70 -9.10 25.50
CA SER H 192 -40.76 -9.84 26.32
C SER H 192 -41.22 -11.28 26.56
N ARG H 193 -40.25 -12.20 26.72
CA ARG H 193 -40.51 -13.63 26.95
C ARG H 193 -39.72 -14.15 28.14
N LEU H 194 -40.37 -15.00 28.96
CA LEU H 194 -39.77 -15.64 30.12
C LEU H 194 -40.03 -17.15 30.03
N ARG H 195 -38.98 -17.92 29.74
CA ARG H 195 -39.08 -19.38 29.64
C ARG H 195 -38.51 -20.06 30.87
N VAL H 196 -39.34 -20.89 31.51
CA VAL H 196 -38.99 -21.64 32.72
C VAL H 196 -39.47 -23.10 32.60
N SER H 197 -38.93 -24.02 33.44
CA SER H 197 -39.29 -25.44 33.46
C SER H 197 -40.77 -25.64 33.81
N ALA H 198 -41.36 -26.76 33.32
CA ALA H 198 -42.77 -27.12 33.53
C ALA H 198 -43.19 -27.10 35.00
N THR H 199 -42.46 -27.86 35.85
CA THR H 199 -42.70 -27.99 37.30
C THR H 199 -42.68 -26.66 38.06
N PHE H 200 -41.82 -25.70 37.63
CA PHE H 200 -41.68 -24.37 38.23
C PHE H 200 -42.98 -23.55 38.09
N TRP H 201 -43.65 -23.63 36.93
CA TRP H 201 -44.91 -22.94 36.65
C TRP H 201 -46.08 -23.60 37.39
N GLN H 202 -46.03 -24.95 37.54
CA GLN H 202 -47.08 -25.74 38.22
C GLN H 202 -47.09 -25.49 39.73
N ASP H 203 -46.04 -24.84 40.25
CA ASP H 203 -45.86 -24.50 41.65
C ASP H 203 -46.53 -23.16 41.97
N PRO H 204 -47.71 -23.17 42.65
CA PRO H 204 -48.41 -21.92 42.97
C PRO H 204 -47.60 -20.96 43.84
N ARG H 205 -46.74 -21.50 44.73
CA ARG H 205 -45.83 -20.78 45.62
C ARG H 205 -44.97 -19.75 44.87
N ASN H 206 -44.56 -20.10 43.62
CA ASN H 206 -43.78 -19.23 42.74
C ASN H 206 -44.64 -18.09 42.18
N HIS H 207 -44.19 -16.85 42.43
CA HIS H 207 -44.86 -15.62 41.99
C HIS H 207 -44.04 -14.94 40.90
N PHE H 208 -44.68 -14.59 39.77
CA PHE H 208 -44.03 -13.93 38.64
C PHE H 208 -44.55 -12.51 38.47
N ARG H 209 -43.64 -11.55 38.25
CA ARG H 209 -43.98 -10.14 38.07
C ARG H 209 -43.14 -9.51 36.96
N CYS H 210 -43.80 -8.72 36.09
CA CYS H 210 -43.15 -8.03 34.98
C CYS H 210 -43.09 -6.53 35.26
N GLN H 211 -41.89 -6.03 35.60
CA GLN H 211 -41.65 -4.62 35.92
C GLN H 211 -41.21 -3.85 34.67
N VAL H 212 -41.87 -2.70 34.42
CA VAL H 212 -41.57 -1.81 33.29
C VAL H 212 -41.34 -0.40 33.84
N GLN H 213 -40.09 0.09 33.74
CA GLN H 213 -39.70 1.42 34.21
C GLN H 213 -39.87 2.42 33.06
N PHE H 214 -40.92 3.26 33.16
CA PHE H 214 -41.24 4.29 32.17
C PHE H 214 -40.67 5.65 32.56
N TYR H 215 -40.21 6.41 31.56
CA TYR H 215 -39.66 7.75 31.75
C TYR H 215 -40.49 8.74 30.93
N GLY H 216 -41.22 9.59 31.63
CA GLY H 216 -42.10 10.59 31.01
C GLY H 216 -41.93 11.99 31.55
N LEU H 217 -43.06 12.57 32.01
CA LEU H 217 -43.11 13.94 32.54
C LEU H 217 -42.57 14.06 33.96
N SER H 218 -42.23 15.30 34.38
CA SER H 218 -41.70 15.63 35.70
C SER H 218 -42.69 16.53 36.46
N GLU H 219 -42.34 16.93 37.70
CA GLU H 219 -43.18 17.80 38.54
C GLU H 219 -43.31 19.23 37.97
N ASN H 220 -42.29 19.70 37.23
CA ASN H 220 -42.23 21.03 36.61
C ASN H 220 -43.23 21.19 35.45
N ASP H 221 -43.55 20.08 34.75
CA ASP H 221 -44.47 20.06 33.62
C ASP H 221 -45.92 20.30 34.03
N GLU H 222 -46.63 21.16 33.28
CA GLU H 222 -48.03 21.51 33.53
C GLU H 222 -48.98 20.55 32.81
N TRP H 223 -49.97 20.01 33.56
CA TRP H 223 -50.97 19.08 33.04
C TRP H 223 -52.39 19.63 33.25
N THR H 224 -53.21 19.60 32.19
CA THR H 224 -54.59 20.10 32.21
C THR H 224 -55.66 19.03 31.92
N GLN H 225 -55.29 17.98 31.15
CA GLN H 225 -56.18 16.88 30.76
C GLN H 225 -56.74 16.08 31.94
N ASP H 226 -57.97 15.56 31.78
CA ASP H 226 -58.72 14.79 32.77
C ASP H 226 -58.02 13.49 33.20
N ARG H 227 -57.32 12.83 32.25
CA ARG H 227 -56.59 11.58 32.48
C ARG H 227 -55.37 11.80 33.40
N ALA H 228 -54.89 10.72 34.03
CA ALA H 228 -53.74 10.73 34.95
C ALA H 228 -52.46 11.24 34.26
N LYS H 229 -51.66 12.03 35.00
CA LYS H 229 -50.41 12.63 34.51
C LYS H 229 -49.36 11.53 34.17
N PRO H 230 -48.95 11.41 32.88
CA PRO H 230 -47.97 10.36 32.53
C PRO H 230 -46.55 10.75 32.94
N VAL H 231 -46.24 10.52 34.22
CA VAL H 231 -44.94 10.80 34.85
C VAL H 231 -44.02 9.58 34.86
N THR H 232 -42.80 9.74 35.40
CA THR H 232 -41.80 8.67 35.54
C THR H 232 -42.33 7.68 36.59
N GLN H 233 -43.10 6.68 36.12
CA GLN H 233 -43.74 5.66 36.97
C GLN H 233 -43.34 4.22 36.64
N ILE H 234 -43.73 3.29 37.53
CA ILE H 234 -43.49 1.85 37.38
C ILE H 234 -44.84 1.14 37.21
N VAL H 235 -45.08 0.57 36.02
CA VAL H 235 -46.31 -0.15 35.71
C VAL H 235 -45.99 -1.65 35.70
N SER H 236 -46.66 -2.42 36.58
CA SER H 236 -46.43 -3.85 36.74
C SER H 236 -47.68 -4.71 36.56
N ALA H 237 -47.47 -5.95 36.08
CA ALA H 237 -48.51 -6.97 35.88
C ALA H 237 -48.01 -8.28 36.51
N GLU H 238 -48.87 -8.91 37.32
CA GLU H 238 -48.54 -10.14 38.06
C GLU H 238 -49.10 -11.42 37.48
N ALA H 239 -48.35 -12.53 37.69
CA ALA H 239 -48.69 -13.88 37.25
C ALA H 239 -48.54 -14.85 38.42
N TRP H 240 -49.43 -15.87 38.47
CA TRP H 240 -49.45 -16.86 39.56
C TRP H 240 -49.44 -18.29 39.03
N GLY H 241 -48.74 -19.17 39.73
CA GLY H 241 -48.59 -20.58 39.38
C GLY H 241 -49.89 -21.36 39.40
N ARG H 242 -50.15 -22.14 38.32
CA ARG H 242 -51.36 -22.95 38.17
C ARG H 242 -51.07 -24.39 37.72
N ALA H 243 -51.93 -25.34 38.11
CA ALA H 243 -51.81 -26.75 37.76
C ALA H 243 -53.15 -27.33 37.31
N SER I 1 0.03 58.13 19.36
CA SER I 1 1.25 57.79 18.63
C SER I 1 0.96 56.88 17.44
N GLN I 2 0.19 55.78 17.67
CA GLN I 2 -0.18 54.81 16.63
C GLN I 2 -1.41 55.33 15.87
N PRO I 3 -1.41 55.29 14.51
CA PRO I 3 -2.58 55.78 13.77
C PRO I 3 -3.82 54.89 13.91
N ASP I 4 -5.02 55.53 13.89
CA ASP I 4 -6.32 54.87 14.01
C ASP I 4 -6.60 53.91 12.82
N PRO I 5 -7.39 52.82 13.00
CA PRO I 5 -7.62 51.89 11.88
C PRO I 5 -8.24 52.46 10.62
N LYS I 6 -7.77 51.99 9.46
CA LYS I 6 -8.22 52.37 8.11
C LYS I 6 -9.65 51.84 7.84
N PRO I 7 -10.39 52.34 6.80
CA PRO I 7 -11.76 51.85 6.56
C PRO I 7 -11.94 50.34 6.33
N ASP I 8 -10.87 49.63 5.94
CA ASP I 8 -10.91 48.18 5.68
C ASP I 8 -9.88 47.38 6.51
N GLU I 9 -9.16 48.06 7.42
CA GLU I 9 -8.12 47.45 8.27
C GLU I 9 -8.70 46.51 9.34
N LEU I 10 -9.85 46.88 9.94
CA LEU I 10 -10.52 46.10 10.99
C LEU I 10 -11.12 44.79 10.50
N HIS I 11 -10.97 43.73 11.30
CA HIS I 11 -11.51 42.40 11.00
C HIS I 11 -13.02 42.37 11.17
N LYS I 12 -13.73 41.79 10.19
CA LYS I 12 -15.19 41.68 10.21
C LYS I 12 -15.61 40.30 10.72
N SER I 13 -16.59 40.28 11.66
CA SER I 13 -17.12 39.05 12.26
C SER I 13 -17.91 38.20 11.25
N SER I 14 -18.50 38.85 10.22
CA SER I 14 -19.27 38.22 9.15
C SER I 14 -18.36 37.36 8.25
N LYS I 15 -17.09 37.76 8.10
CA LYS I 15 -16.07 37.05 7.32
C LYS I 15 -15.60 35.78 8.03
N PHE I 16 -15.74 35.73 9.38
CA PHE I 16 -15.36 34.60 10.21
C PHE I 16 -16.50 33.57 10.21
N THR I 17 -16.20 32.34 9.75
CA THR I 17 -17.18 31.24 9.64
C THR I 17 -17.00 30.13 10.68
N GLY I 18 -16.03 30.28 11.58
CA GLY I 18 -15.74 29.31 12.63
C GLY I 18 -16.64 29.43 13.84
N LEU I 19 -16.07 29.31 15.04
CA LEU I 19 -16.80 29.40 16.32
C LEU I 19 -16.19 30.50 17.20
N MET I 20 -17.03 31.44 17.65
CA MET I 20 -16.63 32.57 18.50
C MET I 20 -16.32 32.13 19.94
N GLU I 21 -16.71 30.89 20.32
CA GLU I 21 -16.48 30.32 21.65
C GLU I 21 -14.98 30.20 21.97
N ASN I 22 -14.15 29.92 20.95
CA ASN I 22 -12.68 29.82 21.06
C ASN I 22 -12.05 31.16 21.44
N MET I 23 -12.73 32.28 21.11
CA MET I 23 -12.33 33.64 21.43
C MET I 23 -12.90 34.04 22.81
N LYS I 24 -14.16 33.62 23.10
CA LYS I 24 -14.89 33.87 24.34
C LYS I 24 -14.18 33.27 25.57
N VAL I 25 -13.66 32.03 25.45
CA VAL I 25 -12.98 31.30 26.52
C VAL I 25 -11.72 32.00 27.06
N LEU I 26 -11.04 32.78 26.19
CA LEU I 26 -9.84 33.55 26.54
C LEU I 26 -10.20 34.74 27.44
N TYR I 27 -11.37 35.34 27.20
CA TYR I 27 -11.87 36.50 27.97
C TYR I 27 -13.06 36.14 28.87
N ASP I 28 -13.09 34.89 29.37
CA ASP I 28 -14.12 34.38 30.28
C ASP I 28 -13.65 34.55 31.74
N ASP I 29 -14.24 33.79 32.69
CA ASP I 29 -13.91 33.86 34.11
C ASP I 29 -12.50 33.33 34.43
N ASN I 30 -11.99 32.37 33.63
CA ASN I 30 -10.69 31.74 33.82
C ASN I 30 -9.53 32.48 33.15
N HIS I 31 -8.42 32.64 33.91
CA HIS I 31 -7.17 33.30 33.49
C HIS I 31 -6.02 32.94 34.45
N VAL I 32 -4.77 33.04 33.98
CA VAL I 32 -3.58 32.79 34.81
C VAL I 32 -3.32 34.02 35.68
N SER I 33 -3.34 33.84 37.02
CA SER I 33 -3.11 34.90 37.98
C SER I 33 -2.23 34.40 39.13
N ALA I 34 -1.04 35.03 39.29
CA ALA I 34 -0.06 34.68 40.33
C ALA I 34 0.61 35.91 40.91
N ILE I 35 0.75 35.95 42.24
CA ILE I 35 1.37 37.07 42.97
C ILE I 35 2.72 36.63 43.52
N ASN I 36 3.80 37.36 43.15
CA ASN I 36 5.19 37.15 43.57
C ASN I 36 5.72 35.73 43.28
N VAL I 37 6.13 35.49 42.01
CA VAL I 37 6.64 34.20 41.52
C VAL I 37 7.93 34.34 40.69
N LYS I 38 8.80 33.33 40.76
CA LYS I 38 10.07 33.27 40.03
C LYS I 38 10.05 32.08 39.05
N SER I 39 10.69 32.24 37.87
CA SER I 39 10.73 31.20 36.85
C SER I 39 11.61 30.00 37.25
N ILE I 40 10.98 28.83 37.36
CA ILE I 40 11.64 27.58 37.75
C ILE I 40 12.49 26.99 36.62
N ASP I 41 11.97 27.01 35.37
CA ASP I 41 12.65 26.47 34.20
C ASP I 41 12.53 27.40 32.98
N GLN I 42 13.20 27.05 31.87
CA GLN I 42 13.22 27.78 30.61
C GLN I 42 13.25 26.78 29.45
N PHE I 43 12.25 26.84 28.56
CA PHE I 43 12.14 25.96 27.40
C PHE I 43 13.01 26.45 26.23
N LEU I 44 12.73 27.66 25.73
CA LEU I 44 13.50 28.29 24.64
C LEU I 44 14.08 29.64 25.12
N TYR I 45 15.06 30.19 24.38
CA TYR I 45 15.74 31.45 24.69
C TYR I 45 14.83 32.69 24.85
N PHE I 46 13.61 32.64 24.27
CA PHE I 46 12.63 33.73 24.32
C PHE I 46 11.46 33.52 25.29
N ASP I 47 11.41 32.37 26.01
CA ASP I 47 10.33 32.08 26.95
C ASP I 47 10.77 31.76 28.38
N LEU I 48 9.81 31.67 29.33
CA LEU I 48 10.04 31.35 30.74
C LEU I 48 8.95 30.42 31.28
N ILE I 49 9.33 29.47 32.15
CA ILE I 49 8.39 28.51 32.75
C ILE I 49 8.19 28.83 34.23
N TYR I 50 6.92 29.07 34.62
CA TYR I 50 6.52 29.38 36.00
C TYR I 50 5.65 28.27 36.56
N SER I 51 5.86 27.92 37.83
CA SER I 51 5.08 26.86 38.51
C SER I 51 3.85 27.47 39.21
N ILE I 52 2.76 27.65 38.45
CA ILE I 52 1.50 28.20 38.95
C ILE I 52 0.43 27.11 38.91
N LYS I 53 -0.09 26.73 40.09
CA LYS I 53 -1.11 25.70 40.22
C LYS I 53 -2.51 26.29 40.11
N ASP I 54 -3.37 25.65 39.29
CA ASP I 54 -4.75 26.07 39.09
C ASP I 54 -5.61 25.55 40.25
N THR I 55 -6.18 26.47 41.04
CA THR I 55 -7.00 26.14 42.21
C THR I 55 -8.51 26.24 41.92
N LYS I 56 -8.91 27.04 40.91
CA LYS I 56 -10.30 27.24 40.52
C LYS I 56 -10.90 26.00 39.85
N LEU I 57 -10.18 25.39 38.89
CA LEU I 57 -10.63 24.20 38.15
C LEU I 57 -9.64 23.03 38.20
N GLY I 58 -8.35 23.35 38.23
CA GLY I 58 -7.27 22.35 38.27
C GLY I 58 -6.94 21.79 36.91
N ASN I 59 -6.62 22.68 35.95
CA ASN I 59 -6.28 22.32 34.57
C ASN I 59 -4.79 22.44 34.25
N TYR I 60 -4.03 23.18 35.09
CA TYR I 60 -2.59 23.38 34.88
C TYR I 60 -1.75 23.41 36.15
N ASP I 61 -0.46 23.01 36.02
CA ASP I 61 0.53 22.98 37.10
C ASP I 61 1.69 23.91 36.76
N ASN I 62 2.06 24.01 35.46
CA ASN I 62 3.14 24.84 34.95
C ASN I 62 2.63 25.74 33.82
N VAL I 63 3.05 27.02 33.81
CA VAL I 63 2.64 28.02 32.82
C VAL I 63 3.85 28.50 32.01
N ARG I 64 3.73 28.50 30.66
CA ARG I 64 4.77 28.97 29.75
C ARG I 64 4.46 30.42 29.37
N VAL I 65 5.45 31.31 29.59
CA VAL I 65 5.33 32.74 29.29
C VAL I 65 6.31 33.09 28.16
N GLU I 66 5.79 33.31 26.94
CA GLU I 66 6.57 33.64 25.75
C GLU I 66 6.75 35.14 25.55
N PHE I 67 7.86 35.53 24.88
CA PHE I 67 8.20 36.92 24.58
C PHE I 67 8.63 37.11 23.12
N LYS I 68 8.62 38.37 22.64
CA LYS I 68 8.99 38.76 21.27
C LYS I 68 10.49 38.55 20.99
N ASN I 69 11.35 38.77 21.99
CA ASN I 69 12.80 38.65 21.87
C ASN I 69 13.47 38.01 23.09
N LYS I 70 14.78 37.70 22.98
CA LYS I 70 15.61 37.09 24.03
C LYS I 70 15.81 38.04 25.22
N ASP I 71 15.95 39.36 24.96
CA ASP I 71 16.17 40.41 25.96
C ASP I 71 15.06 40.46 27.03
N LEU I 72 13.79 40.28 26.62
CA LEU I 72 12.64 40.28 27.52
C LEU I 72 12.62 39.06 28.44
N ALA I 73 13.09 37.90 27.93
CA ALA I 73 13.16 36.65 28.68
C ALA I 73 14.23 36.69 29.77
N ASP I 74 15.41 37.27 29.47
CA ASP I 74 16.53 37.40 30.40
C ASP I 74 16.27 38.46 31.49
N LYS I 75 15.38 39.44 31.19
CA LYS I 75 15.00 40.52 32.09
C LYS I 75 14.19 40.02 33.30
N TYR I 76 13.21 39.12 33.06
CA TYR I 76 12.35 38.55 34.09
C TYR I 76 12.73 37.09 34.45
N LYS I 77 13.97 36.69 34.10
CA LYS I 77 14.51 35.34 34.33
C LYS I 77 14.70 34.99 35.82
N ASP I 78 15.26 35.91 36.62
CA ASP I 78 15.53 35.67 38.04
C ASP I 78 14.65 36.49 39.00
N LYS I 79 14.29 37.73 38.60
CA LYS I 79 13.47 38.65 39.40
C LYS I 79 12.07 38.12 39.69
N TYR I 80 11.62 38.26 40.95
CA TYR I 80 10.29 37.85 41.41
C TYR I 80 9.24 38.74 40.76
N VAL I 81 8.37 38.11 39.94
CA VAL I 81 7.38 38.80 39.11
C VAL I 81 5.91 38.44 39.41
N ASP I 82 4.97 39.28 38.91
CA ASP I 82 3.52 39.09 39.01
C ASP I 82 3.01 38.68 37.62
N VAL I 83 2.34 37.52 37.53
CA VAL I 83 1.85 36.99 36.25
C VAL I 83 0.33 37.15 36.10
N PHE I 84 -0.11 37.75 34.98
CA PHE I 84 -1.52 37.97 34.64
C PHE I 84 -1.70 37.96 33.12
N GLY I 85 -2.74 37.25 32.66
CA GLY I 85 -3.06 37.17 31.24
C GLY I 85 -3.90 35.97 30.84
N ALA I 86 -4.44 36.02 29.61
CA ALA I 86 -5.26 34.95 29.03
C ALA I 86 -4.37 33.80 28.56
N ASN I 87 -4.76 32.56 28.88
CA ASN I 87 -4.00 31.35 28.53
C ASN I 87 -4.72 30.43 27.55
N TYR I 88 -3.93 29.67 26.76
CA TYR I 88 -4.42 28.69 25.80
C TYR I 88 -3.86 27.29 26.08
N TYR I 89 -4.55 26.25 25.61
CA TYR I 89 -4.15 24.86 25.82
C TYR I 89 -3.83 24.15 24.50
N TYR I 90 -4.59 24.47 23.43
CA TYR I 90 -4.39 23.90 22.09
C TYR I 90 -3.15 24.50 21.43
N GLN I 91 -2.29 23.63 20.88
CA GLN I 91 -1.02 23.98 20.23
C GLN I 91 0.02 24.59 21.20
N CYS I 92 -0.09 24.24 22.49
CA CYS I 92 0.80 24.66 23.56
C CYS I 92 1.75 23.49 23.87
N TYR I 93 3.04 23.65 23.51
CA TYR I 93 4.05 22.60 23.71
C TYR I 93 5.34 23.12 24.33
N PHE I 94 5.81 22.42 25.38
CA PHE I 94 7.06 22.68 26.13
C PHE I 94 7.37 21.52 27.08
N SER I 95 8.63 21.43 27.55
CA SER I 95 9.07 20.40 28.47
C SER I 95 9.86 20.97 29.65
N LYS I 96 9.47 20.61 30.89
CA LYS I 96 10.12 21.04 32.12
C LYS I 96 11.25 20.06 32.49
N LYS I 97 12.36 20.58 33.04
CA LYS I 97 13.54 19.81 33.42
C LYS I 97 13.27 18.83 34.57
N THR I 98 13.19 17.52 34.23
CA THR I 98 12.96 16.36 35.11
C THR I 98 12.05 16.61 36.32
N LYS I 108 2.29 17.63 35.42
CA LYS I 108 2.15 17.10 34.06
C LYS I 108 1.25 18.00 33.19
N ARG I 109 0.08 18.43 33.74
CA ARG I 109 -0.88 19.29 33.05
C ARG I 109 -0.30 20.70 32.88
N LYS I 110 -0.37 21.24 31.65
CA LYS I 110 0.24 22.53 31.32
C LYS I 110 -0.61 23.51 30.49
N THR I 111 -0.20 24.80 30.49
CA THR I 111 -0.82 25.91 29.75
C THR I 111 0.23 26.91 29.22
N CYS I 112 -0.09 27.62 28.14
CA CYS I 112 0.79 28.61 27.52
C CYS I 112 0.14 30.00 27.44
N MET I 113 0.97 31.06 27.50
CA MET I 113 0.56 32.48 27.42
C MET I 113 1.69 33.39 26.93
N TYR I 114 1.35 34.64 26.52
CA TYR I 114 2.30 35.63 26.01
C TYR I 114 2.37 36.86 26.92
N GLY I 115 3.59 37.22 27.32
CA GLY I 115 3.88 38.37 28.17
C GLY I 115 3.13 38.42 29.49
N GLY I 116 2.60 39.59 29.80
CA GLY I 116 1.81 39.86 31.01
C GLY I 116 2.57 39.69 32.31
N VAL I 117 3.78 40.27 32.40
CA VAL I 117 4.63 40.21 33.59
C VAL I 117 5.08 41.59 34.09
N THR I 118 4.86 41.87 35.39
CA THR I 118 5.22 43.12 36.06
C THR I 118 5.92 42.82 37.39
N GLU I 119 7.14 43.36 37.59
CA GLU I 119 7.96 43.15 38.80
C GLU I 119 7.23 43.47 40.11
N HIS I 120 7.31 42.55 41.08
CA HIS I 120 6.63 42.65 42.38
C HIS I 120 7.23 43.71 43.33
N ASN I 121 8.57 43.83 43.37
CA ASN I 121 9.28 44.77 44.25
C ASN I 121 9.01 46.25 43.94
N GLY I 122 9.16 46.63 42.67
CA GLY I 122 8.94 48.00 42.22
C GLY I 122 7.51 48.33 41.85
N ASN I 123 6.54 47.60 42.41
CA ASN I 123 5.11 47.80 42.16
C ASN I 123 4.26 47.53 43.42
N GLN I 124 2.93 47.29 43.24
CA GLN I 124 1.89 47.04 44.25
C GLN I 124 1.35 48.31 44.92
N LEU I 125 0.04 48.33 45.18
CA LEU I 125 -0.68 49.45 45.79
C LEU I 125 -1.55 49.04 46.98
N ASP I 126 -1.77 49.97 47.92
CA ASP I 126 -2.59 49.75 49.11
C ASP I 126 -4.08 49.77 48.75
N LYS I 127 -4.49 50.69 47.85
CA LYS I 127 -5.87 50.85 47.40
C LYS I 127 -6.01 50.50 45.91
N TYR I 128 -7.15 49.90 45.53
CA TYR I 128 -7.45 49.51 44.14
C TYR I 128 -7.74 50.74 43.27
N ARG I 129 -6.87 50.99 42.28
CA ARG I 129 -7.00 52.11 41.34
C ARG I 129 -8.03 51.78 40.25
N SER I 130 -9.03 52.65 40.08
CA SER I 130 -10.09 52.47 39.09
C SER I 130 -9.87 53.31 37.82
N ILE I 131 -9.98 52.65 36.65
CA ILE I 131 -9.80 53.29 35.34
C ILE I 131 -11.13 53.26 34.57
N THR I 132 -11.60 54.43 34.11
CA THR I 132 -12.85 54.60 33.38
C THR I 132 -12.78 54.07 31.95
N VAL I 133 -13.83 53.34 31.52
CA VAL I 133 -13.96 52.75 30.18
C VAL I 133 -15.13 53.42 29.46
N ARG I 134 -14.88 53.87 28.22
CA ARG I 134 -15.90 54.51 27.38
C ARG I 134 -16.18 53.64 26.15
N VAL I 135 -17.32 52.92 26.16
CA VAL I 135 -17.73 52.02 25.07
C VAL I 135 -18.58 52.81 24.06
N PHE I 136 -18.23 52.67 22.76
CA PHE I 136 -18.91 53.35 21.67
C PHE I 136 -19.48 52.36 20.65
N GLU I 137 -20.78 52.49 20.33
CA GLU I 137 -21.50 51.69 19.35
C GLU I 137 -21.75 52.58 18.12
N ASP I 138 -21.06 52.29 17.00
CA ASP I 138 -21.10 53.01 15.72
C ASP I 138 -20.63 54.48 15.86
N GLY I 139 -19.69 54.70 16.78
CA GLY I 139 -19.13 56.02 17.09
C GLY I 139 -19.91 56.76 18.16
N LYS I 140 -21.14 56.31 18.44
CA LYS I 140 -22.06 56.88 19.43
C LYS I 140 -21.93 56.15 20.76
N ASN I 141 -22.02 56.88 21.89
CA ASN I 141 -21.92 56.35 23.26
C ASN I 141 -22.98 55.29 23.57
N LEU I 142 -22.55 54.15 24.14
CA LEU I 142 -23.42 53.04 24.51
C LEU I 142 -23.51 52.88 26.02
N LEU I 143 -22.37 52.59 26.69
CA LEU I 143 -22.28 52.42 28.15
C LEU I 143 -20.87 52.71 28.69
N SER I 144 -20.76 52.90 30.03
CA SER I 144 -19.49 53.17 30.71
C SER I 144 -19.38 52.39 32.01
N PHE I 145 -18.17 51.85 32.28
CA PHE I 145 -17.85 51.06 33.47
C PHE I 145 -16.41 51.29 33.94
N ASP I 146 -16.09 50.87 35.17
CA ASP I 146 -14.75 51.03 35.76
C ASP I 146 -14.00 49.70 35.89
N VAL I 147 -12.68 49.72 35.64
CA VAL I 147 -11.79 48.57 35.76
C VAL I 147 -10.81 48.82 36.91
N GLN I 148 -10.79 47.91 37.90
CA GLN I 148 -9.94 48.01 39.10
C GLN I 148 -8.65 47.19 39.01
N THR I 149 -7.54 47.76 39.51
CA THR I 149 -6.21 47.15 39.57
C THR I 149 -5.41 47.60 40.80
N ASN I 150 -4.60 46.70 41.38
CA ASN I 150 -3.79 46.97 42.57
C ASN I 150 -2.29 47.18 42.26
N LYS I 151 -1.99 47.81 41.11
CA LYS I 151 -0.61 48.09 40.67
C LYS I 151 -0.50 49.39 39.88
N LYS I 152 0.69 50.02 39.91
CA LYS I 152 0.98 51.26 39.19
C LYS I 152 1.24 50.95 37.72
N LYS I 153 2.30 50.17 37.42
CA LYS I 153 2.65 49.76 36.07
C LYS I 153 1.89 48.46 35.76
N VAL I 154 0.85 48.57 34.92
CA VAL I 154 -0.02 47.44 34.54
C VAL I 154 0.10 47.15 33.04
N THR I 155 0.22 45.86 32.68
CA THR I 155 0.33 45.38 31.30
C THR I 155 -0.95 45.66 30.50
N ALA I 156 -0.82 45.83 29.18
CA ALA I 156 -1.94 46.08 28.26
C ALA I 156 -2.89 44.90 28.21
N GLN I 157 -2.36 43.66 28.39
CA GLN I 157 -3.09 42.39 28.40
C GLN I 157 -4.08 42.32 29.57
N GLU I 158 -3.63 42.74 30.78
CA GLU I 158 -4.42 42.75 32.02
C GLU I 158 -5.67 43.63 31.87
N LEU I 159 -5.49 44.86 31.34
CA LEU I 159 -6.56 45.83 31.12
C LEU I 159 -7.50 45.41 30.00
N ASP I 160 -6.95 44.76 28.93
CA ASP I 160 -7.72 44.27 27.79
C ASP I 160 -8.65 43.13 28.22
N TYR I 161 -8.13 42.20 29.07
CA TYR I 161 -8.88 41.05 29.57
C TYR I 161 -10.05 41.47 30.46
N LEU I 162 -9.80 42.39 31.44
CA LEU I 162 -10.81 42.90 32.38
C LEU I 162 -11.93 43.66 31.69
N THR I 163 -11.61 44.41 30.61
CA THR I 163 -12.55 45.19 29.82
C THR I 163 -13.46 44.26 29.00
N ARG I 164 -12.87 43.25 28.33
CA ARG I 164 -13.61 42.27 27.51
C ARG I 164 -14.49 41.35 28.35
N HIS I 165 -14.01 40.95 29.56
CA HIS I 165 -14.74 40.08 30.50
C HIS I 165 -16.09 40.68 30.93
N TYR I 166 -16.12 42.01 31.16
CA TYR I 166 -17.33 42.74 31.54
C TYR I 166 -18.28 42.82 30.35
N LEU I 167 -17.74 43.12 29.15
CA LEU I 167 -18.50 43.23 27.90
C LEU I 167 -19.08 41.90 27.41
N VAL I 168 -18.44 40.77 27.79
CA VAL I 168 -18.91 39.41 27.45
C VAL I 168 -20.05 39.03 28.40
N LYS I 169 -19.90 39.37 29.70
CA LYS I 169 -20.89 39.08 30.74
C LYS I 169 -22.14 39.95 30.65
N ASN I 170 -21.99 41.25 30.32
CA ASN I 170 -23.10 42.20 30.26
C ASN I 170 -23.64 42.49 28.85
N LYS I 171 -22.80 43.03 27.94
CA LYS I 171 -23.19 43.39 26.58
C LYS I 171 -23.11 42.23 25.58
N LYS I 172 -22.54 41.07 26.01
CA LYS I 172 -22.33 39.85 25.23
C LYS I 172 -21.51 40.08 23.96
N LEU I 173 -20.20 40.42 24.14
CA LEU I 173 -19.25 40.69 23.05
C LEU I 173 -19.05 39.44 22.19
N TYR I 174 -18.67 38.31 22.82
CA TYR I 174 -18.44 37.05 22.12
C TYR I 174 -19.43 36.00 22.59
N GLU I 175 -20.08 35.33 21.62
CA GLU I 175 -21.06 34.27 21.87
C GLU I 175 -20.47 32.91 21.43
N PHE I 176 -21.33 31.90 21.19
CA PHE I 176 -20.86 30.58 20.77
C PHE I 176 -20.53 30.52 19.29
N ASN I 177 -21.45 30.96 18.41
CA ASN I 177 -21.28 30.93 16.96
C ASN I 177 -20.58 32.17 16.41
N ASN I 178 -21.11 33.37 16.70
CA ASN I 178 -20.56 34.64 16.21
C ASN I 178 -20.63 35.76 17.27
N SER I 179 -20.70 37.03 16.82
CA SER I 179 -20.76 38.23 17.66
C SER I 179 -21.88 39.17 17.17
N PRO I 180 -22.60 39.88 18.08
CA PRO I 180 -23.66 40.80 17.62
C PRO I 180 -23.11 42.08 16.95
N TYR I 181 -21.78 42.30 17.08
CA TYR I 181 -21.08 43.45 16.51
C TYR I 181 -20.18 43.01 15.36
N GLU I 182 -20.12 43.80 14.29
CA GLU I 182 -19.31 43.53 13.10
C GLU I 182 -17.81 43.68 13.37
N THR I 183 -17.35 44.92 13.66
CA THR I 183 -15.95 45.22 13.95
C THR I 183 -15.79 45.70 15.40
N GLY I 184 -14.55 45.68 15.90
CA GLY I 184 -14.23 46.12 17.25
C GLY I 184 -12.75 46.22 17.52
N TYR I 185 -12.35 47.28 18.27
CA TYR I 185 -10.97 47.52 18.67
C TYR I 185 -10.86 48.23 20.03
N ILE I 186 -9.91 47.79 20.85
CA ILE I 186 -9.63 48.33 22.17
C ILE I 186 -8.53 49.39 22.09
N LYS I 187 -8.82 50.63 22.53
CA LYS I 187 -7.86 51.73 22.48
C LYS I 187 -7.34 52.13 23.86
N PHE I 188 -6.00 52.21 23.98
CA PHE I 188 -5.32 52.59 25.21
C PHE I 188 -4.58 53.91 24.97
N ILE I 189 -4.98 54.97 25.68
CA ILE I 189 -4.41 56.32 25.55
C ILE I 189 -3.60 56.69 26.80
N GLU I 190 -2.35 57.12 26.60
CA GLU I 190 -1.44 57.53 27.67
C GLU I 190 -0.81 58.89 27.33
N ASN I 191 -1.44 59.98 27.83
CA ASN I 191 -1.06 61.39 27.64
C ASN I 191 -0.98 61.82 26.17
N GLU I 192 0.15 61.52 25.50
CA GLU I 192 0.40 61.84 24.08
C GLU I 192 0.44 60.59 23.21
N ASN I 193 0.96 59.47 23.77
CA ASN I 193 1.08 58.19 23.08
C ASN I 193 -0.19 57.35 23.21
N SER I 194 -0.57 56.67 22.11
CA SER I 194 -1.74 55.80 22.04
C SER I 194 -1.47 54.55 21.19
N PHE I 195 -2.20 53.45 21.47
CA PHE I 195 -2.09 52.17 20.75
C PHE I 195 -3.40 51.37 20.81
N TRP I 196 -3.66 50.55 19.78
CA TRP I 196 -4.88 49.74 19.70
C TRP I 196 -4.68 48.29 19.26
N TYR I 197 -5.59 47.40 19.71
CA TYR I 197 -5.60 45.97 19.37
C TYR I 197 -6.95 45.60 18.76
N ASP I 198 -6.94 44.76 17.70
CA ASP I 198 -8.16 44.30 17.04
C ASP I 198 -8.87 43.25 17.91
N MET I 199 -10.16 43.46 18.18
CA MET I 199 -10.98 42.57 19.02
C MET I 199 -11.54 41.37 18.28
N MET I 200 -11.93 41.55 17.00
CA MET I 200 -12.54 40.50 16.17
C MET I 200 -11.52 39.51 15.57
N PRO I 201 -11.87 38.21 15.39
CA PRO I 201 -10.92 37.25 14.83
C PRO I 201 -10.65 37.42 13.34
N ALA I 202 -9.53 36.84 12.86
CA ALA I 202 -9.09 36.87 11.45
C ALA I 202 -10.09 36.10 10.54
N PRO I 203 -10.28 36.49 9.26
CA PRO I 203 -11.24 35.78 8.40
C PRO I 203 -10.84 34.34 8.08
N GLY I 204 -11.83 33.45 8.08
CA GLY I 204 -11.67 32.03 7.82
C GLY I 204 -12.64 31.15 8.58
N ASP I 205 -12.44 29.83 8.48
CA ASP I 205 -13.26 28.80 9.13
C ASP I 205 -12.63 28.28 10.44
N LYS I 206 -11.44 28.79 10.79
CA LYS I 206 -10.67 28.38 11.97
C LYS I 206 -10.06 29.57 12.71
N PHE I 207 -10.04 29.50 14.05
CA PHE I 207 -9.44 30.51 14.93
C PHE I 207 -8.26 29.92 15.69
N ASP I 208 -7.07 30.53 15.54
CA ASP I 208 -5.84 30.11 16.21
C ASP I 208 -5.65 30.96 17.47
N GLN I 209 -5.70 30.31 18.65
CA GLN I 209 -5.56 30.96 19.95
C GLN I 209 -4.15 31.53 20.19
N SER I 210 -3.10 30.77 19.80
CA SER I 210 -1.70 31.18 19.95
C SER I 210 -1.34 32.34 19.04
N LYS I 211 -1.81 32.34 17.77
CA LYS I 211 -1.56 33.39 16.79
C LYS I 211 -2.20 34.73 17.19
N TYR I 212 -3.41 34.68 17.78
CA TYR I 212 -4.13 35.87 18.23
C TYR I 212 -3.51 36.45 19.50
N LEU I 213 -3.24 35.60 20.52
CA LEU I 213 -2.66 36.00 21.80
C LEU I 213 -1.19 36.43 21.68
N MET I 214 -0.57 36.18 20.51
CA MET I 214 0.82 36.54 20.21
C MET I 214 1.08 38.05 20.28
N MET I 215 0.05 38.89 20.09
CA MET I 215 0.14 40.36 20.15
C MET I 215 0.59 40.91 21.53
N TYR I 216 0.64 40.04 22.56
CA TYR I 216 1.06 40.39 23.92
C TYR I 216 2.52 39.99 24.22
N ASN I 217 3.26 39.47 23.21
CA ASN I 217 4.67 39.04 23.35
C ASN I 217 5.64 40.20 23.61
N ASP I 218 5.28 41.42 23.17
CA ASP I 218 6.06 42.64 23.34
C ASP I 218 6.13 43.09 24.81
N ASN I 219 5.14 42.67 25.63
CA ASN I 219 4.98 42.96 27.06
C ASN I 219 4.89 44.48 27.31
N LYS I 220 3.87 45.12 26.70
CA LYS I 220 3.62 46.55 26.82
C LYS I 220 3.00 46.89 28.17
N MET I 221 3.64 47.83 28.91
CA MET I 221 3.20 48.27 30.23
C MET I 221 2.76 49.73 30.21
N VAL I 222 1.66 50.04 30.93
CA VAL I 222 1.10 51.39 31.05
C VAL I 222 0.80 51.78 32.51
N ASP I 223 1.12 53.03 32.87
CA ASP I 223 0.92 53.57 34.22
C ASP I 223 -0.57 53.83 34.47
N SER I 224 -1.12 53.23 35.54
CA SER I 224 -2.53 53.32 35.96
C SER I 224 -3.04 54.74 36.21
N LYS I 225 -2.17 55.64 36.71
CA LYS I 225 -2.48 57.03 37.02
C LYS I 225 -2.75 57.88 35.77
N ASP I 226 -2.03 57.61 34.67
CA ASP I 226 -2.16 58.37 33.42
C ASP I 226 -2.85 57.64 32.26
N VAL I 227 -3.33 56.39 32.48
CA VAL I 227 -3.99 55.59 31.45
C VAL I 227 -5.48 55.90 31.27
N LYS I 228 -5.93 55.98 30.00
CA LYS I 228 -7.30 56.22 29.59
C LYS I 228 -7.67 55.14 28.56
N ILE I 229 -8.81 54.45 28.77
CA ILE I 229 -9.24 53.36 27.89
C ILE I 229 -10.63 53.58 27.27
N GLU I 230 -10.72 53.37 25.94
CA GLU I 230 -11.94 53.52 25.15
C GLU I 230 -12.13 52.36 24.18
N VAL I 231 -13.39 51.88 24.04
CA VAL I 231 -13.76 50.76 23.16
C VAL I 231 -14.65 51.27 22.03
N TYR I 232 -14.32 50.91 20.78
CA TYR I 232 -15.08 51.30 19.58
C TYR I 232 -15.53 50.05 18.82
N LEU I 233 -16.85 49.88 18.68
CA LEU I 233 -17.48 48.75 17.98
C LEU I 233 -18.64 49.20 17.08
N THR I 234 -18.90 48.46 15.99
CA THR I 234 -19.97 48.77 15.03
C THR I 234 -20.98 47.63 14.87
N THR I 235 -22.26 47.98 14.60
CA THR I 235 -23.35 47.02 14.42
C THR I 235 -23.39 46.47 12.99
N LYS I 236 -24.13 45.36 12.79
CA LYS I 236 -24.29 44.69 11.49
C LYS I 236 -25.37 45.38 10.67
N GLU J 3 19.45 7.99 -3.58
CA GLU J 3 20.31 7.86 -4.75
C GLU J 3 19.94 8.85 -5.86
N GLU J 4 18.62 9.06 -6.08
CA GLU J 4 18.10 9.97 -7.09
C GLU J 4 17.58 11.26 -6.46
N HIS J 5 16.68 11.14 -5.47
CA HIS J 5 16.07 12.25 -4.73
C HIS J 5 15.93 11.88 -3.25
N VAL J 6 16.40 12.76 -2.34
CA VAL J 6 16.34 12.53 -0.90
C VAL J 6 15.61 13.69 -0.20
N ILE J 7 14.60 13.36 0.63
CA ILE J 7 13.83 14.33 1.42
C ILE J 7 14.15 14.11 2.91
N ILE J 8 14.86 15.06 3.52
CA ILE J 8 15.31 14.99 4.92
C ILE J 8 14.52 15.94 5.82
N GLN J 9 14.09 15.44 7.00
CA GLN J 9 13.40 16.23 8.02
C GLN J 9 14.42 16.52 9.12
N ALA J 10 15.18 17.62 8.94
CA ALA J 10 16.24 18.02 9.87
C ALA J 10 15.66 18.69 11.11
N GLU J 11 16.08 18.20 12.29
CA GLU J 11 15.66 18.71 13.59
C GLU J 11 16.83 18.72 14.56
N PHE J 12 17.04 19.85 15.26
CA PHE J 12 18.10 19.97 16.24
C PHE J 12 17.74 20.82 17.46
N TYR J 13 18.45 20.61 18.57
CA TYR J 13 18.31 21.37 19.80
C TYR J 13 19.67 21.52 20.45
N LEU J 14 20.01 22.77 20.85
CA LEU J 14 21.30 23.08 21.48
C LEU J 14 21.12 23.70 22.87
N ASN J 15 21.90 23.19 23.84
CA ASN J 15 21.92 23.64 25.23
C ASN J 15 23.32 24.18 25.57
N PRO J 16 23.48 25.19 26.47
CA PRO J 16 22.45 25.90 27.25
C PRO J 16 21.88 27.15 26.58
N ASP J 17 22.05 27.25 25.24
CA ASP J 17 21.56 28.37 24.43
C ASP J 17 20.04 28.34 24.35
N GLN J 18 19.45 27.13 24.43
CA GLN J 18 18.02 26.83 24.38
C GLN J 18 17.40 27.27 23.04
N SER J 19 17.98 26.78 21.93
CA SER J 19 17.57 27.07 20.57
C SER J 19 17.26 25.79 19.79
N GLY J 20 16.17 25.82 19.04
CA GLY J 20 15.71 24.70 18.22
C GLY J 20 15.47 25.07 16.77
N GLU J 21 15.46 24.07 15.88
CA GLU J 21 15.23 24.26 14.44
C GLU J 21 14.53 23.07 13.81
N PHE J 22 13.41 23.33 13.11
CA PHE J 22 12.64 22.35 12.35
C PHE J 22 12.75 22.78 10.89
N MET J 23 13.23 21.88 10.01
CA MET J 23 13.46 22.19 8.61
C MET J 23 13.35 20.94 7.70
N PHE J 24 12.81 21.14 6.48
CA PHE J 24 12.68 20.10 5.45
C PHE J 24 13.68 20.35 4.31
N ASP J 25 14.39 19.28 3.89
CA ASP J 25 15.43 19.31 2.87
C ASP J 25 15.05 18.51 1.61
N PHE J 26 15.64 18.88 0.46
CA PHE J 26 15.49 18.22 -0.84
C PHE J 26 16.79 18.38 -1.63
N ASP J 27 17.56 17.29 -1.77
CA ASP J 27 18.84 17.22 -2.49
C ASP J 27 19.84 18.33 -2.09
N GLY J 28 19.91 18.60 -0.79
CA GLY J 28 20.78 19.63 -0.22
C GLY J 28 20.09 20.97 -0.04
N ASP J 29 19.09 21.26 -0.90
CA ASP J 29 18.33 22.52 -0.89
C ASP J 29 17.19 22.49 0.11
N GLU J 30 17.02 23.60 0.86
CA GLU J 30 15.96 23.77 1.86
C GLU J 30 14.61 24.03 1.17
N ILE J 31 13.55 23.35 1.62
CA ILE J 31 12.19 23.55 1.10
C ILE J 31 11.58 24.66 1.94
N PHE J 32 11.60 24.49 3.29
CA PHE J 32 11.08 25.43 4.27
C PHE J 32 11.68 25.17 5.67
N HIS J 33 11.42 26.10 6.59
CA HIS J 33 11.82 26.02 8.00
C HIS J 33 10.76 26.70 8.86
N VAL J 34 10.58 26.21 10.10
CA VAL J 34 9.59 26.75 11.03
C VAL J 34 10.22 27.75 11.99
N ASP J 35 9.73 29.01 11.96
CA ASP J 35 10.20 30.07 12.86
C ASP J 35 9.61 29.78 14.25
N MET J 36 10.49 29.45 15.21
CA MET J 36 10.11 29.10 16.58
C MET J 36 9.41 30.24 17.33
N ALA J 37 9.84 31.49 17.08
CA ALA J 37 9.31 32.69 17.72
C ALA J 37 7.89 33.07 17.27
N LYS J 38 7.69 33.38 15.98
CA LYS J 38 6.38 33.77 15.45
C LYS J 38 5.44 32.63 15.03
N LYS J 39 5.91 31.37 15.13
CA LYS J 39 5.18 30.12 14.84
C LYS J 39 4.59 30.05 13.41
N GLU J 40 5.41 30.37 12.39
CA GLU J 40 4.99 30.34 10.99
C GLU J 40 5.92 29.53 10.07
N THR J 41 5.34 28.98 8.98
CA THR J 41 6.07 28.19 7.98
C THR J 41 6.69 29.15 6.95
N VAL J 42 7.99 29.43 7.11
CA VAL J 42 8.74 30.30 6.21
C VAL J 42 9.54 29.50 5.18
N TRP J 43 9.05 29.52 3.93
CA TRP J 43 9.61 28.81 2.78
C TRP J 43 10.88 29.50 2.27
N ARG J 44 11.79 28.72 1.65
CA ARG J 44 13.05 29.21 1.07
C ARG J 44 12.76 30.20 -0.06
N LEU J 45 11.77 29.87 -0.92
CA LEU J 45 11.30 30.70 -2.02
C LEU J 45 9.80 30.94 -1.89
N GLU J 46 9.33 32.16 -2.22
CA GLU J 46 7.93 32.58 -2.14
C GLU J 46 6.95 31.73 -2.97
N GLU J 47 7.43 31.18 -4.10
CA GLU J 47 6.65 30.34 -5.02
C GLU J 47 6.13 29.05 -4.37
N PHE J 48 6.93 28.44 -3.48
CA PHE J 48 6.63 27.19 -2.78
C PHE J 48 5.38 27.22 -1.89
N GLY J 49 5.13 28.37 -1.25
CA GLY J 49 4.00 28.58 -0.35
C GLY J 49 2.63 28.55 -0.99
N ARG J 50 2.58 28.77 -2.32
CA ARG J 50 1.34 28.79 -3.10
C ARG J 50 0.84 27.39 -3.46
N PHE J 51 1.77 26.43 -3.65
CA PHE J 51 1.46 25.05 -4.03
C PHE J 51 1.31 24.09 -2.83
N ALA J 52 2.05 24.32 -1.74
CA ALA J 52 2.02 23.48 -0.55
C ALA J 52 1.85 24.28 0.75
N SER J 53 1.54 23.58 1.86
CA SER J 53 1.35 24.15 3.19
C SER J 53 1.82 23.20 4.31
N PHE J 54 2.17 23.76 5.49
CA PHE J 54 2.62 22.99 6.65
C PHE J 54 2.18 23.63 7.97
N GLU J 55 1.70 22.81 8.91
CA GLU J 55 1.26 23.23 10.25
C GLU J 55 2.50 23.48 11.12
N ALA J 56 2.89 24.77 11.24
CA ALA J 56 4.06 25.23 11.99
C ALA J 56 4.00 24.96 13.49
N GLN J 57 2.79 24.98 14.08
CA GLN J 57 2.55 24.75 15.51
C GLN J 57 2.95 23.34 15.96
N GLY J 58 2.78 22.37 15.07
CA GLY J 58 3.12 20.96 15.30
C GLY J 58 4.60 20.71 15.44
N ALA J 59 5.44 21.54 14.76
CA ALA J 59 6.90 21.46 14.78
C ALA J 59 7.46 21.68 16.19
N LEU J 60 6.81 22.53 17.01
CA LEU J 60 7.20 22.83 18.38
C LEU J 60 7.01 21.64 19.32
N ALA J 61 6.05 20.74 19.01
CA ALA J 61 5.77 19.52 19.79
C ALA J 61 6.93 18.54 19.62
N ASN J 62 7.58 18.54 18.45
CA ASN J 62 8.73 17.71 18.13
C ASN J 62 9.98 18.23 18.85
N ILE J 63 10.14 19.57 18.92
CA ILE J 63 11.26 20.24 19.61
C ILE J 63 11.12 20.03 21.14
N ALA J 64 9.87 19.91 21.64
CA ALA J 64 9.55 19.66 23.05
C ALA J 64 10.10 18.31 23.52
N VAL J 65 10.04 17.28 22.66
CA VAL J 65 10.55 15.94 22.94
C VAL J 65 12.08 15.96 22.74
N ASP J 66 12.56 16.73 21.74
CA ASP J 66 13.99 16.91 21.42
C ASP J 66 14.79 17.49 22.60
N LYS J 67 14.14 18.34 23.43
CA LYS J 67 14.75 18.94 24.61
C LYS J 67 14.91 17.90 25.73
N ALA J 68 13.84 17.10 26.00
CA ALA J 68 13.83 16.05 27.01
C ALA J 68 14.81 14.94 26.66
N ASN J 69 14.90 14.58 25.36
CA ASN J 69 15.79 13.54 24.85
C ASN J 69 17.27 13.92 25.00
N LEU J 70 17.61 15.22 24.83
CA LEU J 70 18.97 15.74 24.99
C LEU J 70 19.41 15.59 26.45
N GLU J 71 18.50 15.89 27.41
CA GLU J 71 18.73 15.77 28.85
C GLU J 71 19.01 14.32 29.27
N ILE J 72 18.36 13.34 28.59
CA ILE J 72 18.54 11.91 28.84
C ILE J 72 19.93 11.48 28.34
N MET J 73 20.29 11.89 27.09
CA MET J 73 21.57 11.57 26.45
C MET J 73 22.79 12.22 27.12
N THR J 74 22.61 13.41 27.74
CA THR J 74 23.68 14.14 28.45
C THR J 74 24.05 13.39 29.73
N LYS J 75 23.03 12.98 30.53
CA LYS J 75 23.20 12.24 31.77
C LYS J 75 23.78 10.84 31.53
N ARG J 76 23.38 10.18 30.43
CA ARG J 76 23.83 8.84 30.05
C ARG J 76 25.28 8.81 29.57
N SER J 77 25.74 9.88 28.90
CA SER J 77 27.11 10.01 28.40
C SER J 77 28.05 10.62 29.46
N ASN J 78 27.50 10.93 30.66
CA ASN J 78 28.17 11.55 31.80
C ASN J 78 28.68 12.97 31.50
N TYR J 79 27.76 13.79 30.95
CA TYR J 79 27.95 15.21 30.57
C TYR J 79 29.09 15.46 29.56
N THR J 80 29.10 14.67 28.47
CA THR J 80 30.11 14.78 27.40
C THR J 80 29.75 15.95 26.45
N PRO J 81 30.63 16.97 26.32
CA PRO J 81 30.32 18.09 25.42
C PRO J 81 30.70 17.85 23.96
N ILE J 82 30.23 18.72 23.06
CA ILE J 82 30.49 18.66 21.63
C ILE J 82 31.90 19.20 21.29
N THR J 83 32.57 18.57 20.31
CA THR J 83 33.89 18.98 19.84
C THR J 83 33.69 20.06 18.77
N ASN J 84 34.28 21.25 18.99
CA ASN J 84 34.18 22.40 18.07
C ASN J 84 34.93 22.14 16.77
N VAL J 85 34.19 22.10 15.64
CA VAL J 85 34.74 21.86 14.31
C VAL J 85 34.87 23.21 13.56
N PRO J 86 36.08 23.58 13.07
CA PRO J 86 36.23 24.87 12.37
C PRO J 86 35.51 24.93 11.02
N PRO J 87 34.81 26.04 10.70
CA PRO J 87 34.09 26.11 9.42
C PRO J 87 34.98 26.39 8.20
N GLU J 88 34.55 25.88 7.03
CA GLU J 88 35.20 26.06 5.74
C GLU J 88 34.45 27.20 5.03
N VAL J 89 35.12 28.36 4.86
CA VAL J 89 34.52 29.55 4.27
C VAL J 89 35.01 29.80 2.84
N THR J 90 34.04 29.97 1.91
CA THR J 90 34.28 30.23 0.49
C THR J 90 33.34 31.36 0.02
N VAL J 91 33.88 32.35 -0.72
CA VAL J 91 33.11 33.47 -1.25
C VAL J 91 32.99 33.36 -2.77
N LEU J 92 31.75 33.25 -3.28
CA LEU J 92 31.43 33.10 -4.71
C LEU J 92 30.38 34.11 -5.17
N THR J 93 30.18 34.22 -6.50
CA THR J 93 29.20 35.10 -7.12
C THR J 93 28.08 34.30 -7.79
N ASN J 94 26.84 34.83 -7.76
CA ASN J 94 25.65 34.20 -8.34
C ASN J 94 25.72 34.07 -9.87
N SER J 95 26.34 35.05 -10.54
CA SER J 95 26.49 35.10 -12.00
C SER J 95 27.84 35.74 -12.38
N PRO J 96 28.39 35.54 -13.61
CA PRO J 96 29.67 36.19 -13.96
C PRO J 96 29.60 37.72 -13.90
N VAL J 97 30.60 38.33 -13.24
CA VAL J 97 30.72 39.78 -13.00
C VAL J 97 30.64 40.66 -14.25
N GLU J 98 29.91 41.77 -14.13
CA GLU J 98 29.71 42.79 -15.17
C GLU J 98 29.84 44.17 -14.54
N LEU J 99 30.36 45.14 -15.32
CA LEU J 99 30.60 46.52 -14.87
C LEU J 99 29.34 47.27 -14.43
N ARG J 100 28.21 47.06 -15.12
CA ARG J 100 26.93 47.74 -14.82
C ARG J 100 25.89 46.84 -14.15
N GLU J 101 25.73 45.59 -14.64
CA GLU J 101 24.75 44.62 -14.13
C GLU J 101 24.94 44.25 -12.65
N PRO J 102 23.86 44.21 -11.83
CA PRO J 102 24.03 43.88 -10.41
C PRO J 102 24.25 42.39 -10.15
N ASN J 103 24.93 42.06 -9.03
CA ASN J 103 25.23 40.69 -8.64
C ASN J 103 25.03 40.45 -7.13
N VAL J 104 25.08 39.18 -6.70
CA VAL J 104 24.91 38.76 -5.29
C VAL J 104 26.15 38.00 -4.83
N LEU J 105 26.71 38.36 -3.65
CA LEU J 105 27.87 37.71 -3.07
C LEU J 105 27.43 36.60 -2.11
N ILE J 106 27.82 35.35 -2.41
CA ILE J 106 27.46 34.18 -1.60
C ILE J 106 28.63 33.74 -0.72
N CYS J 107 28.41 33.72 0.60
CA CYS J 107 29.40 33.29 1.59
C CYS J 107 29.01 31.90 2.08
N PHE J 108 29.70 30.87 1.56
CA PHE J 108 29.42 29.47 1.90
C PHE J 108 30.17 29.02 3.15
N ILE J 109 29.45 28.88 4.27
CA ILE J 109 29.97 28.43 5.56
C ILE J 109 29.64 26.93 5.66
N ASP J 110 30.65 26.07 5.48
CA ASP J 110 30.47 24.61 5.47
C ASP J 110 31.31 23.87 6.51
N LYS J 111 30.90 22.63 6.85
CA LYS J 111 31.54 21.70 7.79
C LYS J 111 31.86 22.32 9.16
N PHE J 112 30.83 22.49 10.01
CA PHE J 112 30.97 23.08 11.35
C PHE J 112 29.92 22.61 12.35
N THR J 113 30.31 22.58 13.64
CA THR J 113 29.47 22.21 14.80
C THR J 113 30.08 22.83 16.09
N PRO J 114 29.30 23.38 17.05
CA PRO J 114 27.82 23.48 17.14
C PRO J 114 27.20 24.48 16.14
N PRO J 115 25.88 24.36 15.82
CA PRO J 115 25.29 25.29 14.85
C PRO J 115 24.98 26.70 15.38
N VAL J 116 26.04 27.46 15.72
CA VAL J 116 26.00 28.86 16.19
C VAL J 116 27.18 29.57 15.52
N VAL J 117 26.89 30.51 14.62
CA VAL J 117 27.91 31.25 13.86
C VAL J 117 27.55 32.74 13.70
N ASN J 118 28.54 33.63 13.89
CA ASN J 118 28.37 35.08 13.75
C ASN J 118 28.99 35.53 12.42
N VAL J 119 28.13 35.74 11.40
CA VAL J 119 28.56 36.15 10.06
C VAL J 119 28.23 37.63 9.82
N THR J 120 29.25 38.43 9.47
CA THR J 120 29.12 39.87 9.22
C THR J 120 29.75 40.24 7.88
N TRP J 121 29.00 40.97 7.03
CA TRP J 121 29.47 41.44 5.73
C TRP J 121 30.22 42.77 5.91
N LEU J 122 31.47 42.84 5.45
CA LEU J 122 32.30 44.03 5.57
C LEU J 122 32.62 44.67 4.21
N ARG J 123 32.49 46.01 4.16
CA ARG J 123 32.77 46.85 2.99
C ARG J 123 33.77 47.91 3.44
N ASN J 124 35.02 47.83 2.92
CA ASN J 124 36.16 48.72 3.22
C ASN J 124 36.50 48.80 4.73
N GLY J 125 36.14 47.74 5.47
CA GLY J 125 36.35 47.62 6.91
C GLY J 125 35.13 47.96 7.75
N LYS J 126 34.07 48.50 7.10
CA LYS J 126 32.82 48.89 7.75
C LYS J 126 31.71 47.85 7.53
N PRO J 127 30.87 47.53 8.55
CA PRO J 127 29.81 46.52 8.34
C PRO J 127 28.63 47.03 7.51
N VAL J 128 28.02 46.14 6.70
CA VAL J 128 26.87 46.43 5.84
C VAL J 128 25.70 45.48 6.15
N THR J 129 24.50 46.06 6.36
CA THR J 129 23.27 45.34 6.67
C THR J 129 22.14 45.63 5.64
N THR J 130 22.46 46.41 4.58
CA THR J 130 21.52 46.80 3.53
C THR J 130 21.11 45.63 2.63
N GLY J 131 19.86 45.21 2.76
CA GLY J 131 19.25 44.13 1.98
C GLY J 131 19.82 42.74 2.16
N VAL J 132 20.45 42.47 3.33
CA VAL J 132 21.05 41.17 3.63
C VAL J 132 20.04 40.05 3.81
N SER J 133 20.34 38.87 3.24
CA SER J 133 19.51 37.67 3.31
C SER J 133 20.36 36.46 3.63
N GLU J 134 19.89 35.60 4.55
CA GLU J 134 20.61 34.41 5.00
C GLU J 134 19.72 33.16 5.11
N THR J 135 20.34 31.97 5.02
CA THR J 135 19.65 30.68 5.14
C THR J 135 19.85 30.11 6.54
N VAL J 136 18.92 29.24 6.99
CA VAL J 136 19.02 28.57 8.29
C VAL J 136 20.02 27.40 8.20
N PHE J 137 20.51 26.88 9.36
CA PHE J 137 21.48 25.79 9.44
C PHE J 137 21.01 24.52 8.73
N LEU J 138 21.69 24.17 7.62
CA LEU J 138 21.38 23.01 6.77
C LEU J 138 22.06 21.72 7.27
N PRO J 139 21.41 20.54 7.11
CA PRO J 139 22.04 19.30 7.59
C PRO J 139 23.11 18.76 6.64
N ARG J 140 23.91 17.79 7.13
CA ARG J 140 24.97 17.12 6.39
C ARG J 140 25.00 15.63 6.74
N GLU J 141 25.46 14.78 5.79
CA GLU J 141 25.56 13.33 5.98
C GLU J 141 26.55 12.93 7.07
N ASP J 142 27.59 13.76 7.28
CA ASP J 142 28.63 13.59 8.30
C ASP J 142 28.21 14.23 9.65
N HIS J 143 26.92 14.62 9.75
CA HIS J 143 26.25 15.24 10.90
C HIS J 143 26.75 16.64 11.31
N LEU J 144 27.44 17.32 10.37
CA LEU J 144 27.93 18.69 10.56
C LEU J 144 26.89 19.68 10.01
N PHE J 145 27.23 20.98 9.91
CA PHE J 145 26.28 21.99 9.43
C PHE J 145 26.75 22.81 8.23
N ARG J 146 25.79 23.37 7.48
CA ARG J 146 25.99 24.18 6.29
C ARG J 146 25.14 25.45 6.38
N LYS J 147 25.70 26.61 5.98
CA LYS J 147 24.99 27.89 6.02
C LYS J 147 25.42 28.81 4.87
N PHE J 148 24.45 29.58 4.34
CA PHE J 148 24.68 30.52 3.24
C PHE J 148 24.27 31.95 3.61
N HIS J 149 25.12 32.92 3.25
CA HIS J 149 24.90 34.35 3.48
C HIS J 149 24.98 35.10 2.15
N TYR J 150 23.94 35.88 1.84
CA TYR J 150 23.84 36.64 0.59
C TYR J 150 23.95 38.14 0.80
N LEU J 151 24.52 38.85 -0.20
CA LEU J 151 24.69 40.30 -0.17
C LEU J 151 24.48 40.93 -1.57
N PRO J 152 23.39 41.69 -1.79
CA PRO J 152 23.19 42.34 -3.09
C PRO J 152 24.08 43.58 -3.20
N PHE J 153 24.92 43.64 -4.23
CA PHE J 153 25.87 44.73 -4.41
C PHE J 153 25.98 45.22 -5.86
N LEU J 154 26.43 46.48 -6.04
CA LEU J 154 26.68 47.09 -7.33
C LEU J 154 28.19 46.93 -7.61
N PRO J 155 28.59 46.18 -8.68
CA PRO J 155 30.02 45.97 -8.93
C PRO J 155 30.78 47.25 -9.31
N SER J 156 31.68 47.67 -8.41
CA SER J 156 32.51 48.87 -8.57
C SER J 156 33.99 48.54 -8.38
N THR J 157 34.85 49.22 -9.15
CA THR J 157 36.32 49.04 -9.14
C THR J 157 37.01 49.70 -7.94
N GLU J 158 36.26 50.43 -7.09
CA GLU J 158 36.80 51.13 -5.92
C GLU J 158 36.48 50.47 -4.57
N ASP J 159 35.48 49.56 -4.53
CA ASP J 159 35.05 48.88 -3.30
C ASP J 159 35.56 47.45 -3.17
N VAL J 160 35.89 47.06 -1.92
CA VAL J 160 36.37 45.72 -1.53
C VAL J 160 35.39 45.02 -0.58
N TYR J 161 35.36 43.68 -0.58
CA TYR J 161 34.46 42.89 0.26
C TYR J 161 35.14 41.85 1.12
N ASP J 162 34.62 41.67 2.35
CA ASP J 162 35.12 40.72 3.36
C ASP J 162 33.96 39.99 4.05
N CYS J 163 34.12 38.69 4.30
CA CYS J 163 33.12 37.89 5.00
C CYS J 163 33.67 37.43 6.36
N ARG J 164 33.30 38.17 7.43
CA ARG J 164 33.74 37.90 8.80
C ARG J 164 32.94 36.71 9.35
N VAL J 165 33.64 35.65 9.78
CA VAL J 165 33.03 34.44 10.32
C VAL J 165 33.62 34.14 11.72
N GLU J 166 32.73 34.10 12.74
CA GLU J 166 33.11 33.84 14.14
C GLU J 166 32.53 32.52 14.64
N HIS J 167 33.41 31.61 15.09
CA HIS J 167 33.05 30.28 15.62
C HIS J 167 34.06 29.83 16.68
N TRP J 168 33.62 28.96 17.62
CA TRP J 168 34.46 28.42 18.69
C TRP J 168 35.58 27.50 18.20
N GLY J 169 35.41 26.94 17.00
CA GLY J 169 36.39 26.08 16.34
C GLY J 169 37.59 26.86 15.83
N LEU J 170 37.45 28.19 15.71
CA LEU J 170 38.49 29.12 15.26
C LEU J 170 39.11 29.84 16.45
N ASP J 171 40.45 29.95 16.48
CA ASP J 171 41.21 30.64 17.53
C ASP J 171 41.04 32.17 17.41
N GLU J 172 40.85 32.65 16.16
CA GLU J 172 40.66 34.06 15.81
C GLU J 172 39.59 34.17 14.69
N PRO J 173 38.83 35.29 14.60
CA PRO J 173 37.80 35.39 13.53
C PRO J 173 38.36 35.33 12.11
N LEU J 174 37.76 34.49 11.26
CA LEU J 174 38.18 34.27 9.87
C LEU J 174 37.55 35.30 8.92
N LEU J 175 38.37 35.79 7.97
CA LEU J 175 37.96 36.76 6.97
C LEU J 175 38.27 36.27 5.55
N LYS J 176 37.25 36.22 4.69
CA LYS J 176 37.38 35.78 3.30
C LYS J 176 37.16 36.98 2.37
N HIS J 177 38.20 37.35 1.61
CA HIS J 177 38.22 38.51 0.72
C HIS J 177 37.72 38.26 -0.71
N TRP J 178 37.14 39.30 -1.32
CA TRP J 178 36.65 39.32 -2.69
C TRP J 178 36.70 40.75 -3.26
N GLU J 179 37.20 40.88 -4.51
CA GLU J 179 37.34 42.15 -5.25
C GLU J 179 37.41 41.94 -6.76
N PHE J 180 37.23 43.03 -7.54
CA PHE J 180 37.27 43.01 -9.00
C PHE J 180 38.70 43.17 -9.48
N ASP K 2 32.29 33.56 26.87
CA ASP K 2 31.52 32.32 26.79
C ASP K 2 32.45 31.10 26.76
N THR K 3 32.67 30.48 27.94
CA THR K 3 33.54 29.31 28.11
C THR K 3 32.75 28.03 28.40
N ARG K 4 31.43 28.16 28.69
CA ARG K 4 30.50 27.08 29.00
C ARG K 4 30.38 26.01 27.89
N PRO K 5 30.30 24.70 28.25
CA PRO K 5 30.20 23.65 27.20
C PRO K 5 28.85 23.62 26.47
N ARG K 6 28.84 23.01 25.26
CA ARG K 6 27.66 22.89 24.41
C ARG K 6 27.23 21.42 24.23
N PHE K 7 25.91 21.19 24.15
CA PHE K 7 25.31 19.86 23.98
C PHE K 7 24.28 19.89 22.86
N LEU K 8 24.44 19.02 21.85
CA LEU K 8 23.56 18.94 20.67
C LEU K 8 22.84 17.61 20.52
N TRP K 9 21.55 17.67 20.13
CA TRP K 9 20.69 16.53 19.85
C TRP K 9 20.08 16.73 18.46
N GLN K 10 20.30 15.76 17.56
CA GLN K 10 19.81 15.81 16.19
C GLN K 10 18.90 14.63 15.85
N LEU K 11 17.81 14.91 15.12
CA LEU K 11 16.86 13.91 14.64
C LEU K 11 16.58 14.14 13.17
N LYS K 12 16.93 13.15 12.33
CA LYS K 12 16.77 13.23 10.88
C LYS K 12 15.92 12.09 10.32
N PHE K 13 14.88 12.44 9.54
CA PHE K 13 14.01 11.47 8.88
C PHE K 13 14.26 11.57 7.37
N GLU K 14 15.12 10.68 6.85
CA GLU K 14 15.52 10.66 5.44
C GLU K 14 14.64 9.75 4.59
N CYS K 15 14.07 10.30 3.51
CA CYS K 15 13.25 9.55 2.56
C CYS K 15 14.04 9.42 1.25
N HIS K 16 14.64 8.24 1.03
CA HIS K 16 15.43 7.95 -0.16
C HIS K 16 14.56 7.40 -1.28
N PHE K 17 14.59 8.05 -2.45
CA PHE K 17 13.79 7.66 -3.61
C PHE K 17 14.67 7.13 -4.73
N PHE K 18 14.48 5.85 -5.08
CA PHE K 18 15.23 5.15 -6.12
C PHE K 18 14.34 4.99 -7.35
N ASN K 19 14.84 5.46 -8.52
CA ASN K 19 14.17 5.43 -9.83
C ASN K 19 12.74 6.03 -9.77
N GLY K 20 12.65 7.25 -9.27
CA GLY K 20 11.40 7.99 -9.12
C GLY K 20 10.70 7.70 -7.81
N THR K 21 9.80 6.70 -7.82
CA THR K 21 9.01 6.29 -6.64
C THR K 21 9.05 4.76 -6.45
N GLU K 22 9.51 4.00 -7.48
CA GLU K 22 9.61 2.53 -7.52
C GLU K 22 10.13 1.88 -6.22
N ARG K 23 11.21 2.42 -5.63
CA ARG K 23 11.79 1.94 -4.38
C ARG K 23 11.96 3.11 -3.40
N VAL K 24 11.31 2.99 -2.23
CA VAL K 24 11.34 4.02 -1.18
C VAL K 24 12.00 3.46 0.10
N ARG K 25 12.96 4.21 0.64
CA ARG K 25 13.70 3.84 1.86
C ARG K 25 13.65 4.96 2.90
N LEU K 26 13.10 4.67 4.08
CA LEU K 26 13.01 5.62 5.19
C LEU K 26 14.12 5.33 6.20
N LEU K 27 14.90 6.38 6.54
CA LEU K 27 16.00 6.27 7.48
C LEU K 27 15.90 7.31 8.61
N GLU K 28 15.48 6.85 9.80
CA GLU K 28 15.36 7.67 11.00
C GLU K 28 16.72 7.63 11.69
N ARG K 29 17.30 8.80 12.03
CA ARG K 29 18.61 8.88 12.66
C ARG K 29 18.62 9.77 13.90
N CYS K 30 19.03 9.20 15.04
CA CYS K 30 19.16 9.90 16.33
C CYS K 30 20.65 10.16 16.56
N ILE K 31 21.05 11.45 16.52
CA ILE K 31 22.45 11.86 16.64
C ILE K 31 22.72 12.73 17.87
N TYR K 32 23.62 12.28 18.75
CA TYR K 32 24.05 13.04 19.92
C TYR K 32 25.42 13.63 19.61
N ASN K 33 25.52 14.98 19.67
CA ASN K 33 26.71 15.78 19.36
C ASN K 33 27.18 15.59 17.92
N GLN K 34 27.90 14.48 17.64
CA GLN K 34 28.40 14.14 16.31
C GLN K 34 28.26 12.64 16.02
N GLU K 35 28.05 11.82 17.07
CA GLU K 35 27.90 10.37 16.96
C GLU K 35 26.44 9.94 16.95
N GLU K 36 26.07 9.13 15.94
CA GLU K 36 24.72 8.56 15.74
C GLU K 36 24.51 7.43 16.75
N SER K 37 23.40 7.47 17.52
CA SER K 37 23.10 6.48 18.56
C SER K 37 22.09 5.41 18.14
N VAL K 38 20.88 5.82 17.71
CA VAL K 38 19.80 4.90 17.30
C VAL K 38 19.34 5.18 15.88
N ARG K 39 18.94 4.11 15.14
CA ARG K 39 18.45 4.24 13.77
C ARG K 39 17.38 3.23 13.37
N PHE K 40 16.50 3.63 12.43
CA PHE K 40 15.45 2.80 11.85
C PHE K 40 15.61 2.74 10.34
N ASP K 41 15.47 1.55 9.76
CA ASP K 41 15.58 1.33 8.32
C ASP K 41 14.40 0.49 7.86
N SER K 42 13.72 0.94 6.77
CA SER K 42 12.56 0.24 6.18
C SER K 42 12.96 -1.12 5.60
N ASP K 43 14.23 -1.25 5.15
CA ASP K 43 14.81 -2.48 4.60
C ASP K 43 15.03 -3.51 5.72
N VAL K 44 15.25 -3.03 6.96
CA VAL K 44 15.46 -3.85 8.16
C VAL K 44 14.08 -4.15 8.80
N GLY K 45 13.27 -3.12 8.99
CA GLY K 45 11.93 -3.23 9.56
C GLY K 45 11.84 -3.01 11.06
N GLU K 46 13.00 -2.80 11.73
CA GLU K 46 13.06 -2.58 13.18
C GLU K 46 14.20 -1.63 13.57
N TYR K 47 14.12 -1.06 14.80
CA TYR K 47 15.14 -0.17 15.34
C TYR K 47 16.41 -0.94 15.70
N ARG K 48 17.56 -0.49 15.19
CA ARG K 48 18.86 -1.09 15.44
C ARG K 48 19.81 -0.06 16.03
N ALA K 49 20.43 -0.40 17.18
CA ALA K 49 21.36 0.47 17.89
C ALA K 49 22.68 0.61 17.14
N VAL K 50 23.20 1.85 17.06
CA VAL K 50 24.47 2.16 16.40
C VAL K 50 25.58 2.09 17.45
N THR K 51 25.42 2.82 18.57
CA THR K 51 26.36 2.87 19.70
C THR K 51 25.79 2.16 20.93
N GLU K 52 26.58 2.08 22.02
CA GLU K 52 26.17 1.45 23.29
C GLU K 52 25.06 2.25 24.00
N LEU K 53 25.05 3.58 23.80
CA LEU K 53 24.05 4.49 24.36
C LEU K 53 22.67 4.34 23.69
N GLY K 54 22.67 3.87 22.44
CA GLY K 54 21.46 3.65 21.66
C GLY K 54 20.77 2.32 21.91
N ARG K 55 21.43 1.43 22.68
CA ARG K 55 20.94 0.09 23.03
C ARG K 55 19.62 0.06 23.84
N PRO K 56 19.42 0.85 24.94
CA PRO K 56 18.14 0.77 25.66
C PRO K 56 16.95 1.36 24.90
N ASP K 57 17.21 2.31 23.99
CA ASP K 57 16.19 2.98 23.17
C ASP K 57 15.61 2.04 22.12
N ALA K 58 16.47 1.22 21.49
CA ALA K 58 16.07 0.23 20.47
C ALA K 58 15.17 -0.85 21.09
N GLU K 59 15.54 -1.36 22.28
CA GLU K 59 14.79 -2.37 23.03
C GLU K 59 13.42 -1.86 23.47
N TYR K 60 13.35 -0.57 23.88
CA TYR K 60 12.12 0.08 24.33
C TYR K 60 11.14 0.31 23.17
N TRP K 61 11.66 0.68 21.99
CA TRP K 61 10.86 0.93 20.80
C TRP K 61 10.42 -0.33 20.06
N ASN K 62 11.24 -1.42 20.14
CA ASN K 62 10.93 -2.70 19.50
C ASN K 62 9.85 -3.51 20.25
N SER K 63 9.66 -3.23 21.55
CA SER K 63 8.67 -3.90 22.41
C SER K 63 7.24 -3.55 22.00
N GLN K 64 7.01 -2.27 21.64
CA GLN K 64 5.70 -1.77 21.20
C GLN K 64 5.53 -1.99 19.68
N LYS K 65 4.60 -2.90 19.32
CA LYS K 65 4.28 -3.29 17.94
C LYS K 65 3.62 -2.18 17.10
N ASP K 66 2.92 -1.22 17.76
CA ASP K 66 2.22 -0.10 17.12
C ASP K 66 3.11 1.08 16.77
N LEU K 67 4.30 1.16 17.37
CA LEU K 67 5.28 2.20 17.07
C LEU K 67 5.96 1.78 15.76
N LEU K 68 6.39 0.49 15.69
CA LEU K 68 7.04 -0.13 14.54
C LEU K 68 6.15 -0.14 13.30
N GLU K 69 4.84 -0.43 13.49
CA GLU K 69 3.85 -0.46 12.41
C GLU K 69 3.69 0.91 11.74
N GLN K 70 3.69 1.99 12.56
CA GLN K 70 3.60 3.39 12.10
C GLN K 70 4.83 3.78 11.28
N ARG K 71 6.04 3.38 11.74
CA ARG K 71 7.32 3.65 11.07
C ARG K 71 7.44 2.87 9.77
N ARG K 72 6.88 1.64 9.72
CA ARG K 72 6.89 0.78 8.53
C ARG K 72 5.96 1.35 7.46
N ALA K 73 4.78 1.86 7.87
CA ALA K 73 3.78 2.46 7.00
C ALA K 73 4.14 3.90 6.59
N ALA K 74 5.14 4.51 7.27
CA ALA K 74 5.62 5.87 7.00
C ALA K 74 6.26 6.06 5.62
N VAL K 75 6.61 4.96 4.91
CA VAL K 75 7.17 5.04 3.56
C VAL K 75 6.11 5.49 2.54
N ASP K 76 4.82 5.26 2.88
CA ASP K 76 3.66 5.61 2.06
C ASP K 76 2.93 6.84 2.62
N THR K 77 2.61 6.81 3.93
CA THR K 77 1.89 7.89 4.63
C THR K 77 2.71 9.17 4.84
N TYR K 78 4.05 9.06 4.79
CA TYR K 78 4.95 10.19 5.01
C TYR K 78 5.94 10.45 3.86
N CYS K 79 6.72 9.42 3.45
CA CYS K 79 7.70 9.58 2.37
C CYS K 79 7.04 9.80 1.00
N ARG K 80 6.19 8.84 0.55
CA ARG K 80 5.49 8.91 -0.74
C ARG K 80 4.48 10.06 -0.79
N HIS K 81 3.91 10.45 0.37
CA HIS K 81 2.95 11.55 0.49
C HIS K 81 3.62 12.90 0.21
N ASN K 82 4.72 13.21 0.92
CA ASN K 82 5.47 14.46 0.78
C ASN K 82 6.14 14.63 -0.59
N TYR K 83 6.42 13.50 -1.28
CA TYR K 83 7.02 13.48 -2.61
C TYR K 83 6.06 14.07 -3.64
N GLY K 84 4.80 13.62 -3.61
CA GLY K 84 3.74 14.07 -4.50
C GLY K 84 3.29 15.49 -4.23
N VAL K 85 3.40 15.95 -2.96
CA VAL K 85 3.04 17.29 -2.50
C VAL K 85 3.98 18.34 -3.12
N GLY K 86 5.28 18.07 -3.07
CA GLY K 86 6.31 18.95 -3.59
C GLY K 86 6.82 18.66 -5.00
N GLU K 87 6.26 17.62 -5.66
CA GLU K 87 6.63 17.17 -7.02
C GLU K 87 6.68 18.28 -8.06
N SER K 88 5.70 19.20 -8.04
CA SER K 88 5.58 20.33 -8.97
C SER K 88 6.69 21.39 -8.84
N PHE K 89 7.31 21.52 -7.65
CA PHE K 89 8.35 22.52 -7.40
C PHE K 89 9.73 21.98 -7.00
N THR K 90 9.84 20.68 -6.66
CA THR K 90 11.12 20.08 -6.26
C THR K 90 11.74 19.22 -7.38
N VAL K 91 11.06 18.12 -7.75
CA VAL K 91 11.51 17.16 -8.78
C VAL K 91 11.38 17.78 -10.18
N GLN K 92 10.23 18.38 -10.50
CA GLN K 92 9.93 18.98 -11.80
C GLN K 92 10.43 20.44 -11.99
N ARG K 93 11.34 20.92 -11.12
CA ARG K 93 11.90 22.27 -11.21
C ARG K 93 12.91 22.35 -12.36
N ARG K 94 12.65 23.25 -13.33
CA ARG K 94 13.50 23.45 -14.50
C ARG K 94 13.85 24.94 -14.65
N VAL K 95 15.15 25.27 -14.60
CA VAL K 95 15.67 26.63 -14.74
C VAL K 95 16.75 26.63 -15.84
N GLU K 96 16.58 27.50 -16.85
CA GLU K 96 17.50 27.63 -17.99
C GLU K 96 18.83 28.29 -17.54
N PRO K 97 20.00 27.67 -17.84
CA PRO K 97 21.27 28.28 -17.41
C PRO K 97 21.74 29.45 -18.26
N LYS K 98 22.55 30.34 -17.65
CA LYS K 98 23.13 31.52 -18.32
C LYS K 98 24.57 31.17 -18.70
N VAL K 99 24.81 30.92 -20.00
CA VAL K 99 26.12 30.54 -20.55
C VAL K 99 26.87 31.78 -21.04
N THR K 100 28.13 31.94 -20.57
CA THR K 100 29.01 33.06 -20.94
C THR K 100 30.43 32.54 -21.18
N VAL K 101 30.98 32.79 -22.39
CA VAL K 101 32.33 32.37 -22.79
C VAL K 101 33.24 33.61 -22.87
N TYR K 102 34.34 33.60 -22.10
CA TYR K 102 35.30 34.71 -22.02
C TYR K 102 36.70 34.21 -21.62
N PRO K 103 37.80 34.86 -22.09
CA PRO K 103 39.14 34.42 -21.66
C PRO K 103 39.44 34.86 -20.22
N SER K 104 40.19 34.03 -19.48
CA SER K 104 40.56 34.27 -18.08
C SER K 104 41.40 35.53 -17.86
N LYS K 105 42.39 35.78 -18.75
CA LYS K 105 43.28 36.93 -18.67
C LYS K 105 43.55 37.51 -20.06
N THR K 106 43.85 38.83 -20.13
CA THR K 106 44.16 39.54 -21.37
C THR K 106 45.51 39.06 -21.91
N GLN K 107 45.46 38.19 -22.93
CA GLN K 107 46.64 37.61 -23.57
C GLN K 107 46.56 37.68 -25.11
N PRO K 108 47.68 37.98 -25.81
CA PRO K 108 47.60 38.04 -27.29
C PRO K 108 47.69 36.66 -27.95
N LEU K 109 47.71 36.62 -29.30
CA LEU K 109 47.80 35.40 -30.10
C LEU K 109 49.13 34.66 -29.91
N GLN K 110 49.14 33.34 -30.22
CA GLN K 110 50.27 32.40 -30.14
C GLN K 110 50.64 31.94 -28.71
N HIS K 111 50.16 32.66 -27.67
CA HIS K 111 50.42 32.34 -26.26
C HIS K 111 49.18 31.76 -25.58
N HIS K 112 49.40 30.89 -24.57
CA HIS K 112 48.35 30.18 -23.82
C HIS K 112 47.43 31.08 -22.98
N ASN K 113 46.16 30.66 -22.85
CA ASN K 113 45.11 31.33 -22.06
C ASN K 113 43.99 30.32 -21.74
N LEU K 114 43.25 30.57 -20.64
CA LEU K 114 42.14 29.71 -20.22
C LEU K 114 40.80 30.28 -20.68
N LEU K 115 39.98 29.44 -21.34
CA LEU K 115 38.66 29.84 -21.83
C LEU K 115 37.59 29.48 -20.80
N VAL K 116 37.10 30.48 -20.07
CA VAL K 116 36.10 30.29 -19.01
C VAL K 116 34.68 30.23 -19.60
N CYS K 117 33.99 29.08 -19.42
CA CYS K 117 32.62 28.87 -19.86
C CYS K 117 31.72 28.93 -18.63
N SER K 118 31.41 30.15 -18.18
CA SER K 118 30.59 30.44 -16.99
C SER K 118 29.13 30.03 -17.19
N VAL K 119 28.71 28.97 -16.48
CA VAL K 119 27.36 28.41 -16.50
C VAL K 119 26.79 28.58 -15.08
N SER K 120 25.79 29.47 -14.91
CA SER K 120 25.20 29.77 -13.61
C SER K 120 23.67 29.91 -13.62
N GLY K 121 23.07 29.65 -12.46
CA GLY K 121 21.62 29.74 -12.24
C GLY K 121 20.82 28.68 -12.98
N PHE K 122 20.91 27.42 -12.53
CA PHE K 122 20.20 26.29 -13.13
C PHE K 122 19.79 25.22 -12.12
N TYR K 123 18.70 24.48 -12.45
CA TYR K 123 18.17 23.38 -11.64
C TYR K 123 17.52 22.33 -12.57
N PRO K 124 17.81 21.01 -12.42
CA PRO K 124 18.68 20.36 -11.42
C PRO K 124 20.18 20.46 -11.71
N GLY K 125 20.98 19.82 -10.86
CA GLY K 125 22.43 19.79 -10.95
C GLY K 125 22.99 19.01 -12.13
N SER K 126 22.18 18.11 -12.73
CA SER K 126 22.55 17.28 -13.88
C SER K 126 22.81 18.15 -15.10
N ILE K 127 24.10 18.26 -15.49
CA ILE K 127 24.56 19.09 -16.62
C ILE K 127 25.76 18.46 -17.35
N GLU K 128 25.81 18.63 -18.68
CA GLU K 128 26.91 18.13 -19.52
C GLU K 128 27.51 19.29 -20.31
N VAL K 129 28.74 19.70 -19.94
CA VAL K 129 29.45 20.79 -20.59
C VAL K 129 30.57 20.22 -21.46
N ARG K 130 30.45 20.42 -22.79
CA ARG K 130 31.39 19.92 -23.79
C ARG K 130 32.10 21.07 -24.51
N TRP K 131 33.41 20.90 -24.77
CA TRP K 131 34.24 21.90 -25.46
C TRP K 131 34.51 21.52 -26.90
N PHE K 132 34.43 22.51 -27.82
CA PHE K 132 34.65 22.31 -29.24
C PHE K 132 35.65 23.29 -29.84
N ARG K 133 36.62 22.77 -30.61
CA ARG K 133 37.66 23.53 -31.30
C ARG K 133 37.40 23.44 -32.81
N ASN K 134 36.71 24.47 -33.37
CA ASN K 134 36.31 24.59 -34.77
C ASN K 134 35.47 23.40 -35.29
N GLY K 135 34.46 23.02 -34.50
CA GLY K 135 33.56 21.91 -34.82
C GLY K 135 33.92 20.58 -34.20
N GLN K 136 35.24 20.31 -34.02
CA GLN K 136 35.76 19.07 -33.45
C GLN K 136 35.87 19.15 -31.92
N GLU K 137 35.47 18.06 -31.23
CA GLU K 137 35.48 17.96 -29.77
C GLU K 137 36.90 17.86 -29.20
N GLU K 138 37.15 18.63 -28.12
CA GLU K 138 38.43 18.64 -27.40
C GLU K 138 38.21 18.12 -25.98
N LYS K 139 38.77 16.93 -25.69
CA LYS K 139 38.63 16.26 -24.40
C LYS K 139 39.81 16.52 -23.44
N ALA K 140 40.99 16.88 -23.99
CA ALA K 140 42.21 17.16 -23.22
C ALA K 140 42.26 18.60 -22.72
N GLY K 141 42.76 18.78 -21.50
CA GLY K 141 42.93 20.07 -20.85
C GLY K 141 41.62 20.72 -20.41
N VAL K 142 40.72 19.92 -19.79
CA VAL K 142 39.43 20.40 -19.30
C VAL K 142 39.49 20.57 -17.77
N VAL K 143 39.61 21.82 -17.31
CA VAL K 143 39.70 22.17 -15.88
C VAL K 143 38.31 22.62 -15.40
N SER K 144 37.66 21.78 -14.58
CA SER K 144 36.33 22.05 -14.04
C SER K 144 36.38 22.25 -12.52
N THR K 145 35.65 23.28 -12.03
CA THR K 145 35.57 23.62 -10.60
C THR K 145 34.56 22.72 -9.87
N GLY K 146 33.84 21.89 -10.63
CA GLY K 146 32.83 20.98 -10.12
C GLY K 146 31.46 21.62 -10.06
N LEU K 147 30.55 21.02 -9.28
CA LEU K 147 29.19 21.52 -9.11
C LEU K 147 29.07 22.27 -7.79
N ILE K 148 28.70 23.57 -7.87
CA ILE K 148 28.56 24.45 -6.71
C ILE K 148 27.08 24.77 -6.47
N GLN K 149 26.57 24.43 -5.27
CA GLN K 149 25.18 24.69 -4.88
C GLN K 149 25.11 26.05 -4.18
N ASN K 150 24.36 26.99 -4.77
CA ASN K 150 24.19 28.36 -4.25
C ASN K 150 23.34 28.43 -2.98
N GLY K 151 22.42 27.49 -2.82
CA GLY K 151 21.52 27.43 -1.67
C GLY K 151 20.13 27.97 -1.94
N ASP K 152 20.00 28.84 -2.97
CA ASP K 152 18.73 29.46 -3.38
C ASP K 152 18.10 28.73 -4.58
N TRP K 153 18.20 27.37 -4.58
CA TRP K 153 17.68 26.46 -5.61
C TRP K 153 18.32 26.68 -7.00
N THR K 154 19.58 27.13 -7.01
CA THR K 154 20.37 27.41 -8.22
C THR K 154 21.76 26.79 -8.11
N PHE K 155 22.32 26.38 -9.26
CA PHE K 155 23.66 25.78 -9.35
C PHE K 155 24.57 26.62 -10.24
N GLN K 156 25.89 26.53 -10.01
CA GLN K 156 26.90 27.24 -10.81
C GLN K 156 28.14 26.38 -11.05
N THR K 157 28.65 26.39 -12.29
CA THR K 157 29.83 25.63 -12.69
C THR K 157 30.73 26.41 -13.65
N LEU K 158 32.05 26.28 -13.46
CA LEU K 158 33.06 26.94 -14.28
C LEU K 158 33.93 25.89 -14.97
N VAL K 159 33.69 25.68 -16.27
CA VAL K 159 34.44 24.72 -17.08
C VAL K 159 35.44 25.51 -17.94
N MET K 160 36.73 25.25 -17.73
CA MET K 160 37.82 25.93 -18.42
C MET K 160 38.60 25.01 -19.35
N LEU K 161 38.99 25.53 -20.52
CA LEU K 161 39.73 24.79 -21.53
C LEU K 161 41.09 25.44 -21.80
N GLU K 162 42.15 24.61 -21.83
CA GLU K 162 43.53 25.05 -22.08
C GLU K 162 43.76 25.11 -23.59
N THR K 163 43.99 26.33 -24.11
CA THR K 163 44.18 26.57 -25.55
C THR K 163 45.32 27.53 -25.88
N VAL K 164 45.82 27.42 -27.12
CA VAL K 164 46.85 28.28 -27.71
C VAL K 164 46.28 28.89 -29.01
N PRO K 165 45.63 30.08 -28.93
CA PRO K 165 45.02 30.68 -30.13
C PRO K 165 46.02 31.09 -31.20
N ARG K 166 45.82 30.58 -32.43
CA ARG K 166 46.68 30.86 -33.58
C ARG K 166 46.34 32.21 -34.23
N SER K 167 45.14 32.32 -34.86
CA SER K 167 44.68 33.54 -35.52
C SER K 167 43.16 33.78 -35.35
N GLY K 168 42.34 33.18 -36.21
CA GLY K 168 40.90 33.29 -36.18
C GLY K 168 40.21 31.97 -35.89
N GLU K 169 40.53 31.37 -34.73
CA GLU K 169 39.95 30.10 -34.29
C GLU K 169 38.64 30.33 -33.55
N VAL K 170 37.61 29.53 -33.88
CA VAL K 170 36.29 29.61 -33.26
C VAL K 170 36.15 28.52 -32.20
N TYR K 171 35.98 28.92 -30.93
CA TYR K 171 35.83 28.01 -29.79
C TYR K 171 34.38 28.04 -29.31
N THR K 172 33.68 26.90 -29.41
CA THR K 172 32.28 26.78 -29.02
C THR K 172 32.11 25.91 -27.78
N CYS K 173 31.30 26.39 -26.82
CA CYS K 173 30.99 25.70 -25.56
C CYS K 173 29.56 25.16 -25.61
N GLN K 174 29.42 23.82 -25.67
CA GLN K 174 28.13 23.14 -25.74
C GLN K 174 27.65 22.78 -24.32
N VAL K 175 26.43 23.23 -23.97
CA VAL K 175 25.82 22.99 -22.66
C VAL K 175 24.53 22.17 -22.80
N GLU K 176 24.52 20.96 -22.20
CA GLU K 176 23.38 20.05 -22.22
C GLU K 176 22.71 20.03 -20.83
N HIS K 177 21.42 20.40 -20.78
CA HIS K 177 20.63 20.48 -19.55
C HIS K 177 19.18 20.01 -19.81
N PRO K 178 18.51 19.30 -18.85
CA PRO K 178 17.14 18.83 -19.09
C PRO K 178 16.08 19.90 -19.38
N SER K 179 16.34 21.17 -18.96
CA SER K 179 15.43 22.30 -19.18
C SER K 179 15.35 22.71 -20.67
N VAL K 180 16.44 22.47 -21.44
CA VAL K 180 16.51 22.79 -22.87
C VAL K 180 16.43 21.55 -23.76
N THR K 181 15.63 21.64 -24.85
CA THR K 181 15.44 20.55 -25.81
C THR K 181 16.69 20.38 -26.69
N SER K 182 17.26 21.50 -27.14
CA SER K 182 18.48 21.55 -27.96
C SER K 182 19.64 22.13 -27.13
N PRO K 183 20.88 21.59 -27.24
CA PRO K 183 21.98 22.12 -26.42
C PRO K 183 22.40 23.55 -26.75
N LEU K 184 22.58 24.38 -25.71
CA LEU K 184 23.00 25.78 -25.83
C LEU K 184 24.46 25.88 -26.24
N THR K 185 24.74 26.67 -27.30
CA THR K 185 26.09 26.86 -27.83
C THR K 185 26.47 28.34 -27.90
N VAL K 186 27.59 28.70 -27.25
CA VAL K 186 28.12 30.07 -27.23
C VAL K 186 29.54 30.02 -27.83
N GLU K 187 29.76 30.76 -28.93
CA GLU K 187 31.05 30.79 -29.64
C GLU K 187 31.91 32.00 -29.28
N TRP K 188 33.25 31.80 -29.31
CA TRP K 188 34.26 32.82 -29.03
C TRP K 188 35.35 32.79 -30.11
N ARG K 189 35.59 33.94 -30.76
CA ARG K 189 36.59 34.08 -31.81
C ARG K 189 37.87 34.72 -31.29
N ALA K 190 39.03 34.15 -31.67
CA ALA K 190 40.35 34.63 -31.26
C ALA K 190 40.75 35.87 -32.05
N PRO L 1 -2.70 20.38 -0.79
CA PRO L 1 -1.47 19.61 -0.55
C PRO L 1 -0.76 20.06 0.74
N LYS L 2 -0.82 19.19 1.76
CA LYS L 2 -0.22 19.45 3.07
C LYS L 2 1.01 18.59 3.32
N TYR L 3 2.07 19.19 3.89
CA TYR L 3 3.31 18.50 4.24
C TYR L 3 3.10 17.78 5.57
N VAL L 4 3.47 16.49 5.63
CA VAL L 4 3.33 15.64 6.81
C VAL L 4 4.70 15.50 7.51
N LYS L 5 4.70 15.61 8.85
CA LYS L 5 5.89 15.48 9.68
C LYS L 5 5.86 14.16 10.47
N GLN L 6 7.03 13.72 10.95
CA GLN L 6 7.15 12.50 11.75
C GLN L 6 7.34 12.86 13.21
N ASN L 7 6.50 12.28 14.09
CA ASN L 7 6.52 12.52 15.54
C ASN L 7 7.78 11.96 16.18
N THR L 8 8.41 12.75 17.06
CA THR L 8 9.63 12.35 17.77
C THR L 8 9.29 11.47 18.96
N LEU L 9 10.06 10.39 19.16
CA LEU L 9 9.85 9.43 20.25
C LEU L 9 10.69 9.76 21.47
N LYS L 10 10.10 9.60 22.66
CA LYS L 10 10.78 9.85 23.93
C LYS L 10 11.70 8.66 24.24
N LEU L 11 12.93 8.95 24.70
CA LEU L 11 13.93 7.94 25.03
C LEU L 11 13.59 7.18 26.31
N ALA L 12 14.22 6.00 26.52
CA ALA L 12 14.01 5.14 27.69
C ALA L 12 14.57 5.79 28.96
N THR L 13 13.77 5.75 30.05
CA THR L 13 14.14 6.31 31.36
C THR L 13 14.12 5.24 32.45
C1 GOL M . -11.37 50.58 -31.13
O1 GOL M . -9.96 50.54 -31.29
C2 GOL M . -12.02 51.19 -32.35
O2 GOL M . -11.64 52.56 -32.48
C3 GOL M . -13.53 51.09 -32.26
O3 GOL M . -14.13 51.40 -33.51
#